data_2QGZ
# 
_entry.id   2QGZ 
# 
_audit_conform.dict_name       mmcif_pdbx.dic 
_audit_conform.dict_version    5.387 
_audit_conform.dict_location   http://mmcif.pdb.org/dictionaries/ascii/mmcif_pdbx.dic 
# 
loop_
_database_2.database_id 
_database_2.database_code 
_database_2.pdbx_database_accession 
_database_2.pdbx_DOI 
PDB   2QGZ         pdb_00002qgz 10.2210/pdb2qgz/pdb 
RCSB  RCSB043586   ?            ?                   
WWPDB D_1000043586 ?            ?                   
# 
loop_
_pdbx_audit_revision_history.ordinal 
_pdbx_audit_revision_history.data_content_type 
_pdbx_audit_revision_history.major_revision 
_pdbx_audit_revision_history.minor_revision 
_pdbx_audit_revision_history.revision_date 
1 'Structure model' 1 0 2007-07-24 
2 'Structure model' 1 1 2008-05-01 
3 'Structure model' 1 2 2011-07-13 
4 'Structure model' 1 3 2018-01-24 
5 'Structure model' 1 4 2024-02-21 
# 
_pdbx_audit_revision_details.ordinal             1 
_pdbx_audit_revision_details.revision_ordinal    1 
_pdbx_audit_revision_details.data_content_type   'Structure model' 
_pdbx_audit_revision_details.provider            repository 
_pdbx_audit_revision_details.type                'Initial release' 
_pdbx_audit_revision_details.description         ? 
_pdbx_audit_revision_details.details             ? 
# 
loop_
_pdbx_audit_revision_group.ordinal 
_pdbx_audit_revision_group.revision_ordinal 
_pdbx_audit_revision_group.data_content_type 
_pdbx_audit_revision_group.group 
1 2 'Structure model' 'Version format compliance' 
2 3 'Structure model' 'Version format compliance' 
3 4 'Structure model' 'Database references'       
4 4 'Structure model' 'Structure summary'         
5 5 'Structure model' 'Data collection'           
6 5 'Structure model' 'Database references'       
7 5 'Structure model' 'Derived calculations'      
# 
loop_
_pdbx_audit_revision_category.ordinal 
_pdbx_audit_revision_category.revision_ordinal 
_pdbx_audit_revision_category.data_content_type 
_pdbx_audit_revision_category.category 
1 4 'Structure model' audit_author       
2 4 'Structure model' citation_author    
3 5 'Structure model' chem_comp_atom     
4 5 'Structure model' chem_comp_bond     
5 5 'Structure model' database_2         
6 5 'Structure model' struct_ref_seq_dif 
7 5 'Structure model' struct_site        
# 
loop_
_pdbx_audit_revision_item.ordinal 
_pdbx_audit_revision_item.revision_ordinal 
_pdbx_audit_revision_item.data_content_type 
_pdbx_audit_revision_item.item 
1 4 'Structure model' '_audit_author.name'                  
2 4 'Structure model' '_citation_author.name'               
3 5 'Structure model' '_database_2.pdbx_DOI'                
4 5 'Structure model' '_database_2.pdbx_database_accession' 
5 5 'Structure model' '_struct_ref_seq_dif.details'         
6 5 'Structure model' '_struct_site.pdbx_auth_asym_id'      
7 5 'Structure model' '_struct_site.pdbx_auth_comp_id'      
8 5 'Structure model' '_struct_site.pdbx_auth_seq_id'       
# 
_pdbx_database_status.status_code                     REL 
_pdbx_database_status.entry_id                        2QGZ 
_pdbx_database_status.recvd_initial_deposition_date   2007-06-29 
_pdbx_database_status.deposit_site                    RCSB 
_pdbx_database_status.process_site                    RCSB 
_pdbx_database_status.status_code_sf                  REL 
_pdbx_database_status.status_code_mr                  ? 
_pdbx_database_status.SG_entry                        Y 
_pdbx_database_status.pdb_format_compatible           Y 
_pdbx_database_status.status_code_cs                  ? 
_pdbx_database_status.methods_development_category    ? 
_pdbx_database_status.status_code_nmr_data            ? 
# 
_pdbx_database_related.db_name        TargetDB 
_pdbx_database_related.db_id          DR58 
_pdbx_database_related.details        . 
_pdbx_database_related.content_type   unspecified 
# 
loop_
_audit_author.name 
_audit_author.pdbx_ordinal 
'Seetharaman, J.'                                 1  
'Chen, Y.'                                        2  
'Wang, D.'                                        3  
'Fang, Y.'                                        4  
'Cunningham, K.'                                  5  
'Ma, L.-C.'                                       6  
'Xia, R.'                                         7  
'Liu, J.'                                         8  
'Baran, M.C.'                                     9  
'Acton, T.B.'                                     10 
'Rost, B.'                                        11 
'Montelione, G.T.'                                12 
'Hunt, J.F.'                                      13 
'Tong, L.'                                        14 
'Northeast Structural Genomics Consortium (NESG)' 15 
# 
_citation.id                        primary 
_citation.title                     'Crystal structure of a putative primosome component from Streptococcus pyogenes serotype M3.' 
_citation.journal_abbrev            'To be Published' 
_citation.journal_volume            ? 
_citation.page_first                ? 
_citation.page_last                 ? 
_citation.year                      ? 
_citation.journal_id_ASTM           ? 
_citation.country                   ? 
_citation.journal_id_ISSN           ? 
_citation.journal_id_CSD            0353 
_citation.book_publisher            ? 
_citation.pdbx_database_id_PubMed   ? 
_citation.pdbx_database_id_DOI      ? 
# 
loop_
_citation_author.citation_id 
_citation_author.name 
_citation_author.ordinal 
_citation_author.identifier_ORCID 
primary 'Seetharaman, J.'  1  ? 
primary 'Chen, Y.'         2  ? 
primary 'Wang, D.'         3  ? 
primary 'Fang, Y.'         4  ? 
primary 'Cunningham, K.'   5  ? 
primary 'Ma, L.-C.'        6  ? 
primary 'Xia, R.'          7  ? 
primary 'Liu, J.'          8  ? 
primary 'Baran, M.C.'      9  ? 
primary 'Acton, T.B.'      10 ? 
primary 'Rost, B.'         11 ? 
primary 'Montelione, G.T.' 12 ? 
primary 'Hunt, J.F.'       13 ? 
primary 'Tong, L.'         14 ? 
# 
loop_
_entity.id 
_entity.type 
_entity.src_method 
_entity.pdbx_description 
_entity.formula_weight 
_entity.pdbx_number_of_molecules 
_entity.pdbx_ec 
_entity.pdbx_mutation 
_entity.pdbx_fragment 
_entity.details 
1 polymer     man 'Putative primosome component' 35256.910 1  ? ? ? ? 
2 non-polymer syn 'PHOSPHATE ION'                94.971    2  ? ? ? ? 
3 water       nat water                          18.015    92 ? ? ? ? 
# 
_entity_name_com.entity_id   1 
_entity_name_com.name        'Helicase loader' 
# 
_entity_poly.entity_id                      1 
_entity_poly.type                           'polypeptide(L)' 
_entity_poly.nstd_linkage                   no 
_entity_poly.nstd_monomer                   no 
_entity_poly.pdbx_seq_one_letter_code       
;MEKIGETMAKLGQNTRVNSDQLIQTILADPEVASFISQHHLSQEQINLSLSKFNQFLVERQKYQLKDPSYIAKGYQPILA
MNEGYADVSYLETKELVEAQKQAAISERIQLVSLPKSYRHIHLSDIDVNNASRMEAFSAILDFVEQYPSAEQKGLYLYGD
MGIGKSYLLAAMAHELSEKKGVSTTLLHFPSFAIDVKNAISNGSVKEEIDAVKNVPVLILDDIGAEQATSWVRDEVLQVI
LQYRMLEELPTFFTSNYSFADLERKWATIKGSDETWQAKRVMERVRYLAREFHLEGANRRLEHHHHHH
;
_entity_poly.pdbx_seq_one_letter_code_can   
;MEKIGETMAKLGQNTRVNSDQLIQTILADPEVASFISQHHLSQEQINLSLSKFNQFLVERQKYQLKDPSYIAKGYQPILA
MNEGYADVSYLETKELVEAQKQAAISERIQLVSLPKSYRHIHLSDIDVNNASRMEAFSAILDFVEQYPSAEQKGLYLYGD
MGIGKSYLLAAMAHELSEKKGVSTTLLHFPSFAIDVKNAISNGSVKEEIDAVKNVPVLILDDIGAEQATSWVRDEVLQVI
LQYRMLEELPTFFTSNYSFADLERKWATIKGSDETWQAKRVMERVRYLAREFHLEGANRRLEHHHHHH
;
_entity_poly.pdbx_strand_id                 A 
_entity_poly.pdbx_target_identifier         DR58 
# 
loop_
_pdbx_entity_nonpoly.entity_id 
_pdbx_entity_nonpoly.name 
_pdbx_entity_nonpoly.comp_id 
2 'PHOSPHATE ION' PO4 
3 water           HOH 
# 
loop_
_entity_poly_seq.entity_id 
_entity_poly_seq.num 
_entity_poly_seq.mon_id 
_entity_poly_seq.hetero 
1 1   MET n 
1 2   GLU n 
1 3   LYS n 
1 4   ILE n 
1 5   GLY n 
1 6   GLU n 
1 7   THR n 
1 8   MET n 
1 9   ALA n 
1 10  LYS n 
1 11  LEU n 
1 12  GLY n 
1 13  GLN n 
1 14  ASN n 
1 15  THR n 
1 16  ARG n 
1 17  VAL n 
1 18  ASN n 
1 19  SER n 
1 20  ASP n 
1 21  GLN n 
1 22  LEU n 
1 23  ILE n 
1 24  GLN n 
1 25  THR n 
1 26  ILE n 
1 27  LEU n 
1 28  ALA n 
1 29  ASP n 
1 30  PRO n 
1 31  GLU n 
1 32  VAL n 
1 33  ALA n 
1 34  SER n 
1 35  PHE n 
1 36  ILE n 
1 37  SER n 
1 38  GLN n 
1 39  HIS n 
1 40  HIS n 
1 41  LEU n 
1 42  SER n 
1 43  GLN n 
1 44  GLU n 
1 45  GLN n 
1 46  ILE n 
1 47  ASN n 
1 48  LEU n 
1 49  SER n 
1 50  LEU n 
1 51  SER n 
1 52  LYS n 
1 53  PHE n 
1 54  ASN n 
1 55  GLN n 
1 56  PHE n 
1 57  LEU n 
1 58  VAL n 
1 59  GLU n 
1 60  ARG n 
1 61  GLN n 
1 62  LYS n 
1 63  TYR n 
1 64  GLN n 
1 65  LEU n 
1 66  LYS n 
1 67  ASP n 
1 68  PRO n 
1 69  SER n 
1 70  TYR n 
1 71  ILE n 
1 72  ALA n 
1 73  LYS n 
1 74  GLY n 
1 75  TYR n 
1 76  GLN n 
1 77  PRO n 
1 78  ILE n 
1 79  LEU n 
1 80  ALA n 
1 81  MET n 
1 82  ASN n 
1 83  GLU n 
1 84  GLY n 
1 85  TYR n 
1 86  ALA n 
1 87  ASP n 
1 88  VAL n 
1 89  SER n 
1 90  TYR n 
1 91  LEU n 
1 92  GLU n 
1 93  THR n 
1 94  LYS n 
1 95  GLU n 
1 96  LEU n 
1 97  VAL n 
1 98  GLU n 
1 99  ALA n 
1 100 GLN n 
1 101 LYS n 
1 102 GLN n 
1 103 ALA n 
1 104 ALA n 
1 105 ILE n 
1 106 SER n 
1 107 GLU n 
1 108 ARG n 
1 109 ILE n 
1 110 GLN n 
1 111 LEU n 
1 112 VAL n 
1 113 SER n 
1 114 LEU n 
1 115 PRO n 
1 116 LYS n 
1 117 SER n 
1 118 TYR n 
1 119 ARG n 
1 120 HIS n 
1 121 ILE n 
1 122 HIS n 
1 123 LEU n 
1 124 SER n 
1 125 ASP n 
1 126 ILE n 
1 127 ASP n 
1 128 VAL n 
1 129 ASN n 
1 130 ASN n 
1 131 ALA n 
1 132 SER n 
1 133 ARG n 
1 134 MET n 
1 135 GLU n 
1 136 ALA n 
1 137 PHE n 
1 138 SER n 
1 139 ALA n 
1 140 ILE n 
1 141 LEU n 
1 142 ASP n 
1 143 PHE n 
1 144 VAL n 
1 145 GLU n 
1 146 GLN n 
1 147 TYR n 
1 148 PRO n 
1 149 SER n 
1 150 ALA n 
1 151 GLU n 
1 152 GLN n 
1 153 LYS n 
1 154 GLY n 
1 155 LEU n 
1 156 TYR n 
1 157 LEU n 
1 158 TYR n 
1 159 GLY n 
1 160 ASP n 
1 161 MET n 
1 162 GLY n 
1 163 ILE n 
1 164 GLY n 
1 165 LYS n 
1 166 SER n 
1 167 TYR n 
1 168 LEU n 
1 169 LEU n 
1 170 ALA n 
1 171 ALA n 
1 172 MET n 
1 173 ALA n 
1 174 HIS n 
1 175 GLU n 
1 176 LEU n 
1 177 SER n 
1 178 GLU n 
1 179 LYS n 
1 180 LYS n 
1 181 GLY n 
1 182 VAL n 
1 183 SER n 
1 184 THR n 
1 185 THR n 
1 186 LEU n 
1 187 LEU n 
1 188 HIS n 
1 189 PHE n 
1 190 PRO n 
1 191 SER n 
1 192 PHE n 
1 193 ALA n 
1 194 ILE n 
1 195 ASP n 
1 196 VAL n 
1 197 LYS n 
1 198 ASN n 
1 199 ALA n 
1 200 ILE n 
1 201 SER n 
1 202 ASN n 
1 203 GLY n 
1 204 SER n 
1 205 VAL n 
1 206 LYS n 
1 207 GLU n 
1 208 GLU n 
1 209 ILE n 
1 210 ASP n 
1 211 ALA n 
1 212 VAL n 
1 213 LYS n 
1 214 ASN n 
1 215 VAL n 
1 216 PRO n 
1 217 VAL n 
1 218 LEU n 
1 219 ILE n 
1 220 LEU n 
1 221 ASP n 
1 222 ASP n 
1 223 ILE n 
1 224 GLY n 
1 225 ALA n 
1 226 GLU n 
1 227 GLN n 
1 228 ALA n 
1 229 THR n 
1 230 SER n 
1 231 TRP n 
1 232 VAL n 
1 233 ARG n 
1 234 ASP n 
1 235 GLU n 
1 236 VAL n 
1 237 LEU n 
1 238 GLN n 
1 239 VAL n 
1 240 ILE n 
1 241 LEU n 
1 242 GLN n 
1 243 TYR n 
1 244 ARG n 
1 245 MET n 
1 246 LEU n 
1 247 GLU n 
1 248 GLU n 
1 249 LEU n 
1 250 PRO n 
1 251 THR n 
1 252 PHE n 
1 253 PHE n 
1 254 THR n 
1 255 SER n 
1 256 ASN n 
1 257 TYR n 
1 258 SER n 
1 259 PHE n 
1 260 ALA n 
1 261 ASP n 
1 262 LEU n 
1 263 GLU n 
1 264 ARG n 
1 265 LYS n 
1 266 TRP n 
1 267 ALA n 
1 268 THR n 
1 269 ILE n 
1 270 LYS n 
1 271 GLY n 
1 272 SER n 
1 273 ASP n 
1 274 GLU n 
1 275 THR n 
1 276 TRP n 
1 277 GLN n 
1 278 ALA n 
1 279 LYS n 
1 280 ARG n 
1 281 VAL n 
1 282 MET n 
1 283 GLU n 
1 284 ARG n 
1 285 VAL n 
1 286 ARG n 
1 287 TYR n 
1 288 LEU n 
1 289 ALA n 
1 290 ARG n 
1 291 GLU n 
1 292 PHE n 
1 293 HIS n 
1 294 LEU n 
1 295 GLU n 
1 296 GLY n 
1 297 ALA n 
1 298 ASN n 
1 299 ARG n 
1 300 ARG n 
1 301 LEU n 
1 302 GLU n 
1 303 HIS n 
1 304 HIS n 
1 305 HIS n 
1 306 HIS n 
1 307 HIS n 
1 308 HIS n 
# 
_entity_src_gen.entity_id                          1 
_entity_src_gen.pdbx_src_id                        1 
_entity_src_gen.pdbx_alt_source_flag               sample 
_entity_src_gen.pdbx_seq_type                      ? 
_entity_src_gen.pdbx_beg_seq_num                   ? 
_entity_src_gen.pdbx_end_seq_num                   ? 
_entity_src_gen.gene_src_common_name               ? 
_entity_src_gen.gene_src_genus                     Streptococcus 
_entity_src_gen.pdbx_gene_src_gene                 'dnaI, SPs1611, SpyM3_0248' 
_entity_src_gen.gene_src_species                   'Streptococcus pyogenes' 
_entity_src_gen.gene_src_strain                    'serotype M3' 
_entity_src_gen.gene_src_tissue                    ? 
_entity_src_gen.gene_src_tissue_fraction           ? 
_entity_src_gen.gene_src_details                   ? 
_entity_src_gen.pdbx_gene_src_fragment             ? 
_entity_src_gen.pdbx_gene_src_scientific_name      'Streptococcus pyogenes serotype M3' 
_entity_src_gen.pdbx_gene_src_ncbi_taxonomy_id     301448 
_entity_src_gen.pdbx_gene_src_variant              ? 
_entity_src_gen.pdbx_gene_src_cell_line            ? 
_entity_src_gen.pdbx_gene_src_atcc                 ? 
_entity_src_gen.pdbx_gene_src_organ                ? 
_entity_src_gen.pdbx_gene_src_organelle            ? 
_entity_src_gen.pdbx_gene_src_cell                 ? 
_entity_src_gen.pdbx_gene_src_cellular_location    ? 
_entity_src_gen.host_org_common_name               ? 
_entity_src_gen.pdbx_host_org_scientific_name      'Escherichia coli' 
_entity_src_gen.pdbx_host_org_ncbi_taxonomy_id     562 
_entity_src_gen.host_org_genus                     Escherichia 
_entity_src_gen.pdbx_host_org_gene                 ? 
_entity_src_gen.pdbx_host_org_organ                ? 
_entity_src_gen.host_org_species                   ? 
_entity_src_gen.pdbx_host_org_tissue               ? 
_entity_src_gen.pdbx_host_org_tissue_fraction      ? 
_entity_src_gen.pdbx_host_org_strain               ? 
_entity_src_gen.pdbx_host_org_variant              ? 
_entity_src_gen.pdbx_host_org_cell_line            ? 
_entity_src_gen.pdbx_host_org_atcc                 ? 
_entity_src_gen.pdbx_host_org_culture_collection   ? 
_entity_src_gen.pdbx_host_org_cell                 ? 
_entity_src_gen.pdbx_host_org_organelle            ? 
_entity_src_gen.pdbx_host_org_cellular_location    ? 
_entity_src_gen.pdbx_host_org_vector_type          ? 
_entity_src_gen.pdbx_host_org_vector               ? 
_entity_src_gen.host_org_details                   ? 
_entity_src_gen.expression_system_id               ? 
_entity_src_gen.plasmid_name                       ? 
_entity_src_gen.plasmid_details                    ? 
_entity_src_gen.pdbx_description                   ? 
# 
loop_
_chem_comp.id 
_chem_comp.type 
_chem_comp.mon_nstd_flag 
_chem_comp.name 
_chem_comp.pdbx_synonyms 
_chem_comp.formula 
_chem_comp.formula_weight 
ALA 'L-peptide linking' y ALANINE         ? 'C3 H7 N O2'     89.093  
ARG 'L-peptide linking' y ARGININE        ? 'C6 H15 N4 O2 1' 175.209 
ASN 'L-peptide linking' y ASPARAGINE      ? 'C4 H8 N2 O3'    132.118 
ASP 'L-peptide linking' y 'ASPARTIC ACID' ? 'C4 H7 N O4'     133.103 
GLN 'L-peptide linking' y GLUTAMINE       ? 'C5 H10 N2 O3'   146.144 
GLU 'L-peptide linking' y 'GLUTAMIC ACID' ? 'C5 H9 N O4'     147.129 
GLY 'peptide linking'   y GLYCINE         ? 'C2 H5 N O2'     75.067  
HIS 'L-peptide linking' y HISTIDINE       ? 'C6 H10 N3 O2 1' 156.162 
HOH non-polymer         . WATER           ? 'H2 O'           18.015  
ILE 'L-peptide linking' y ISOLEUCINE      ? 'C6 H13 N O2'    131.173 
LEU 'L-peptide linking' y LEUCINE         ? 'C6 H13 N O2'    131.173 
LYS 'L-peptide linking' y LYSINE          ? 'C6 H15 N2 O2 1' 147.195 
MET 'L-peptide linking' y METHIONINE      ? 'C5 H11 N O2 S'  149.211 
PHE 'L-peptide linking' y PHENYLALANINE   ? 'C9 H11 N O2'    165.189 
PO4 non-polymer         . 'PHOSPHATE ION' ? 'O4 P -3'        94.971  
PRO 'L-peptide linking' y PROLINE         ? 'C5 H9 N O2'     115.130 
SER 'L-peptide linking' y SERINE          ? 'C3 H7 N O3'     105.093 
THR 'L-peptide linking' y THREONINE       ? 'C4 H9 N O3'     119.119 
TRP 'L-peptide linking' y TRYPTOPHAN      ? 'C11 H12 N2 O2'  204.225 
TYR 'L-peptide linking' y TYROSINE        ? 'C9 H11 N O3'    181.189 
VAL 'L-peptide linking' y VALINE          ? 'C5 H11 N O2'    117.146 
# 
loop_
_pdbx_poly_seq_scheme.asym_id 
_pdbx_poly_seq_scheme.entity_id 
_pdbx_poly_seq_scheme.seq_id 
_pdbx_poly_seq_scheme.mon_id 
_pdbx_poly_seq_scheme.ndb_seq_num 
_pdbx_poly_seq_scheme.pdb_seq_num 
_pdbx_poly_seq_scheme.auth_seq_num 
_pdbx_poly_seq_scheme.pdb_mon_id 
_pdbx_poly_seq_scheme.auth_mon_id 
_pdbx_poly_seq_scheme.pdb_strand_id 
_pdbx_poly_seq_scheme.pdb_ins_code 
_pdbx_poly_seq_scheme.hetero 
A 1 1   MET 1   1   ?   ?   ?   A . n 
A 1 2   GLU 2   2   ?   ?   ?   A . n 
A 1 3   LYS 3   3   ?   ?   ?   A . n 
A 1 4   ILE 4   4   ?   ?   ?   A . n 
A 1 5   GLY 5   5   ?   ?   ?   A . n 
A 1 6   GLU 6   6   ?   ?   ?   A . n 
A 1 7   THR 7   7   ?   ?   ?   A . n 
A 1 8   MET 8   8   ?   ?   ?   A . n 
A 1 9   ALA 9   9   ?   ?   ?   A . n 
A 1 10  LYS 10  10  ?   ?   ?   A . n 
A 1 11  LEU 11  11  ?   ?   ?   A . n 
A 1 12  GLY 12  12  ?   ?   ?   A . n 
A 1 13  GLN 13  13  ?   ?   ?   A . n 
A 1 14  ASN 14  14  ?   ?   ?   A . n 
A 1 15  THR 15  15  ?   ?   ?   A . n 
A 1 16  ARG 16  16  ?   ?   ?   A . n 
A 1 17  VAL 17  17  ?   ?   ?   A . n 
A 1 18  ASN 18  18  ?   ?   ?   A . n 
A 1 19  SER 19  19  ?   ?   ?   A . n 
A 1 20  ASP 20  20  ?   ?   ?   A . n 
A 1 21  GLN 21  21  ?   ?   ?   A . n 
A 1 22  LEU 22  22  ?   ?   ?   A . n 
A 1 23  ILE 23  23  ?   ?   ?   A . n 
A 1 24  GLN 24  24  ?   ?   ?   A . n 
A 1 25  THR 25  25  ?   ?   ?   A . n 
A 1 26  ILE 26  26  ?   ?   ?   A . n 
A 1 27  LEU 27  27  ?   ?   ?   A . n 
A 1 28  ALA 28  28  ?   ?   ?   A . n 
A 1 29  ASP 29  29  ?   ?   ?   A . n 
A 1 30  PRO 30  30  ?   ?   ?   A . n 
A 1 31  GLU 31  31  ?   ?   ?   A . n 
A 1 32  VAL 32  32  ?   ?   ?   A . n 
A 1 33  ALA 33  33  ?   ?   ?   A . n 
A 1 34  SER 34  34  ?   ?   ?   A . n 
A 1 35  PHE 35  35  ?   ?   ?   A . n 
A 1 36  ILE 36  36  ?   ?   ?   A . n 
A 1 37  SER 37  37  ?   ?   ?   A . n 
A 1 38  GLN 38  38  ?   ?   ?   A . n 
A 1 39  HIS 39  39  ?   ?   ?   A . n 
A 1 40  HIS 40  40  ?   ?   ?   A . n 
A 1 41  LEU 41  41  ?   ?   ?   A . n 
A 1 42  SER 42  42  ?   ?   ?   A . n 
A 1 43  GLN 43  43  ?   ?   ?   A . n 
A 1 44  GLU 44  44  ?   ?   ?   A . n 
A 1 45  GLN 45  45  ?   ?   ?   A . n 
A 1 46  ILE 46  46  ?   ?   ?   A . n 
A 1 47  ASN 47  47  ?   ?   ?   A . n 
A 1 48  LEU 48  48  ?   ?   ?   A . n 
A 1 49  SER 49  49  ?   ?   ?   A . n 
A 1 50  LEU 50  50  ?   ?   ?   A . n 
A 1 51  SER 51  51  ?   ?   ?   A . n 
A 1 52  LYS 52  52  ?   ?   ?   A . n 
A 1 53  PHE 53  53  ?   ?   ?   A . n 
A 1 54  ASN 54  54  ?   ?   ?   A . n 
A 1 55  GLN 55  55  ?   ?   ?   A . n 
A 1 56  PHE 56  56  ?   ?   ?   A . n 
A 1 57  LEU 57  57  ?   ?   ?   A . n 
A 1 58  VAL 58  58  ?   ?   ?   A . n 
A 1 59  GLU 59  59  ?   ?   ?   A . n 
A 1 60  ARG 60  60  ?   ?   ?   A . n 
A 1 61  GLN 61  61  ?   ?   ?   A . n 
A 1 62  LYS 62  62  ?   ?   ?   A . n 
A 1 63  TYR 63  63  ?   ?   ?   A . n 
A 1 64  GLN 64  64  ?   ?   ?   A . n 
A 1 65  LEU 65  65  ?   ?   ?   A . n 
A 1 66  LYS 66  66  ?   ?   ?   A . n 
A 1 67  ASP 67  67  ?   ?   ?   A . n 
A 1 68  PRO 68  68  ?   ?   ?   A . n 
A 1 69  SER 69  69  ?   ?   ?   A . n 
A 1 70  TYR 70  70  ?   ?   ?   A . n 
A 1 71  ILE 71  71  ?   ?   ?   A . n 
A 1 72  ALA 72  72  ?   ?   ?   A . n 
A 1 73  LYS 73  73  ?   ?   ?   A . n 
A 1 74  GLY 74  74  ?   ?   ?   A . n 
A 1 75  TYR 75  75  ?   ?   ?   A . n 
A 1 76  GLN 76  76  ?   ?   ?   A . n 
A 1 77  PRO 77  77  ?   ?   ?   A . n 
A 1 78  ILE 78  78  ?   ?   ?   A . n 
A 1 79  LEU 79  79  ?   ?   ?   A . n 
A 1 80  ALA 80  80  ?   ?   ?   A . n 
A 1 81  MET 81  81  ?   ?   ?   A . n 
A 1 82  ASN 82  82  ?   ?   ?   A . n 
A 1 83  GLU 83  83  ?   ?   ?   A . n 
A 1 84  GLY 84  84  ?   ?   ?   A . n 
A 1 85  TYR 85  85  ?   ?   ?   A . n 
A 1 86  ALA 86  86  ?   ?   ?   A . n 
A 1 87  ASP 87  87  ?   ?   ?   A . n 
A 1 88  VAL 88  88  ?   ?   ?   A . n 
A 1 89  SER 89  89  ?   ?   ?   A . n 
A 1 90  TYR 90  90  ?   ?   ?   A . n 
A 1 91  LEU 91  91  ?   ?   ?   A . n 
A 1 92  GLU 92  92  ?   ?   ?   A . n 
A 1 93  THR 93  93  ?   ?   ?   A . n 
A 1 94  LYS 94  94  ?   ?   ?   A . n 
A 1 95  GLU 95  95  ?   ?   ?   A . n 
A 1 96  LEU 96  96  ?   ?   ?   A . n 
A 1 97  VAL 97  97  ?   ?   ?   A . n 
A 1 98  GLU 98  98  ?   ?   ?   A . n 
A 1 99  ALA 99  99  ?   ?   ?   A . n 
A 1 100 GLN 100 100 100 GLN GLN A . n 
A 1 101 LYS 101 101 101 LYS LYS A . n 
A 1 102 GLN 102 102 102 GLN GLN A . n 
A 1 103 ALA 103 103 103 ALA ALA A . n 
A 1 104 ALA 104 104 104 ALA ALA A . n 
A 1 105 ILE 105 105 105 ILE ILE A . n 
A 1 106 SER 106 106 106 SER SER A . n 
A 1 107 GLU 107 107 107 GLU GLU A . n 
A 1 108 ARG 108 108 108 ARG ARG A . n 
A 1 109 ILE 109 109 109 ILE ILE A . n 
A 1 110 GLN 110 110 110 GLN GLN A . n 
A 1 111 LEU 111 111 111 LEU LEU A . n 
A 1 112 VAL 112 112 112 VAL VAL A . n 
A 1 113 SER 113 113 113 SER SER A . n 
A 1 114 LEU 114 114 114 LEU LEU A . n 
A 1 115 PRO 115 115 115 PRO PRO A . n 
A 1 116 LYS 116 116 116 LYS LYS A . n 
A 1 117 SER 117 117 117 SER SER A . n 
A 1 118 TYR 118 118 118 TYR TYR A . n 
A 1 119 ARG 119 119 119 ARG ARG A . n 
A 1 120 HIS 120 120 120 HIS HIS A . n 
A 1 121 ILE 121 121 121 ILE ILE A . n 
A 1 122 HIS 122 122 122 HIS HIS A . n 
A 1 123 LEU 123 123 123 LEU LEU A . n 
A 1 124 SER 124 124 124 SER SER A . n 
A 1 125 ASP 125 125 125 ASP ASP A . n 
A 1 126 ILE 126 126 126 ILE ILE A . n 
A 1 127 ASP 127 127 127 ASP ASP A . n 
A 1 128 VAL 128 128 128 VAL VAL A . n 
A 1 129 ASN 129 129 129 ASN ASN A . n 
A 1 130 ASN 130 130 130 ASN ASN A . n 
A 1 131 ALA 131 131 131 ALA ALA A . n 
A 1 132 SER 132 132 132 SER SER A . n 
A 1 133 ARG 133 133 133 ARG ARG A . n 
A 1 134 MET 134 134 134 MET MET A . n 
A 1 135 GLU 135 135 135 GLU GLU A . n 
A 1 136 ALA 136 136 136 ALA ALA A . n 
A 1 137 PHE 137 137 137 PHE PHE A . n 
A 1 138 SER 138 138 138 SER SER A . n 
A 1 139 ALA 139 139 139 ALA ALA A . n 
A 1 140 ILE 140 140 140 ILE ILE A . n 
A 1 141 LEU 141 141 141 LEU LEU A . n 
A 1 142 ASP 142 142 142 ASP ASP A . n 
A 1 143 PHE 143 143 143 PHE PHE A . n 
A 1 144 VAL 144 144 144 VAL VAL A . n 
A 1 145 GLU 145 145 145 GLU GLU A . n 
A 1 146 GLN 146 146 146 GLN GLN A . n 
A 1 147 TYR 147 147 147 TYR TYR A . n 
A 1 148 PRO 148 148 148 PRO PRO A . n 
A 1 149 SER 149 149 149 SER SER A . n 
A 1 150 ALA 150 150 150 ALA ALA A . n 
A 1 151 GLU 151 151 151 GLU GLU A . n 
A 1 152 GLN 152 152 152 GLN GLN A . n 
A 1 153 LYS 153 153 153 LYS LYS A . n 
A 1 154 GLY 154 154 154 GLY GLY A . n 
A 1 155 LEU 155 155 155 LEU LEU A . n 
A 1 156 TYR 156 156 156 TYR TYR A . n 
A 1 157 LEU 157 157 157 LEU LEU A . n 
A 1 158 TYR 158 158 158 TYR TYR A . n 
A 1 159 GLY 159 159 159 GLY GLY A . n 
A 1 160 ASP 160 160 160 ASP ASP A . n 
A 1 161 MET 161 161 161 MET MET A . n 
A 1 162 GLY 162 162 162 GLY GLY A . n 
A 1 163 ILE 163 163 163 ILE ILE A . n 
A 1 164 GLY 164 164 164 GLY GLY A . n 
A 1 165 LYS 165 165 165 LYS LYS A . n 
A 1 166 SER 166 166 166 SER SER A . n 
A 1 167 TYR 167 167 167 TYR TYR A . n 
A 1 168 LEU 168 168 168 LEU LEU A . n 
A 1 169 LEU 169 169 169 LEU LEU A . n 
A 1 170 ALA 170 170 170 ALA ALA A . n 
A 1 171 ALA 171 171 171 ALA ALA A . n 
A 1 172 MET 172 172 172 MET MET A . n 
A 1 173 ALA 173 173 173 ALA ALA A . n 
A 1 174 HIS 174 174 174 HIS HIS A . n 
A 1 175 GLU 175 175 175 GLU GLU A . n 
A 1 176 LEU 176 176 176 LEU LEU A . n 
A 1 177 SER 177 177 177 SER SER A . n 
A 1 178 GLU 178 178 178 GLU GLU A . n 
A 1 179 LYS 179 179 179 LYS LYS A . n 
A 1 180 LYS 180 180 180 LYS LYS A . n 
A 1 181 GLY 181 181 181 GLY GLY A . n 
A 1 182 VAL 182 182 182 VAL VAL A . n 
A 1 183 SER 183 183 183 SER SER A . n 
A 1 184 THR 184 184 184 THR THR A . n 
A 1 185 THR 185 185 185 THR THR A . n 
A 1 186 LEU 186 186 186 LEU LEU A . n 
A 1 187 LEU 187 187 187 LEU LEU A . n 
A 1 188 HIS 188 188 188 HIS HIS A . n 
A 1 189 PHE 189 189 189 PHE PHE A . n 
A 1 190 PRO 190 190 190 PRO PRO A . n 
A 1 191 SER 191 191 191 SER SER A . n 
A 1 192 PHE 192 192 192 PHE PHE A . n 
A 1 193 ALA 193 193 193 ALA ALA A . n 
A 1 194 ILE 194 194 194 ILE ILE A . n 
A 1 195 ASP 195 195 195 ASP ASP A . n 
A 1 196 VAL 196 196 196 VAL VAL A . n 
A 1 197 LYS 197 197 197 LYS LYS A . n 
A 1 198 ASN 198 198 198 ASN ASN A . n 
A 1 199 ALA 199 199 199 ALA ALA A . n 
A 1 200 ILE 200 200 200 ILE ILE A . n 
A 1 201 SER 201 201 201 SER SER A . n 
A 1 202 ASN 202 202 ?   ?   ?   A . n 
A 1 203 GLY 203 203 ?   ?   ?   A . n 
A 1 204 SER 204 204 ?   ?   ?   A . n 
A 1 205 VAL 205 205 ?   ?   ?   A . n 
A 1 206 LYS 206 206 206 LYS LYS A . n 
A 1 207 GLU 207 207 207 GLU GLU A . n 
A 1 208 GLU 208 208 208 GLU GLU A . n 
A 1 209 ILE 209 209 209 ILE ILE A . n 
A 1 210 ASP 210 210 210 ASP ASP A . n 
A 1 211 ALA 211 211 211 ALA ALA A . n 
A 1 212 VAL 212 212 212 VAL VAL A . n 
A 1 213 LYS 213 213 213 LYS LYS A . n 
A 1 214 ASN 214 214 214 ASN ASN A . n 
A 1 215 VAL 215 215 215 VAL VAL A . n 
A 1 216 PRO 216 216 216 PRO PRO A . n 
A 1 217 VAL 217 217 217 VAL VAL A . n 
A 1 218 LEU 218 218 218 LEU LEU A . n 
A 1 219 ILE 219 219 219 ILE ILE A . n 
A 1 220 LEU 220 220 220 LEU LEU A . n 
A 1 221 ASP 221 221 221 ASP ASP A . n 
A 1 222 ASP 222 222 222 ASP ASP A . n 
A 1 223 ILE 223 223 223 ILE ILE A . n 
A 1 224 GLY 224 224 224 GLY GLY A . n 
A 1 225 ALA 225 225 225 ALA ALA A . n 
A 1 226 GLU 226 226 ?   ?   ?   A . n 
A 1 227 GLN 227 227 ?   ?   ?   A . n 
A 1 228 ALA 228 228 ?   ?   ?   A . n 
A 1 229 THR 229 229 ?   ?   ?   A . n 
A 1 230 SER 230 230 ?   ?   ?   A . n 
A 1 231 TRP 231 231 ?   ?   ?   A . n 
A 1 232 VAL 232 232 232 VAL VAL A . n 
A 1 233 ARG 233 233 233 ARG ARG A . n 
A 1 234 ASP 234 234 234 ASP ALA A . n 
A 1 235 GLU 235 235 235 GLU GLU A . n 
A 1 236 VAL 236 236 236 VAL VAL A . n 
A 1 237 LEU 237 237 237 LEU LEU A . n 
A 1 238 GLN 238 238 238 GLN GLN A . n 
A 1 239 VAL 239 239 239 VAL VAL A . n 
A 1 240 ILE 240 240 240 ILE ILE A . n 
A 1 241 LEU 241 241 241 LEU LEU A . n 
A 1 242 GLN 242 242 242 GLN GLN A . n 
A 1 243 TYR 243 243 243 TYR TYR A . n 
A 1 244 ARG 244 244 244 ARG ARG A . n 
A 1 245 MET 245 245 245 MET MET A . n 
A 1 246 LEU 246 246 246 LEU LEU A . n 
A 1 247 GLU 247 247 247 GLU GLU A . n 
A 1 248 GLU 248 248 248 GLU GLU A . n 
A 1 249 LEU 249 249 249 LEU LEU A . n 
A 1 250 PRO 250 250 250 PRO PRO A . n 
A 1 251 THR 251 251 251 THR THR A . n 
A 1 252 PHE 252 252 252 PHE PHE A . n 
A 1 253 PHE 253 253 253 PHE PHE A . n 
A 1 254 THR 254 254 254 THR THR A . n 
A 1 255 SER 255 255 255 SER SER A . n 
A 1 256 ASN 256 256 256 ASN ASN A . n 
A 1 257 TYR 257 257 257 TYR TYR A . n 
A 1 258 SER 258 258 258 SER SER A . n 
A 1 259 PHE 259 259 259 PHE PHE A . n 
A 1 260 ALA 260 260 260 ALA ALA A . n 
A 1 261 ASP 261 261 261 ASP ASP A . n 
A 1 262 LEU 262 262 262 LEU LEU A . n 
A 1 263 GLU 263 263 263 GLU GLU A . n 
A 1 264 ARG 264 264 264 ARG ARG A . n 
A 1 265 LYS 265 265 265 LYS LYS A . n 
A 1 266 TRP 266 266 266 TRP TRP A . n 
A 1 267 ALA 267 267 267 ALA ALA A . n 
A 1 268 THR 268 268 ?   ?   ?   A . n 
A 1 269 ILE 269 269 ?   ?   ?   A . n 
A 1 270 LYS 270 270 ?   ?   ?   A . n 
A 1 271 GLY 271 271 ?   ?   ?   A . n 
A 1 272 SER 272 272 ?   ?   ?   A . n 
A 1 273 ASP 273 273 ?   ?   ?   A . n 
A 1 274 GLU 274 274 ?   ?   ?   A . n 
A 1 275 THR 275 275 ?   ?   ?   A . n 
A 1 276 TRP 276 276 276 TRP TRP A . n 
A 1 277 GLN 277 277 277 GLN GLN A . n 
A 1 278 ALA 278 278 278 ALA ALA A . n 
A 1 279 LYS 279 279 279 LYS LYS A . n 
A 1 280 ARG 280 280 280 ARG ARG A . n 
A 1 281 VAL 281 281 281 VAL VAL A . n 
A 1 282 MET 282 282 282 MET MET A . n 
A 1 283 GLU 283 283 283 GLU GLU A . n 
A 1 284 ARG 284 284 284 ARG ARG A . n 
A 1 285 VAL 285 285 285 VAL VAL A . n 
A 1 286 ARG 286 286 286 ARG ARG A . n 
A 1 287 TYR 287 287 287 TYR TYR A . n 
A 1 288 LEU 288 288 288 LEU LEU A . n 
A 1 289 ALA 289 289 289 ALA ALA A . n 
A 1 290 ARG 290 290 290 ARG ARG A . n 
A 1 291 GLU 291 291 291 GLU GLU A . n 
A 1 292 PHE 292 292 292 PHE PHE A . n 
A 1 293 HIS 293 293 293 HIS HIS A . n 
A 1 294 LEU 294 294 294 LEU LEU A . n 
A 1 295 GLU 295 295 295 GLU GLU A . n 
A 1 296 GLY 296 296 296 GLY GLY A . n 
A 1 297 ALA 297 297 297 ALA ALA A . n 
A 1 298 ASN 298 298 298 ASN ASN A . n 
A 1 299 ARG 299 299 299 ARG ARG A . n 
A 1 300 ARG 300 300 300 ARG ARG A . n 
A 1 301 LEU 301 301 ?   ?   ?   A . n 
A 1 302 GLU 302 302 ?   ?   ?   A . n 
A 1 303 HIS 303 303 ?   ?   ?   A . n 
A 1 304 HIS 304 304 ?   ?   ?   A . n 
A 1 305 HIS 305 305 ?   ?   ?   A . n 
A 1 306 HIS 306 306 ?   ?   ?   A . n 
A 1 307 HIS 307 307 ?   ?   ?   A . n 
A 1 308 HIS 308 308 ?   ?   ?   A . n 
# 
loop_
_pdbx_nonpoly_scheme.asym_id 
_pdbx_nonpoly_scheme.entity_id 
_pdbx_nonpoly_scheme.mon_id 
_pdbx_nonpoly_scheme.ndb_seq_num 
_pdbx_nonpoly_scheme.pdb_seq_num 
_pdbx_nonpoly_scheme.auth_seq_num 
_pdbx_nonpoly_scheme.pdb_mon_id 
_pdbx_nonpoly_scheme.auth_mon_id 
_pdbx_nonpoly_scheme.pdb_strand_id 
_pdbx_nonpoly_scheme.pdb_ins_code 
B 2 PO4 1  401 1  PO4 PO4 A . 
C 2 PO4 1  402 2  PO4 PO4 A . 
D 3 HOH 1  403 1  HOH TIP A . 
D 3 HOH 2  404 2  HOH TIP A . 
D 3 HOH 3  405 3  HOH TIP A . 
D 3 HOH 4  406 4  HOH TIP A . 
D 3 HOH 5  407 5  HOH TIP A . 
D 3 HOH 6  408 6  HOH TIP A . 
D 3 HOH 7  409 7  HOH TIP A . 
D 3 HOH 8  410 8  HOH TIP A . 
D 3 HOH 9  411 9  HOH TIP A . 
D 3 HOH 10 412 10 HOH TIP A . 
D 3 HOH 11 413 11 HOH TIP A . 
D 3 HOH 12 414 12 HOH TIP A . 
D 3 HOH 13 415 13 HOH TIP A . 
D 3 HOH 14 416 14 HOH TIP A . 
D 3 HOH 15 417 15 HOH TIP A . 
D 3 HOH 16 418 16 HOH TIP A . 
D 3 HOH 17 419 17 HOH TIP A . 
D 3 HOH 18 420 18 HOH TIP A . 
D 3 HOH 19 421 19 HOH TIP A . 
D 3 HOH 20 422 20 HOH TIP A . 
D 3 HOH 21 423 21 HOH TIP A . 
D 3 HOH 22 424 22 HOH TIP A . 
D 3 HOH 23 425 23 HOH TIP A . 
D 3 HOH 24 426 24 HOH TIP A . 
D 3 HOH 25 427 25 HOH TIP A . 
D 3 HOH 26 428 26 HOH TIP A . 
D 3 HOH 27 429 27 HOH TIP A . 
D 3 HOH 28 430 28 HOH TIP A . 
D 3 HOH 29 431 29 HOH TIP A . 
D 3 HOH 30 432 30 HOH TIP A . 
D 3 HOH 31 433 31 HOH TIP A . 
D 3 HOH 32 434 32 HOH TIP A . 
D 3 HOH 33 435 33 HOH TIP A . 
D 3 HOH 34 436 34 HOH TIP A . 
D 3 HOH 35 437 35 HOH TIP A . 
D 3 HOH 36 438 36 HOH TIP A . 
D 3 HOH 37 439 37 HOH TIP A . 
D 3 HOH 38 440 38 HOH TIP A . 
D 3 HOH 39 441 39 HOH TIP A . 
D 3 HOH 40 442 40 HOH TIP A . 
D 3 HOH 41 443 41 HOH TIP A . 
D 3 HOH 42 444 42 HOH TIP A . 
D 3 HOH 43 445 43 HOH TIP A . 
D 3 HOH 44 446 44 HOH TIP A . 
D 3 HOH 45 447 45 HOH TIP A . 
D 3 HOH 46 448 46 HOH TIP A . 
D 3 HOH 47 449 47 HOH TIP A . 
D 3 HOH 48 450 48 HOH TIP A . 
D 3 HOH 49 451 49 HOH TIP A . 
D 3 HOH 50 452 50 HOH TIP A . 
D 3 HOH 51 453 51 HOH TIP A . 
D 3 HOH 52 454 52 HOH TIP A . 
D 3 HOH 53 455 53 HOH TIP A . 
D 3 HOH 54 456 54 HOH TIP A . 
D 3 HOH 55 457 55 HOH TIP A . 
D 3 HOH 56 458 56 HOH TIP A . 
D 3 HOH 57 459 57 HOH TIP A . 
D 3 HOH 58 460 58 HOH TIP A . 
D 3 HOH 59 461 59 HOH TIP A . 
D 3 HOH 60 462 60 HOH TIP A . 
D 3 HOH 61 463 61 HOH TIP A . 
D 3 HOH 62 464 62 HOH TIP A . 
D 3 HOH 63 465 63 HOH TIP A . 
D 3 HOH 64 466 64 HOH TIP A . 
D 3 HOH 65 467 65 HOH TIP A . 
D 3 HOH 66 468 66 HOH TIP A . 
D 3 HOH 67 469 67 HOH TIP A . 
D 3 HOH 68 470 68 HOH TIP A . 
D 3 HOH 69 471 69 HOH TIP A . 
D 3 HOH 70 472 70 HOH TIP A . 
D 3 HOH 71 473 71 HOH TIP A . 
D 3 HOH 72 474 72 HOH TIP A . 
D 3 HOH 73 475 73 HOH TIP A . 
D 3 HOH 74 476 74 HOH TIP A . 
D 3 HOH 75 477 75 HOH TIP A . 
D 3 HOH 76 478 76 HOH TIP A . 
D 3 HOH 77 479 77 HOH TIP A . 
D 3 HOH 78 480 78 HOH TIP A . 
D 3 HOH 79 481 79 HOH TIP A . 
D 3 HOH 80 482 80 HOH TIP A . 
D 3 HOH 81 483 81 HOH TIP A . 
D 3 HOH 82 484 82 HOH TIP A . 
D 3 HOH 83 485 83 HOH TIP A . 
D 3 HOH 84 486 84 HOH TIP A . 
D 3 HOH 85 487 85 HOH TIP A . 
D 3 HOH 86 488 86 HOH TIP A . 
D 3 HOH 87 489 87 HOH TIP A . 
D 3 HOH 88 490 88 HOH TIP A . 
D 3 HOH 89 491 89 HOH TIP A . 
D 3 HOH 90 492 90 HOH TIP A . 
D 3 HOH 91 493 91 HOH TIP A . 
D 3 HOH 92 494 92 HOH TIP A . 
# 
loop_
_pdbx_unobs_or_zero_occ_atoms.id 
_pdbx_unobs_or_zero_occ_atoms.PDB_model_num 
_pdbx_unobs_or_zero_occ_atoms.polymer_flag 
_pdbx_unobs_or_zero_occ_atoms.occupancy_flag 
_pdbx_unobs_or_zero_occ_atoms.auth_asym_id 
_pdbx_unobs_or_zero_occ_atoms.auth_comp_id 
_pdbx_unobs_or_zero_occ_atoms.auth_seq_id 
_pdbx_unobs_or_zero_occ_atoms.PDB_ins_code 
_pdbx_unobs_or_zero_occ_atoms.auth_atom_id 
_pdbx_unobs_or_zero_occ_atoms.label_alt_id 
_pdbx_unobs_or_zero_occ_atoms.label_asym_id 
_pdbx_unobs_or_zero_occ_atoms.label_comp_id 
_pdbx_unobs_or_zero_occ_atoms.label_seq_id 
_pdbx_unobs_or_zero_occ_atoms.label_atom_id 
1  1 Y 1 A SER 201 ? OG  ? A SER 201 OG  
2  1 Y 1 A LYS 206 ? CG  ? A LYS 206 CG  
3  1 Y 1 A LYS 206 ? CD  ? A LYS 206 CD  
4  1 Y 1 A LYS 206 ? CE  ? A LYS 206 CE  
5  1 Y 1 A LYS 206 ? NZ  ? A LYS 206 NZ  
6  1 Y 1 A VAL 232 ? CG1 ? A VAL 232 CG1 
7  1 Y 1 A VAL 232 ? CG2 ? A VAL 232 CG2 
8  1 Y 1 A ARG 233 ? CG  ? A ARG 233 CG  
9  1 Y 1 A ARG 233 ? CD  ? A ARG 233 CD  
10 1 Y 1 A ARG 233 ? NE  ? A ARG 233 NE  
11 1 Y 1 A ARG 233 ? CZ  ? A ARG 233 CZ  
12 1 Y 1 A ARG 233 ? NH1 ? A ARG 233 NH1 
13 1 Y 1 A ARG 233 ? NH2 ? A ARG 233 NH2 
14 1 Y 1 A ASP 234 ? CG  ? A ASP 234 CG  
15 1 Y 1 A ASP 234 ? OD1 ? A ASP 234 OD1 
16 1 Y 1 A ASP 234 ? OD2 ? A ASP 234 OD2 
17 1 Y 1 A GLU 235 ? CG  ? A GLU 235 CG  
18 1 Y 1 A GLU 235 ? CD  ? A GLU 235 CD  
19 1 Y 1 A GLU 235 ? OE1 ? A GLU 235 OE1 
20 1 Y 1 A GLU 235 ? OE2 ? A GLU 235 OE2 
21 1 Y 1 A ARG 264 ? CG  ? A ARG 264 CG  
22 1 Y 1 A ARG 264 ? CD  ? A ARG 264 CD  
23 1 Y 1 A ARG 264 ? NE  ? A ARG 264 NE  
24 1 Y 1 A ARG 264 ? CZ  ? A ARG 264 CZ  
25 1 Y 1 A ARG 264 ? NH1 ? A ARG 264 NH1 
26 1 Y 1 A ARG 264 ? NH2 ? A ARG 264 NH2 
27 1 Y 1 A LYS 265 ? CG  ? A LYS 265 CG  
28 1 Y 1 A LYS 265 ? CD  ? A LYS 265 CD  
29 1 Y 1 A LYS 265 ? CE  ? A LYS 265 CE  
30 1 Y 1 A LYS 265 ? NZ  ? A LYS 265 NZ  
31 1 Y 1 A TRP 276 ? CG  ? A TRP 276 CG  
32 1 Y 1 A TRP 276 ? CD1 ? A TRP 276 CD1 
33 1 Y 1 A TRP 276 ? CD2 ? A TRP 276 CD2 
34 1 Y 1 A TRP 276 ? NE1 ? A TRP 276 NE1 
35 1 Y 1 A TRP 276 ? CE2 ? A TRP 276 CE2 
36 1 Y 1 A TRP 276 ? CE3 ? A TRP 276 CE3 
37 1 Y 1 A TRP 276 ? CZ2 ? A TRP 276 CZ2 
38 1 Y 1 A TRP 276 ? CZ3 ? A TRP 276 CZ3 
39 1 Y 1 A TRP 276 ? CH2 ? A TRP 276 CH2 
40 1 Y 1 A GLN 277 ? CG  ? A GLN 277 CG  
41 1 Y 1 A GLN 277 ? CD  ? A GLN 277 CD  
42 1 Y 1 A GLN 277 ? OE1 ? A GLN 277 OE1 
43 1 Y 1 A GLN 277 ? NE2 ? A GLN 277 NE2 
44 1 Y 1 A LYS 279 ? CG  ? A LYS 279 CG  
45 1 Y 1 A LYS 279 ? CD  ? A LYS 279 CD  
46 1 Y 1 A LYS 279 ? CE  ? A LYS 279 CE  
47 1 Y 1 A LYS 279 ? NZ  ? A LYS 279 NZ  
48 1 Y 1 A GLU 283 ? CG  ? A GLU 283 CG  
49 1 Y 1 A GLU 283 ? CD  ? A GLU 283 CD  
50 1 Y 1 A GLU 283 ? OE1 ? A GLU 283 OE1 
51 1 Y 1 A GLU 283 ? OE2 ? A GLU 283 OE2 
# 
loop_
_software.name 
_software.classification 
_software.version 
_software.citation_id 
_software.pdbx_ordinal 
CNS      refinement        1.1 ? 1 
CBASS    'data collection' .   ? 2 
HKL-2000 'data reduction'  .   ? 3 
HKL-2000 'data scaling'    .   ? 4 
SHELXS   phasing           .   ? 5 
# 
_cell.entry_id           2QGZ 
_cell.length_a           76.169 
_cell.length_b           76.169 
_cell.length_c           119.660 
_cell.angle_alpha        90.00 
_cell.angle_beta         90.00 
_cell.angle_gamma        90.00 
_cell.Z_PDB              8 
_cell.pdbx_unique_axis   ? 
_cell.length_a_esd       ? 
_cell.length_b_esd       ? 
_cell.length_c_esd       ? 
_cell.angle_alpha_esd    ? 
_cell.angle_beta_esd     ? 
_cell.angle_gamma_esd    ? 
# 
_symmetry.entry_id                         2QGZ 
_symmetry.space_group_name_H-M             'P 41 21 2' 
_symmetry.pdbx_full_space_group_name_H-M   ? 
_symmetry.cell_setting                     ? 
_symmetry.Int_Tables_number                92 
_symmetry.space_group_name_Hall            ? 
# 
_exptl.entry_id          2QGZ 
_exptl.method            'X-RAY DIFFRACTION' 
_exptl.crystals_number   1 
# 
_exptl_crystal.id                    1 
_exptl_crystal.density_meas          ? 
_exptl_crystal.density_Matthews      2.46 
_exptl_crystal.density_percent_sol   50.02 
_exptl_crystal.description           'THE STRUCTURE FACTOR FILE CONTAINS FRIEDEL PAIRS' 
_exptl_crystal.F_000                 ? 
_exptl_crystal.preparation           ? 
# 
_exptl_crystal_grow.crystal_id      1 
_exptl_crystal_grow.method          'MICROBATCH UNDER OIL' 
_exptl_crystal_grow.temp            293 
_exptl_crystal_grow.temp_details    ? 
_exptl_crystal_grow.pH              ? 
_exptl_crystal_grow.pdbx_details    
'Ammonium phosphate dibasic, 0.1M Sodium citrate, 20% PEG 1000, MICROBATCH UNDER OIL, temperature 293K' 
_exptl_crystal_grow.pdbx_pH_range   . 
# 
_diffrn.id                     1 
_diffrn.ambient_temp           100 
_diffrn.ambient_temp_details   ? 
_diffrn.crystal_id             1 
# 
_diffrn_detector.diffrn_id              1 
_diffrn_detector.detector               CCD 
_diffrn_detector.type                   'ADSC QUANTUM 315' 
_diffrn_detector.pdbx_collection_date   2007-06-19 
_diffrn_detector.details                ? 
# 
_diffrn_radiation.diffrn_id                        1 
_diffrn_radiation.wavelength_id                    1 
_diffrn_radiation.pdbx_monochromatic_or_laue_m_l   M 
_diffrn_radiation.monochromator                    ? 
_diffrn_radiation.pdbx_diffrn_protocol             'SINGLE WAVELENGTH' 
_diffrn_radiation.pdbx_scattering_type             x-ray 
# 
_diffrn_radiation_wavelength.id           1 
_diffrn_radiation_wavelength.wavelength   0.97900 
_diffrn_radiation_wavelength.wt           1.0 
# 
_diffrn_source.diffrn_id                   1 
_diffrn_source.source                      SYNCHROTRON 
_diffrn_source.type                        'NSLS BEAMLINE X29A' 
_diffrn_source.pdbx_synchrotron_site       NSLS 
_diffrn_source.pdbx_synchrotron_beamline   X29A 
_diffrn_source.pdbx_wavelength             ? 
_diffrn_source.pdbx_wavelength_list        0.97900 
# 
_reflns.entry_id                     2QGZ 
_reflns.observed_criterion_sigma_I   0 
_reflns.observed_criterion_sigma_F   0 
_reflns.d_resolution_low             50 
_reflns.d_resolution_high            2.4 
_reflns.number_obs                   26035 
_reflns.number_all                   26035 
_reflns.percent_possible_obs         93.0 
_reflns.pdbx_Rmerge_I_obs            0.078 
_reflns.pdbx_Rsym_value              0.064 
_reflns.pdbx_netI_over_sigmaI        15.0 
_reflns.B_iso_Wilson_estimate        19.5 
_reflns.pdbx_redundancy              5.9 
_reflns.R_free_details               ? 
_reflns.limit_h_max                  ? 
_reflns.limit_h_min                  ? 
_reflns.limit_k_max                  ? 
_reflns.limit_k_min                  ? 
_reflns.limit_l_max                  ? 
_reflns.limit_l_min                  ? 
_reflns.observed_criterion_F_max     ? 
_reflns.observed_criterion_F_min     ? 
_reflns.pdbx_chi_squared             ? 
_reflns.pdbx_scaling_rejects         ? 
_reflns.pdbx_diffrn_id               1 
_reflns.pdbx_ordinal                 1 
# 
_reflns_shell.d_res_high             2.40 
_reflns_shell.d_res_low              2.48 
_reflns_shell.percent_possible_all   75.0 
_reflns_shell.Rmerge_I_obs           0.314 
_reflns_shell.pdbx_Rsym_value        0.30 
_reflns_shell.meanI_over_sigI_obs    11.5 
_reflns_shell.pdbx_redundancy        11 
_reflns_shell.percent_possible_obs   ? 
_reflns_shell.number_unique_all      2300 
_reflns_shell.number_measured_all    ? 
_reflns_shell.number_measured_obs    ? 
_reflns_shell.number_unique_obs      ? 
_reflns_shell.pdbx_chi_squared       ? 
_reflns_shell.pdbx_diffrn_id         ? 
_reflns_shell.pdbx_ordinal           1 
# 
_refine.entry_id                                 2QGZ 
_refine.ls_number_reflns_obs                     22401 
_refine.ls_number_reflns_all                     24281 
_refine.pdbx_ls_sigma_I                          ? 
_refine.pdbx_ls_sigma_F                          2.0 
_refine.pdbx_data_cutoff_high_absF               124296.49 
_refine.pdbx_data_cutoff_low_absF                0.000000 
_refine.pdbx_data_cutoff_high_rms_absF           ? 
_refine.ls_d_res_low                             32.05 
_refine.ls_d_res_high                            2.40 
_refine.ls_percent_reflns_obs                    85.1 
_refine.ls_R_factor_obs                          0.234 
_refine.ls_R_factor_all                          ? 
_refine.ls_R_factor_R_work                       0.234 
_refine.ls_R_factor_R_free                       0.254 
_refine.ls_R_factor_R_free_error                 0.009 
_refine.ls_R_factor_R_free_error_details         ? 
_refine.ls_percent_reflns_R_free                 4.9 
_refine.ls_number_reflns_R_free                  1098 
_refine.ls_number_parameters                     ? 
_refine.ls_number_restraints                     ? 
_refine.occupancy_min                            ? 
_refine.occupancy_max                            ? 
_refine.correlation_coeff_Fo_to_Fc               ? 
_refine.correlation_coeff_Fo_to_Fc_free          ? 
_refine.B_iso_mean                               48.3 
_refine.aniso_B[1][1]                            7.19 
_refine.aniso_B[2][2]                            7.19 
_refine.aniso_B[3][3]                            -14.38 
_refine.aniso_B[1][2]                            0.00 
_refine.aniso_B[1][3]                            0.00 
_refine.aniso_B[2][3]                            0.00 
_refine.solvent_model_details                    'FLAT MODEL' 
_refine.solvent_model_param_ksol                 0.306482 
_refine.solvent_model_param_bsol                 28.093 
_refine.pdbx_solvent_vdw_probe_radii             ? 
_refine.pdbx_solvent_ion_probe_radii             ? 
_refine.pdbx_solvent_shrinkage_radii             ? 
_refine.pdbx_ls_cross_valid_method               THROUGHOUT 
_refine.details                                  'THE FRIEDEL PAIRS WERE USED FOR PHASING' 
_refine.pdbx_starting_model                      ? 
_refine.pdbx_method_to_determine_struct          SAD 
_refine.pdbx_isotropic_thermal_model             RESTRAINED 
_refine.pdbx_stereochemistry_target_values       'Engh & Huber' 
_refine.pdbx_stereochem_target_val_spec_case     ? 
_refine.pdbx_R_Free_selection_details            RANDOM 
_refine.pdbx_overall_ESU_R                       ? 
_refine.pdbx_overall_ESU_R_Free                  ? 
_refine.overall_SU_ML                            ? 
_refine.overall_SU_B                             ? 
_refine.ls_redundancy_reflns_obs                 ? 
_refine.B_iso_min                                ? 
_refine.B_iso_max                                ? 
_refine.overall_SU_R_Cruickshank_DPI             ? 
_refine.overall_SU_R_free                        ? 
_refine.ls_wR_factor_R_free                      ? 
_refine.ls_wR_factor_R_work                      ? 
_refine.overall_FOM_free_R_set                   ? 
_refine.overall_FOM_work_R_set                   ? 
_refine.pdbx_refine_id                           'X-RAY DIFFRACTION' 
_refine.pdbx_diffrn_id                           1 
_refine.pdbx_TLS_residual_ADP_flag               ? 
_refine.pdbx_overall_phase_error                 ? 
_refine.pdbx_overall_SU_R_free_Cruickshank_DPI   ? 
_refine.pdbx_overall_SU_R_Blow_DPI               ? 
_refine.pdbx_overall_SU_R_free_Blow_DPI          ? 
# 
_refine_analyze.entry_id                        2QGZ 
_refine_analyze.Luzzati_coordinate_error_obs    0.39 
_refine_analyze.Luzzati_sigma_a_obs             0.37 
_refine_analyze.Luzzati_d_res_low_obs           5.00 
_refine_analyze.Luzzati_coordinate_error_free   0.41 
_refine_analyze.Luzzati_sigma_a_free            0.34 
_refine_analyze.Luzzati_d_res_low_free          ? 
_refine_analyze.number_disordered_residues      ? 
_refine_analyze.occupancy_sum_hydrogen          ? 
_refine_analyze.occupancy_sum_non_hydrogen      ? 
_refine_analyze.pdbx_Luzzati_d_res_high_obs     ? 
_refine_analyze.pdbx_refine_id                  'X-RAY DIFFRACTION' 
# 
_refine_hist.pdbx_refine_id                   'X-RAY DIFFRACTION' 
_refine_hist.cycle_id                         LAST 
_refine_hist.pdbx_number_atoms_protein        1429 
_refine_hist.pdbx_number_atoms_nucleic_acid   0 
_refine_hist.pdbx_number_atoms_ligand         10 
_refine_hist.number_atoms_solvent             92 
_refine_hist.number_atoms_total               1531 
_refine_hist.d_res_high                       2.40 
_refine_hist.d_res_low                        32.05 
# 
loop_
_refine_ls_restr.type 
_refine_ls_restr.dev_ideal 
_refine_ls_restr.dev_ideal_target 
_refine_ls_restr.weight 
_refine_ls_restr.number 
_refine_ls_restr.pdbx_refine_id 
_refine_ls_restr.pdbx_restraint_function 
c_bond_d                0.00659 ? ? ? 'X-RAY DIFFRACTION' ? 
c_bond_d_na             ?       ? ? ? 'X-RAY DIFFRACTION' ? 
c_bond_d_prot           ?       ? ? ? 'X-RAY DIFFRACTION' ? 
c_angle_d               ?       ? ? ? 'X-RAY DIFFRACTION' ? 
c_angle_d_na            ?       ? ? ? 'X-RAY DIFFRACTION' ? 
c_angle_d_prot          ?       ? ? ? 'X-RAY DIFFRACTION' ? 
c_angle_deg             1.52133 ? ? ? 'X-RAY DIFFRACTION' ? 
c_angle_deg_na          ?       ? ? ? 'X-RAY DIFFRACTION' ? 
c_angle_deg_prot        ?       ? ? ? 'X-RAY DIFFRACTION' ? 
c_dihedral_angle_d      22.7    ? ? ? 'X-RAY DIFFRACTION' ? 
c_dihedral_angle_d_na   ?       ? ? ? 'X-RAY DIFFRACTION' ? 
c_dihedral_angle_d_prot ?       ? ? ? 'X-RAY DIFFRACTION' ? 
c_improper_angle_d      0.86    ? ? ? 'X-RAY DIFFRACTION' ? 
c_improper_angle_d_na   ?       ? ? ? 'X-RAY DIFFRACTION' ? 
c_improper_angle_d_prot ?       ? ? ? 'X-RAY DIFFRACTION' ? 
c_mcbond_it             ?       ? ? ? 'X-RAY DIFFRACTION' ? 
c_mcangle_it            ?       ? ? ? 'X-RAY DIFFRACTION' ? 
c_scbond_it             ?       ? ? ? 'X-RAY DIFFRACTION' ? 
c_scangle_it            ?       ? ? ? 'X-RAY DIFFRACTION' ? 
# 
_refine_ls_shell.pdbx_total_number_of_bins_used   6 
_refine_ls_shell.d_res_high                       2.40 
_refine_ls_shell.d_res_low                        2.55 
_refine_ls_shell.number_reflns_R_work             2358 
_refine_ls_shell.R_factor_R_work                  0.33 
_refine_ls_shell.percent_reflns_obs               56.2 
_refine_ls_shell.R_factor_R_free                  0.352 
_refine_ls_shell.R_factor_R_free_error            0.034 
_refine_ls_shell.percent_reflns_R_free            4.3 
_refine_ls_shell.number_reflns_R_free             107 
_refine_ls_shell.number_reflns_all                ? 
_refine_ls_shell.R_factor_all                     ? 
_refine_ls_shell.number_reflns_obs                ? 
_refine_ls_shell.redundancy_reflns_obs            ? 
_refine_ls_shell.pdbx_refine_id                   'X-RAY DIFFRACTION' 
# 
loop_
_pdbx_xplor_file.serial_no 
_pdbx_xplor_file.param_file 
_pdbx_xplor_file.topol_file 
_pdbx_xplor_file.pdbx_refine_id 
1 protein_rep.param protein.top 'X-RAY DIFFRACTION' 
2 water_rep.param   water.top   'X-RAY DIFFRACTION' 
3 ion.param         ion.top     'X-RAY DIFFRACTION' 
# 
_struct.entry_id                  2QGZ 
_struct.title                     
;Crystal structure of a putative primosome component from Streptococcus pyogenes serotype M3. Northeast Structural Genomics target DR58
;
_struct.pdbx_model_details        ? 
_struct.pdbx_CASP_flag            ? 
_struct.pdbx_model_type_details   ? 
# 
_struct_keywords.entry_id        2QGZ 
_struct_keywords.pdbx_keywords   HYDROLASE 
_struct_keywords.text            
;Helicase loader, Structural Genomics, PSI-2, Protein Structure Initiative, Northeast Structural Genomics Consortium, NESG, HYDROLASE
;
# 
loop_
_struct_asym.id 
_struct_asym.pdbx_blank_PDB_chainid_flag 
_struct_asym.pdbx_modified 
_struct_asym.entity_id 
_struct_asym.details 
A N N 1 ? 
B N N 2 ? 
C N N 2 ? 
D N N 3 ? 
# 
_struct_ref.id                         1 
_struct_ref.db_name                    UNP 
_struct_ref.db_code                    Q7CFF8_STRP3 
_struct_ref.pdbx_db_accession          Q7CFF8 
_struct_ref.entity_id                  1 
_struct_ref.pdbx_seq_one_letter_code   
;MEKIGETMAKLGQNTRVNSDQLIQTILADPEVASFISQHHLSQEQINLSLSKFNQFLVERQKYQLKDPSYIAKGYQPILA
MNEGYADVSYLETKELVEAQKQAAISERIQLVSLPKSYRHIHLSDIDVNNASRMEAFSAILDFVEQYPSAEQKGLYLYGD
MGIGKSYLLAAMAHELSEKKGVSTTLLHFPSFAIDVKNAISNGSVKEEIDAVKNVPVLILDDIGAEQATSWVRDEVLQVI
LQYRMLEELPTFFTSNYSFADLERKWATIKGSDETWQAKRVMERVRYLAREFHLEGANRR
;
_struct_ref.pdbx_align_begin           1 
_struct_ref.pdbx_db_isoform            ? 
# 
_struct_ref_seq.align_id                      1 
_struct_ref_seq.ref_id                        1 
_struct_ref_seq.pdbx_PDB_id_code              2QGZ 
_struct_ref_seq.pdbx_strand_id                A 
_struct_ref_seq.seq_align_beg                 1 
_struct_ref_seq.pdbx_seq_align_beg_ins_code   ? 
_struct_ref_seq.seq_align_end                 300 
_struct_ref_seq.pdbx_seq_align_end_ins_code   ? 
_struct_ref_seq.pdbx_db_accession             Q7CFF8 
_struct_ref_seq.db_align_beg                  1 
_struct_ref_seq.pdbx_db_align_beg_ins_code    ? 
_struct_ref_seq.db_align_end                  300 
_struct_ref_seq.pdbx_db_align_end_ins_code    ? 
_struct_ref_seq.pdbx_auth_seq_align_beg       1 
_struct_ref_seq.pdbx_auth_seq_align_end       300 
# 
loop_
_struct_ref_seq_dif.align_id 
_struct_ref_seq_dif.pdbx_pdb_id_code 
_struct_ref_seq_dif.mon_id 
_struct_ref_seq_dif.pdbx_pdb_strand_id 
_struct_ref_seq_dif.seq_num 
_struct_ref_seq_dif.pdbx_pdb_ins_code 
_struct_ref_seq_dif.pdbx_seq_db_name 
_struct_ref_seq_dif.pdbx_seq_db_accession_code 
_struct_ref_seq_dif.db_mon_id 
_struct_ref_seq_dif.pdbx_seq_db_seq_num 
_struct_ref_seq_dif.details 
_struct_ref_seq_dif.pdbx_auth_seq_num 
_struct_ref_seq_dif.pdbx_ordinal 
1 2QGZ LEU A 301 ? UNP Q7CFF8 ? ? 'cloning artifact' 301 1 
1 2QGZ GLU A 302 ? UNP Q7CFF8 ? ? 'cloning artifact' 302 2 
1 2QGZ HIS A 303 ? UNP Q7CFF8 ? ? 'cloning artifact' 303 3 
1 2QGZ HIS A 304 ? UNP Q7CFF8 ? ? 'cloning artifact' 304 4 
1 2QGZ HIS A 305 ? UNP Q7CFF8 ? ? 'cloning artifact' 305 5 
1 2QGZ HIS A 306 ? UNP Q7CFF8 ? ? 'cloning artifact' 306 6 
1 2QGZ HIS A 307 ? UNP Q7CFF8 ? ? 'cloning artifact' 307 7 
1 2QGZ HIS A 308 ? UNP Q7CFF8 ? ? 'cloning artifact' 308 8 
# 
_pdbx_struct_assembly.id                   1 
_pdbx_struct_assembly.details              author_defined_assembly 
_pdbx_struct_assembly.method_details       ? 
_pdbx_struct_assembly.oligomeric_details   monomeric 
_pdbx_struct_assembly.oligomeric_count     1 
# 
_pdbx_struct_assembly_gen.assembly_id       1 
_pdbx_struct_assembly_gen.oper_expression   1 
_pdbx_struct_assembly_gen.asym_id_list      A,B,C,D 
# 
_pdbx_struct_oper_list.id                   1 
_pdbx_struct_oper_list.type                 'identity operation' 
_pdbx_struct_oper_list.name                 1_555 
_pdbx_struct_oper_list.symmetry_operation   x,y,z 
_pdbx_struct_oper_list.matrix[1][1]         1.0000000000 
_pdbx_struct_oper_list.matrix[1][2]         0.0000000000 
_pdbx_struct_oper_list.matrix[1][3]         0.0000000000 
_pdbx_struct_oper_list.vector[1]            0.0000000000 
_pdbx_struct_oper_list.matrix[2][1]         0.0000000000 
_pdbx_struct_oper_list.matrix[2][2]         1.0000000000 
_pdbx_struct_oper_list.matrix[2][3]         0.0000000000 
_pdbx_struct_oper_list.vector[2]            0.0000000000 
_pdbx_struct_oper_list.matrix[3][1]         0.0000000000 
_pdbx_struct_oper_list.matrix[3][2]         0.0000000000 
_pdbx_struct_oper_list.matrix[3][3]         1.0000000000 
_pdbx_struct_oper_list.vector[3]            0.0000000000 
# 
loop_
_struct_conf.conf_type_id 
_struct_conf.id 
_struct_conf.pdbx_PDB_helix_id 
_struct_conf.beg_label_comp_id 
_struct_conf.beg_label_asym_id 
_struct_conf.beg_label_seq_id 
_struct_conf.pdbx_beg_PDB_ins_code 
_struct_conf.end_label_comp_id 
_struct_conf.end_label_asym_id 
_struct_conf.end_label_seq_id 
_struct_conf.pdbx_end_PDB_ins_code 
_struct_conf.beg_auth_comp_id 
_struct_conf.beg_auth_asym_id 
_struct_conf.beg_auth_seq_id 
_struct_conf.end_auth_comp_id 
_struct_conf.end_auth_asym_id 
_struct_conf.end_auth_seq_id 
_struct_conf.pdbx_PDB_helix_class 
_struct_conf.details 
_struct_conf.pdbx_PDB_helix_length 
HELX_P HELX_P1  1  ALA A 103 ? ARG A 108 ? ALA A 103 ARG A 108 1 ? 6  
HELX_P HELX_P2  2  PRO A 115 ? HIS A 120 ? PRO A 115 HIS A 120 5 ? 6  
HELX_P HELX_P3  3  HIS A 122 ? ILE A 126 ? HIS A 122 ILE A 126 5 ? 5  
HELX_P HELX_P4  4  ASN A 130 ? TYR A 147 ? ASN A 130 TYR A 147 1 ? 18 
HELX_P HELX_P5  5  GLY A 164 ? LYS A 180 ? GLY A 164 LYS A 180 1 ? 17 
HELX_P HELX_P6  6  PHE A 189 ? ASN A 198 ? PHE A 189 ASN A 198 1 ? 10 
HELX_P HELX_P7  7  ILE A 209 ? ASN A 214 ? ILE A 209 ASN A 214 1 ? 6  
HELX_P HELX_P8  8  VAL A 236 ? GLU A 248 ? VAL A 236 GLU A 248 1 ? 13 
HELX_P HELX_P9  9  SER A 258 ? ARG A 264 ? SER A 258 ARG A 264 1 ? 7  
HELX_P HELX_P10 10 ARG A 280 ? LEU A 288 ? ARG A 280 LEU A 288 1 ? 9  
# 
_struct_conf_type.id          HELX_P 
_struct_conf_type.criteria    ? 
_struct_conf_type.reference   ? 
# 
_struct_mon_prot_cis.pdbx_id                1 
_struct_mon_prot_cis.label_comp_id          TYR 
_struct_mon_prot_cis.label_seq_id           147 
_struct_mon_prot_cis.label_asym_id          A 
_struct_mon_prot_cis.label_alt_id           . 
_struct_mon_prot_cis.pdbx_PDB_ins_code      ? 
_struct_mon_prot_cis.auth_comp_id           TYR 
_struct_mon_prot_cis.auth_seq_id            147 
_struct_mon_prot_cis.auth_asym_id           A 
_struct_mon_prot_cis.pdbx_label_comp_id_2   PRO 
_struct_mon_prot_cis.pdbx_label_seq_id_2    148 
_struct_mon_prot_cis.pdbx_label_asym_id_2   A 
_struct_mon_prot_cis.pdbx_PDB_ins_code_2    ? 
_struct_mon_prot_cis.pdbx_auth_comp_id_2    PRO 
_struct_mon_prot_cis.pdbx_auth_seq_id_2     148 
_struct_mon_prot_cis.pdbx_auth_asym_id_2    A 
_struct_mon_prot_cis.pdbx_PDB_model_num     1 
_struct_mon_prot_cis.pdbx_omega_angle       -0.23 
# 
_struct_sheet.id               A 
_struct_sheet.type             ? 
_struct_sheet.number_strands   6 
_struct_sheet.details          ? 
# 
loop_
_struct_sheet_order.sheet_id 
_struct_sheet_order.range_id_1 
_struct_sheet_order.range_id_2 
_struct_sheet_order.offset 
_struct_sheet_order.sense 
A 1 2 ? parallel 
A 2 3 ? parallel 
A 3 4 ? parallel 
A 4 5 ? parallel 
A 5 6 ? parallel 
# 
loop_
_struct_sheet_range.sheet_id 
_struct_sheet_range.id 
_struct_sheet_range.beg_label_comp_id 
_struct_sheet_range.beg_label_asym_id 
_struct_sheet_range.beg_label_seq_id 
_struct_sheet_range.pdbx_beg_PDB_ins_code 
_struct_sheet_range.end_label_comp_id 
_struct_sheet_range.end_label_asym_id 
_struct_sheet_range.end_label_seq_id 
_struct_sheet_range.pdbx_end_PDB_ins_code 
_struct_sheet_range.beg_auth_comp_id 
_struct_sheet_range.beg_auth_asym_id 
_struct_sheet_range.beg_auth_seq_id 
_struct_sheet_range.end_auth_comp_id 
_struct_sheet_range.end_auth_asym_id 
_struct_sheet_range.end_auth_seq_id 
A 1 ILE A 109 ? VAL A 112 ? ILE A 109 VAL A 112 
A 2 THR A 184 ? HIS A 188 ? THR A 184 HIS A 188 
A 3 VAL A 217 ? ASP A 221 ? VAL A 217 ASP A 221 
A 4 THR A 251 ? SER A 255 ? THR A 251 SER A 255 
A 5 GLY A 154 ? TYR A 158 ? GLY A 154 TYR A 158 
A 6 ALA A 289 ? HIS A 293 ? ALA A 289 HIS A 293 
# 
loop_
_pdbx_struct_sheet_hbond.sheet_id 
_pdbx_struct_sheet_hbond.range_id_1 
_pdbx_struct_sheet_hbond.range_id_2 
_pdbx_struct_sheet_hbond.range_1_label_atom_id 
_pdbx_struct_sheet_hbond.range_1_label_comp_id 
_pdbx_struct_sheet_hbond.range_1_label_asym_id 
_pdbx_struct_sheet_hbond.range_1_label_seq_id 
_pdbx_struct_sheet_hbond.range_1_PDB_ins_code 
_pdbx_struct_sheet_hbond.range_1_auth_atom_id 
_pdbx_struct_sheet_hbond.range_1_auth_comp_id 
_pdbx_struct_sheet_hbond.range_1_auth_asym_id 
_pdbx_struct_sheet_hbond.range_1_auth_seq_id 
_pdbx_struct_sheet_hbond.range_2_label_atom_id 
_pdbx_struct_sheet_hbond.range_2_label_comp_id 
_pdbx_struct_sheet_hbond.range_2_label_asym_id 
_pdbx_struct_sheet_hbond.range_2_label_seq_id 
_pdbx_struct_sheet_hbond.range_2_PDB_ins_code 
_pdbx_struct_sheet_hbond.range_2_auth_atom_id 
_pdbx_struct_sheet_hbond.range_2_auth_comp_id 
_pdbx_struct_sheet_hbond.range_2_auth_asym_id 
_pdbx_struct_sheet_hbond.range_2_auth_seq_id 
A 1 2 N GLN A 110 ? N GLN A 110 O LEU A 186 ? O LEU A 186 
A 2 3 N THR A 185 ? N THR A 185 O ILE A 219 ? O ILE A 219 
A 3 4 N LEU A 218 ? N LEU A 218 O PHE A 252 ? O PHE A 252 
A 4 5 O PHE A 253 ? O PHE A 253 N LEU A 157 ? N LEU A 157 
A 5 6 N TYR A 156 ? N TYR A 156 O ARG A 290 ? O ARG A 290 
# 
loop_
_struct_site.id 
_struct_site.pdbx_evidence_code 
_struct_site.pdbx_auth_asym_id 
_struct_site.pdbx_auth_comp_id 
_struct_site.pdbx_auth_seq_id 
_struct_site.pdbx_auth_ins_code 
_struct_site.pdbx_num_residues 
_struct_site.details 
AC1 Software A PO4 401 ? 5 'BINDING SITE FOR RESIDUE PO4 A 401' 
AC2 Software A PO4 402 ? 6 'BINDING SITE FOR RESIDUE PO4 A 402' 
# 
loop_
_struct_site_gen.id 
_struct_site_gen.site_id 
_struct_site_gen.pdbx_num_res 
_struct_site_gen.label_comp_id 
_struct_site_gen.label_asym_id 
_struct_site_gen.label_seq_id 
_struct_site_gen.pdbx_auth_ins_code 
_struct_site_gen.auth_comp_id 
_struct_site_gen.auth_asym_id 
_struct_site_gen.auth_seq_id 
_struct_site_gen.label_atom_id 
_struct_site_gen.label_alt_id 
_struct_site_gen.symmetry 
_struct_site_gen.details 
1  AC1 5 GLY A 162 ? GLY A 162 . ? 1_555 ? 
2  AC1 5 ILE A 163 ? ILE A 163 . ? 1_555 ? 
3  AC1 5 GLY A 164 ? GLY A 164 . ? 1_555 ? 
4  AC1 5 LYS A 165 ? LYS A 165 . ? 1_555 ? 
5  AC1 5 SER A 166 ? SER A 166 . ? 1_555 ? 
6  AC2 6 HIS A 122 ? HIS A 122 . ? 1_555 ? 
7  AC2 6 LEU A 123 ? LEU A 123 . ? 1_555 ? 
8  AC2 6 SER A 124 ? SER A 124 . ? 1_555 ? 
9  AC2 6 GLU A 247 ? GLU A 247 . ? 3_545 ? 
10 AC2 6 HOH D .   ? HOH A 441 . ? 1_555 ? 
11 AC2 6 HOH D .   ? HOH A 452 . ? 1_555 ? 
# 
loop_
_pdbx_validate_torsion.id 
_pdbx_validate_torsion.PDB_model_num 
_pdbx_validate_torsion.auth_comp_id 
_pdbx_validate_torsion.auth_asym_id 
_pdbx_validate_torsion.auth_seq_id 
_pdbx_validate_torsion.PDB_ins_code 
_pdbx_validate_torsion.label_alt_id 
_pdbx_validate_torsion.phi 
_pdbx_validate_torsion.psi 
1  1 LYS A 101 ? ? -70.48  45.64   
2  1 GLN A 102 ? ? -96.22  31.20   
3  1 ALA A 150 ? ? -46.84  -85.40  
4  1 GLN A 152 ? ? -32.86  120.67  
5  1 ALA A 199 ? ? -100.62 75.76   
6  1 GLU A 207 ? ? -66.65  5.67    
7  1 GLU A 208 ? ? -34.90  -72.01  
8  1 ASP A 222 ? ? 31.11   68.94   
9  1 ARG A 233 ? ? 34.98   -156.56 
10 1 GLN A 277 ? ? 53.14   -178.48 
11 1 LYS A 279 ? ? 72.92   -14.57  
# 
_pdbx_SG_project.id                    1 
_pdbx_SG_project.project_name          'PSI, Protein Structure Initiative' 
_pdbx_SG_project.full_name_of_center   'Northeast Structural Genomics Consortium' 
_pdbx_SG_project.initial_of_center     NESG 
# 
loop_
_pdbx_unobs_or_zero_occ_residues.id 
_pdbx_unobs_or_zero_occ_residues.PDB_model_num 
_pdbx_unobs_or_zero_occ_residues.polymer_flag 
_pdbx_unobs_or_zero_occ_residues.occupancy_flag 
_pdbx_unobs_or_zero_occ_residues.auth_asym_id 
_pdbx_unobs_or_zero_occ_residues.auth_comp_id 
_pdbx_unobs_or_zero_occ_residues.auth_seq_id 
_pdbx_unobs_or_zero_occ_residues.PDB_ins_code 
_pdbx_unobs_or_zero_occ_residues.label_asym_id 
_pdbx_unobs_or_zero_occ_residues.label_comp_id 
_pdbx_unobs_or_zero_occ_residues.label_seq_id 
1   1 Y 1 A MET 1   ? A MET 1   
2   1 Y 1 A GLU 2   ? A GLU 2   
3   1 Y 1 A LYS 3   ? A LYS 3   
4   1 Y 1 A ILE 4   ? A ILE 4   
5   1 Y 1 A GLY 5   ? A GLY 5   
6   1 Y 1 A GLU 6   ? A GLU 6   
7   1 Y 1 A THR 7   ? A THR 7   
8   1 Y 1 A MET 8   ? A MET 8   
9   1 Y 1 A ALA 9   ? A ALA 9   
10  1 Y 1 A LYS 10  ? A LYS 10  
11  1 Y 1 A LEU 11  ? A LEU 11  
12  1 Y 1 A GLY 12  ? A GLY 12  
13  1 Y 1 A GLN 13  ? A GLN 13  
14  1 Y 1 A ASN 14  ? A ASN 14  
15  1 Y 1 A THR 15  ? A THR 15  
16  1 Y 1 A ARG 16  ? A ARG 16  
17  1 Y 1 A VAL 17  ? A VAL 17  
18  1 Y 1 A ASN 18  ? A ASN 18  
19  1 Y 1 A SER 19  ? A SER 19  
20  1 Y 1 A ASP 20  ? A ASP 20  
21  1 Y 1 A GLN 21  ? A GLN 21  
22  1 Y 1 A LEU 22  ? A LEU 22  
23  1 Y 1 A ILE 23  ? A ILE 23  
24  1 Y 1 A GLN 24  ? A GLN 24  
25  1 Y 1 A THR 25  ? A THR 25  
26  1 Y 1 A ILE 26  ? A ILE 26  
27  1 Y 1 A LEU 27  ? A LEU 27  
28  1 Y 1 A ALA 28  ? A ALA 28  
29  1 Y 1 A ASP 29  ? A ASP 29  
30  1 Y 1 A PRO 30  ? A PRO 30  
31  1 Y 1 A GLU 31  ? A GLU 31  
32  1 Y 1 A VAL 32  ? A VAL 32  
33  1 Y 1 A ALA 33  ? A ALA 33  
34  1 Y 1 A SER 34  ? A SER 34  
35  1 Y 1 A PHE 35  ? A PHE 35  
36  1 Y 1 A ILE 36  ? A ILE 36  
37  1 Y 1 A SER 37  ? A SER 37  
38  1 Y 1 A GLN 38  ? A GLN 38  
39  1 Y 1 A HIS 39  ? A HIS 39  
40  1 Y 1 A HIS 40  ? A HIS 40  
41  1 Y 1 A LEU 41  ? A LEU 41  
42  1 Y 1 A SER 42  ? A SER 42  
43  1 Y 1 A GLN 43  ? A GLN 43  
44  1 Y 1 A GLU 44  ? A GLU 44  
45  1 Y 1 A GLN 45  ? A GLN 45  
46  1 Y 1 A ILE 46  ? A ILE 46  
47  1 Y 1 A ASN 47  ? A ASN 47  
48  1 Y 1 A LEU 48  ? A LEU 48  
49  1 Y 1 A SER 49  ? A SER 49  
50  1 Y 1 A LEU 50  ? A LEU 50  
51  1 Y 1 A SER 51  ? A SER 51  
52  1 Y 1 A LYS 52  ? A LYS 52  
53  1 Y 1 A PHE 53  ? A PHE 53  
54  1 Y 1 A ASN 54  ? A ASN 54  
55  1 Y 1 A GLN 55  ? A GLN 55  
56  1 Y 1 A PHE 56  ? A PHE 56  
57  1 Y 1 A LEU 57  ? A LEU 57  
58  1 Y 1 A VAL 58  ? A VAL 58  
59  1 Y 1 A GLU 59  ? A GLU 59  
60  1 Y 1 A ARG 60  ? A ARG 60  
61  1 Y 1 A GLN 61  ? A GLN 61  
62  1 Y 1 A LYS 62  ? A LYS 62  
63  1 Y 1 A TYR 63  ? A TYR 63  
64  1 Y 1 A GLN 64  ? A GLN 64  
65  1 Y 1 A LEU 65  ? A LEU 65  
66  1 Y 1 A LYS 66  ? A LYS 66  
67  1 Y 1 A ASP 67  ? A ASP 67  
68  1 Y 1 A PRO 68  ? A PRO 68  
69  1 Y 1 A SER 69  ? A SER 69  
70  1 Y 1 A TYR 70  ? A TYR 70  
71  1 Y 1 A ILE 71  ? A ILE 71  
72  1 Y 1 A ALA 72  ? A ALA 72  
73  1 Y 1 A LYS 73  ? A LYS 73  
74  1 Y 1 A GLY 74  ? A GLY 74  
75  1 Y 1 A TYR 75  ? A TYR 75  
76  1 Y 1 A GLN 76  ? A GLN 76  
77  1 Y 1 A PRO 77  ? A PRO 77  
78  1 Y 1 A ILE 78  ? A ILE 78  
79  1 Y 1 A LEU 79  ? A LEU 79  
80  1 Y 1 A ALA 80  ? A ALA 80  
81  1 Y 1 A MET 81  ? A MET 81  
82  1 Y 1 A ASN 82  ? A ASN 82  
83  1 Y 1 A GLU 83  ? A GLU 83  
84  1 Y 1 A GLY 84  ? A GLY 84  
85  1 Y 1 A TYR 85  ? A TYR 85  
86  1 Y 1 A ALA 86  ? A ALA 86  
87  1 Y 1 A ASP 87  ? A ASP 87  
88  1 Y 1 A VAL 88  ? A VAL 88  
89  1 Y 1 A SER 89  ? A SER 89  
90  1 Y 1 A TYR 90  ? A TYR 90  
91  1 Y 1 A LEU 91  ? A LEU 91  
92  1 Y 1 A GLU 92  ? A GLU 92  
93  1 Y 1 A THR 93  ? A THR 93  
94  1 Y 1 A LYS 94  ? A LYS 94  
95  1 Y 1 A GLU 95  ? A GLU 95  
96  1 Y 1 A LEU 96  ? A LEU 96  
97  1 Y 1 A VAL 97  ? A VAL 97  
98  1 Y 1 A GLU 98  ? A GLU 98  
99  1 Y 1 A ALA 99  ? A ALA 99  
100 1 Y 1 A ASN 202 ? A ASN 202 
101 1 Y 1 A GLY 203 ? A GLY 203 
102 1 Y 1 A SER 204 ? A SER 204 
103 1 Y 1 A VAL 205 ? A VAL 205 
104 1 Y 1 A GLU 226 ? A GLU 226 
105 1 Y 1 A GLN 227 ? A GLN 227 
106 1 Y 1 A ALA 228 ? A ALA 228 
107 1 Y 1 A THR 229 ? A THR 229 
108 1 Y 1 A SER 230 ? A SER 230 
109 1 Y 1 A TRP 231 ? A TRP 231 
110 1 Y 1 A THR 268 ? A THR 268 
111 1 Y 1 A ILE 269 ? A ILE 269 
112 1 Y 1 A LYS 270 ? A LYS 270 
113 1 Y 1 A GLY 271 ? A GLY 271 
114 1 Y 1 A SER 272 ? A SER 272 
115 1 Y 1 A ASP 273 ? A ASP 273 
116 1 Y 1 A GLU 274 ? A GLU 274 
117 1 Y 1 A THR 275 ? A THR 275 
118 1 Y 1 A LEU 301 ? A LEU 301 
119 1 Y 1 A GLU 302 ? A GLU 302 
120 1 Y 1 A HIS 303 ? A HIS 303 
121 1 Y 1 A HIS 304 ? A HIS 304 
122 1 Y 1 A HIS 305 ? A HIS 305 
123 1 Y 1 A HIS 306 ? A HIS 306 
124 1 Y 1 A HIS 307 ? A HIS 307 
125 1 Y 1 A HIS 308 ? A HIS 308 
# 
loop_
_chem_comp_atom.comp_id 
_chem_comp_atom.atom_id 
_chem_comp_atom.type_symbol 
_chem_comp_atom.pdbx_aromatic_flag 
_chem_comp_atom.pdbx_stereo_config 
_chem_comp_atom.pdbx_ordinal 
ALA N    N N N 1   
ALA CA   C N S 2   
ALA C    C N N 3   
ALA O    O N N 4   
ALA CB   C N N 5   
ALA OXT  O N N 6   
ALA H    H N N 7   
ALA H2   H N N 8   
ALA HA   H N N 9   
ALA HB1  H N N 10  
ALA HB2  H N N 11  
ALA HB3  H N N 12  
ALA HXT  H N N 13  
ARG N    N N N 14  
ARG CA   C N S 15  
ARG C    C N N 16  
ARG O    O N N 17  
ARG CB   C N N 18  
ARG CG   C N N 19  
ARG CD   C N N 20  
ARG NE   N N N 21  
ARG CZ   C N N 22  
ARG NH1  N N N 23  
ARG NH2  N N N 24  
ARG OXT  O N N 25  
ARG H    H N N 26  
ARG H2   H N N 27  
ARG HA   H N N 28  
ARG HB2  H N N 29  
ARG HB3  H N N 30  
ARG HG2  H N N 31  
ARG HG3  H N N 32  
ARG HD2  H N N 33  
ARG HD3  H N N 34  
ARG HE   H N N 35  
ARG HH11 H N N 36  
ARG HH12 H N N 37  
ARG HH21 H N N 38  
ARG HH22 H N N 39  
ARG HXT  H N N 40  
ASN N    N N N 41  
ASN CA   C N S 42  
ASN C    C N N 43  
ASN O    O N N 44  
ASN CB   C N N 45  
ASN CG   C N N 46  
ASN OD1  O N N 47  
ASN ND2  N N N 48  
ASN OXT  O N N 49  
ASN H    H N N 50  
ASN H2   H N N 51  
ASN HA   H N N 52  
ASN HB2  H N N 53  
ASN HB3  H N N 54  
ASN HD21 H N N 55  
ASN HD22 H N N 56  
ASN HXT  H N N 57  
ASP N    N N N 58  
ASP CA   C N S 59  
ASP C    C N N 60  
ASP O    O N N 61  
ASP CB   C N N 62  
ASP CG   C N N 63  
ASP OD1  O N N 64  
ASP OD2  O N N 65  
ASP OXT  O N N 66  
ASP H    H N N 67  
ASP H2   H N N 68  
ASP HA   H N N 69  
ASP HB2  H N N 70  
ASP HB3  H N N 71  
ASP HD2  H N N 72  
ASP HXT  H N N 73  
GLN N    N N N 74  
GLN CA   C N S 75  
GLN C    C N N 76  
GLN O    O N N 77  
GLN CB   C N N 78  
GLN CG   C N N 79  
GLN CD   C N N 80  
GLN OE1  O N N 81  
GLN NE2  N N N 82  
GLN OXT  O N N 83  
GLN H    H N N 84  
GLN H2   H N N 85  
GLN HA   H N N 86  
GLN HB2  H N N 87  
GLN HB3  H N N 88  
GLN HG2  H N N 89  
GLN HG3  H N N 90  
GLN HE21 H N N 91  
GLN HE22 H N N 92  
GLN HXT  H N N 93  
GLU N    N N N 94  
GLU CA   C N S 95  
GLU C    C N N 96  
GLU O    O N N 97  
GLU CB   C N N 98  
GLU CG   C N N 99  
GLU CD   C N N 100 
GLU OE1  O N N 101 
GLU OE2  O N N 102 
GLU OXT  O N N 103 
GLU H    H N N 104 
GLU H2   H N N 105 
GLU HA   H N N 106 
GLU HB2  H N N 107 
GLU HB3  H N N 108 
GLU HG2  H N N 109 
GLU HG3  H N N 110 
GLU HE2  H N N 111 
GLU HXT  H N N 112 
GLY N    N N N 113 
GLY CA   C N N 114 
GLY C    C N N 115 
GLY O    O N N 116 
GLY OXT  O N N 117 
GLY H    H N N 118 
GLY H2   H N N 119 
GLY HA2  H N N 120 
GLY HA3  H N N 121 
GLY HXT  H N N 122 
HIS N    N N N 123 
HIS CA   C N S 124 
HIS C    C N N 125 
HIS O    O N N 126 
HIS CB   C N N 127 
HIS CG   C Y N 128 
HIS ND1  N Y N 129 
HIS CD2  C Y N 130 
HIS CE1  C Y N 131 
HIS NE2  N Y N 132 
HIS OXT  O N N 133 
HIS H    H N N 134 
HIS H2   H N N 135 
HIS HA   H N N 136 
HIS HB2  H N N 137 
HIS HB3  H N N 138 
HIS HD1  H N N 139 
HIS HD2  H N N 140 
HIS HE1  H N N 141 
HIS HE2  H N N 142 
HIS HXT  H N N 143 
HOH O    O N N 144 
HOH H1   H N N 145 
HOH H2   H N N 146 
ILE N    N N N 147 
ILE CA   C N S 148 
ILE C    C N N 149 
ILE O    O N N 150 
ILE CB   C N S 151 
ILE CG1  C N N 152 
ILE CG2  C N N 153 
ILE CD1  C N N 154 
ILE OXT  O N N 155 
ILE H    H N N 156 
ILE H2   H N N 157 
ILE HA   H N N 158 
ILE HB   H N N 159 
ILE HG12 H N N 160 
ILE HG13 H N N 161 
ILE HG21 H N N 162 
ILE HG22 H N N 163 
ILE HG23 H N N 164 
ILE HD11 H N N 165 
ILE HD12 H N N 166 
ILE HD13 H N N 167 
ILE HXT  H N N 168 
LEU N    N N N 169 
LEU CA   C N S 170 
LEU C    C N N 171 
LEU O    O N N 172 
LEU CB   C N N 173 
LEU CG   C N N 174 
LEU CD1  C N N 175 
LEU CD2  C N N 176 
LEU OXT  O N N 177 
LEU H    H N N 178 
LEU H2   H N N 179 
LEU HA   H N N 180 
LEU HB2  H N N 181 
LEU HB3  H N N 182 
LEU HG   H N N 183 
LEU HD11 H N N 184 
LEU HD12 H N N 185 
LEU HD13 H N N 186 
LEU HD21 H N N 187 
LEU HD22 H N N 188 
LEU HD23 H N N 189 
LEU HXT  H N N 190 
LYS N    N N N 191 
LYS CA   C N S 192 
LYS C    C N N 193 
LYS O    O N N 194 
LYS CB   C N N 195 
LYS CG   C N N 196 
LYS CD   C N N 197 
LYS CE   C N N 198 
LYS NZ   N N N 199 
LYS OXT  O N N 200 
LYS H    H N N 201 
LYS H2   H N N 202 
LYS HA   H N N 203 
LYS HB2  H N N 204 
LYS HB3  H N N 205 
LYS HG2  H N N 206 
LYS HG3  H N N 207 
LYS HD2  H N N 208 
LYS HD3  H N N 209 
LYS HE2  H N N 210 
LYS HE3  H N N 211 
LYS HZ1  H N N 212 
LYS HZ2  H N N 213 
LYS HZ3  H N N 214 
LYS HXT  H N N 215 
MET N    N N N 216 
MET CA   C N S 217 
MET C    C N N 218 
MET O    O N N 219 
MET CB   C N N 220 
MET CG   C N N 221 
MET SD   S N N 222 
MET CE   C N N 223 
MET OXT  O N N 224 
MET H    H N N 225 
MET H2   H N N 226 
MET HA   H N N 227 
MET HB2  H N N 228 
MET HB3  H N N 229 
MET HG2  H N N 230 
MET HG3  H N N 231 
MET HE1  H N N 232 
MET HE2  H N N 233 
MET HE3  H N N 234 
MET HXT  H N N 235 
PHE N    N N N 236 
PHE CA   C N S 237 
PHE C    C N N 238 
PHE O    O N N 239 
PHE CB   C N N 240 
PHE CG   C Y N 241 
PHE CD1  C Y N 242 
PHE CD2  C Y N 243 
PHE CE1  C Y N 244 
PHE CE2  C Y N 245 
PHE CZ   C Y N 246 
PHE OXT  O N N 247 
PHE H    H N N 248 
PHE H2   H N N 249 
PHE HA   H N N 250 
PHE HB2  H N N 251 
PHE HB3  H N N 252 
PHE HD1  H N N 253 
PHE HD2  H N N 254 
PHE HE1  H N N 255 
PHE HE2  H N N 256 
PHE HZ   H N N 257 
PHE HXT  H N N 258 
PO4 P    P N N 259 
PO4 O1   O N N 260 
PO4 O2   O N N 261 
PO4 O3   O N N 262 
PO4 O4   O N N 263 
PRO N    N N N 264 
PRO CA   C N S 265 
PRO C    C N N 266 
PRO O    O N N 267 
PRO CB   C N N 268 
PRO CG   C N N 269 
PRO CD   C N N 270 
PRO OXT  O N N 271 
PRO H    H N N 272 
PRO HA   H N N 273 
PRO HB2  H N N 274 
PRO HB3  H N N 275 
PRO HG2  H N N 276 
PRO HG3  H N N 277 
PRO HD2  H N N 278 
PRO HD3  H N N 279 
PRO HXT  H N N 280 
SER N    N N N 281 
SER CA   C N S 282 
SER C    C N N 283 
SER O    O N N 284 
SER CB   C N N 285 
SER OG   O N N 286 
SER OXT  O N N 287 
SER H    H N N 288 
SER H2   H N N 289 
SER HA   H N N 290 
SER HB2  H N N 291 
SER HB3  H N N 292 
SER HG   H N N 293 
SER HXT  H N N 294 
THR N    N N N 295 
THR CA   C N S 296 
THR C    C N N 297 
THR O    O N N 298 
THR CB   C N R 299 
THR OG1  O N N 300 
THR CG2  C N N 301 
THR OXT  O N N 302 
THR H    H N N 303 
THR H2   H N N 304 
THR HA   H N N 305 
THR HB   H N N 306 
THR HG1  H N N 307 
THR HG21 H N N 308 
THR HG22 H N N 309 
THR HG23 H N N 310 
THR HXT  H N N 311 
TRP N    N N N 312 
TRP CA   C N S 313 
TRP C    C N N 314 
TRP O    O N N 315 
TRP CB   C N N 316 
TRP CG   C Y N 317 
TRP CD1  C Y N 318 
TRP CD2  C Y N 319 
TRP NE1  N Y N 320 
TRP CE2  C Y N 321 
TRP CE3  C Y N 322 
TRP CZ2  C Y N 323 
TRP CZ3  C Y N 324 
TRP CH2  C Y N 325 
TRP OXT  O N N 326 
TRP H    H N N 327 
TRP H2   H N N 328 
TRP HA   H N N 329 
TRP HB2  H N N 330 
TRP HB3  H N N 331 
TRP HD1  H N N 332 
TRP HE1  H N N 333 
TRP HE3  H N N 334 
TRP HZ2  H N N 335 
TRP HZ3  H N N 336 
TRP HH2  H N N 337 
TRP HXT  H N N 338 
TYR N    N N N 339 
TYR CA   C N S 340 
TYR C    C N N 341 
TYR O    O N N 342 
TYR CB   C N N 343 
TYR CG   C Y N 344 
TYR CD1  C Y N 345 
TYR CD2  C Y N 346 
TYR CE1  C Y N 347 
TYR CE2  C Y N 348 
TYR CZ   C Y N 349 
TYR OH   O N N 350 
TYR OXT  O N N 351 
TYR H    H N N 352 
TYR H2   H N N 353 
TYR HA   H N N 354 
TYR HB2  H N N 355 
TYR HB3  H N N 356 
TYR HD1  H N N 357 
TYR HD2  H N N 358 
TYR HE1  H N N 359 
TYR HE2  H N N 360 
TYR HH   H N N 361 
TYR HXT  H N N 362 
VAL N    N N N 363 
VAL CA   C N S 364 
VAL C    C N N 365 
VAL O    O N N 366 
VAL CB   C N N 367 
VAL CG1  C N N 368 
VAL CG2  C N N 369 
VAL OXT  O N N 370 
VAL H    H N N 371 
VAL H2   H N N 372 
VAL HA   H N N 373 
VAL HB   H N N 374 
VAL HG11 H N N 375 
VAL HG12 H N N 376 
VAL HG13 H N N 377 
VAL HG21 H N N 378 
VAL HG22 H N N 379 
VAL HG23 H N N 380 
VAL HXT  H N N 381 
# 
loop_
_chem_comp_bond.comp_id 
_chem_comp_bond.atom_id_1 
_chem_comp_bond.atom_id_2 
_chem_comp_bond.value_order 
_chem_comp_bond.pdbx_aromatic_flag 
_chem_comp_bond.pdbx_stereo_config 
_chem_comp_bond.pdbx_ordinal 
ALA N   CA   sing N N 1   
ALA N   H    sing N N 2   
ALA N   H2   sing N N 3   
ALA CA  C    sing N N 4   
ALA CA  CB   sing N N 5   
ALA CA  HA   sing N N 6   
ALA C   O    doub N N 7   
ALA C   OXT  sing N N 8   
ALA CB  HB1  sing N N 9   
ALA CB  HB2  sing N N 10  
ALA CB  HB3  sing N N 11  
ALA OXT HXT  sing N N 12  
ARG N   CA   sing N N 13  
ARG N   H    sing N N 14  
ARG N   H2   sing N N 15  
ARG CA  C    sing N N 16  
ARG CA  CB   sing N N 17  
ARG CA  HA   sing N N 18  
ARG C   O    doub N N 19  
ARG C   OXT  sing N N 20  
ARG CB  CG   sing N N 21  
ARG CB  HB2  sing N N 22  
ARG CB  HB3  sing N N 23  
ARG CG  CD   sing N N 24  
ARG CG  HG2  sing N N 25  
ARG CG  HG3  sing N N 26  
ARG CD  NE   sing N N 27  
ARG CD  HD2  sing N N 28  
ARG CD  HD3  sing N N 29  
ARG NE  CZ   sing N N 30  
ARG NE  HE   sing N N 31  
ARG CZ  NH1  sing N N 32  
ARG CZ  NH2  doub N N 33  
ARG NH1 HH11 sing N N 34  
ARG NH1 HH12 sing N N 35  
ARG NH2 HH21 sing N N 36  
ARG NH2 HH22 sing N N 37  
ARG OXT HXT  sing N N 38  
ASN N   CA   sing N N 39  
ASN N   H    sing N N 40  
ASN N   H2   sing N N 41  
ASN CA  C    sing N N 42  
ASN CA  CB   sing N N 43  
ASN CA  HA   sing N N 44  
ASN C   O    doub N N 45  
ASN C   OXT  sing N N 46  
ASN CB  CG   sing N N 47  
ASN CB  HB2  sing N N 48  
ASN CB  HB3  sing N N 49  
ASN CG  OD1  doub N N 50  
ASN CG  ND2  sing N N 51  
ASN ND2 HD21 sing N N 52  
ASN ND2 HD22 sing N N 53  
ASN OXT HXT  sing N N 54  
ASP N   CA   sing N N 55  
ASP N   H    sing N N 56  
ASP N   H2   sing N N 57  
ASP CA  C    sing N N 58  
ASP CA  CB   sing N N 59  
ASP CA  HA   sing N N 60  
ASP C   O    doub N N 61  
ASP C   OXT  sing N N 62  
ASP CB  CG   sing N N 63  
ASP CB  HB2  sing N N 64  
ASP CB  HB3  sing N N 65  
ASP CG  OD1  doub N N 66  
ASP CG  OD2  sing N N 67  
ASP OD2 HD2  sing N N 68  
ASP OXT HXT  sing N N 69  
GLN N   CA   sing N N 70  
GLN N   H    sing N N 71  
GLN N   H2   sing N N 72  
GLN CA  C    sing N N 73  
GLN CA  CB   sing N N 74  
GLN CA  HA   sing N N 75  
GLN C   O    doub N N 76  
GLN C   OXT  sing N N 77  
GLN CB  CG   sing N N 78  
GLN CB  HB2  sing N N 79  
GLN CB  HB3  sing N N 80  
GLN CG  CD   sing N N 81  
GLN CG  HG2  sing N N 82  
GLN CG  HG3  sing N N 83  
GLN CD  OE1  doub N N 84  
GLN CD  NE2  sing N N 85  
GLN NE2 HE21 sing N N 86  
GLN NE2 HE22 sing N N 87  
GLN OXT HXT  sing N N 88  
GLU N   CA   sing N N 89  
GLU N   H    sing N N 90  
GLU N   H2   sing N N 91  
GLU CA  C    sing N N 92  
GLU CA  CB   sing N N 93  
GLU CA  HA   sing N N 94  
GLU C   O    doub N N 95  
GLU C   OXT  sing N N 96  
GLU CB  CG   sing N N 97  
GLU CB  HB2  sing N N 98  
GLU CB  HB3  sing N N 99  
GLU CG  CD   sing N N 100 
GLU CG  HG2  sing N N 101 
GLU CG  HG3  sing N N 102 
GLU CD  OE1  doub N N 103 
GLU CD  OE2  sing N N 104 
GLU OE2 HE2  sing N N 105 
GLU OXT HXT  sing N N 106 
GLY N   CA   sing N N 107 
GLY N   H    sing N N 108 
GLY N   H2   sing N N 109 
GLY CA  C    sing N N 110 
GLY CA  HA2  sing N N 111 
GLY CA  HA3  sing N N 112 
GLY C   O    doub N N 113 
GLY C   OXT  sing N N 114 
GLY OXT HXT  sing N N 115 
HIS N   CA   sing N N 116 
HIS N   H    sing N N 117 
HIS N   H2   sing N N 118 
HIS CA  C    sing N N 119 
HIS CA  CB   sing N N 120 
HIS CA  HA   sing N N 121 
HIS C   O    doub N N 122 
HIS C   OXT  sing N N 123 
HIS CB  CG   sing N N 124 
HIS CB  HB2  sing N N 125 
HIS CB  HB3  sing N N 126 
HIS CG  ND1  sing Y N 127 
HIS CG  CD2  doub Y N 128 
HIS ND1 CE1  doub Y N 129 
HIS ND1 HD1  sing N N 130 
HIS CD2 NE2  sing Y N 131 
HIS CD2 HD2  sing N N 132 
HIS CE1 NE2  sing Y N 133 
HIS CE1 HE1  sing N N 134 
HIS NE2 HE2  sing N N 135 
HIS OXT HXT  sing N N 136 
HOH O   H1   sing N N 137 
HOH O   H2   sing N N 138 
ILE N   CA   sing N N 139 
ILE N   H    sing N N 140 
ILE N   H2   sing N N 141 
ILE CA  C    sing N N 142 
ILE CA  CB   sing N N 143 
ILE CA  HA   sing N N 144 
ILE C   O    doub N N 145 
ILE C   OXT  sing N N 146 
ILE CB  CG1  sing N N 147 
ILE CB  CG2  sing N N 148 
ILE CB  HB   sing N N 149 
ILE CG1 CD1  sing N N 150 
ILE CG1 HG12 sing N N 151 
ILE CG1 HG13 sing N N 152 
ILE CG2 HG21 sing N N 153 
ILE CG2 HG22 sing N N 154 
ILE CG2 HG23 sing N N 155 
ILE CD1 HD11 sing N N 156 
ILE CD1 HD12 sing N N 157 
ILE CD1 HD13 sing N N 158 
ILE OXT HXT  sing N N 159 
LEU N   CA   sing N N 160 
LEU N   H    sing N N 161 
LEU N   H2   sing N N 162 
LEU CA  C    sing N N 163 
LEU CA  CB   sing N N 164 
LEU CA  HA   sing N N 165 
LEU C   O    doub N N 166 
LEU C   OXT  sing N N 167 
LEU CB  CG   sing N N 168 
LEU CB  HB2  sing N N 169 
LEU CB  HB3  sing N N 170 
LEU CG  CD1  sing N N 171 
LEU CG  CD2  sing N N 172 
LEU CG  HG   sing N N 173 
LEU CD1 HD11 sing N N 174 
LEU CD1 HD12 sing N N 175 
LEU CD1 HD13 sing N N 176 
LEU CD2 HD21 sing N N 177 
LEU CD2 HD22 sing N N 178 
LEU CD2 HD23 sing N N 179 
LEU OXT HXT  sing N N 180 
LYS N   CA   sing N N 181 
LYS N   H    sing N N 182 
LYS N   H2   sing N N 183 
LYS CA  C    sing N N 184 
LYS CA  CB   sing N N 185 
LYS CA  HA   sing N N 186 
LYS C   O    doub N N 187 
LYS C   OXT  sing N N 188 
LYS CB  CG   sing N N 189 
LYS CB  HB2  sing N N 190 
LYS CB  HB3  sing N N 191 
LYS CG  CD   sing N N 192 
LYS CG  HG2  sing N N 193 
LYS CG  HG3  sing N N 194 
LYS CD  CE   sing N N 195 
LYS CD  HD2  sing N N 196 
LYS CD  HD3  sing N N 197 
LYS CE  NZ   sing N N 198 
LYS CE  HE2  sing N N 199 
LYS CE  HE3  sing N N 200 
LYS NZ  HZ1  sing N N 201 
LYS NZ  HZ2  sing N N 202 
LYS NZ  HZ3  sing N N 203 
LYS OXT HXT  sing N N 204 
MET N   CA   sing N N 205 
MET N   H    sing N N 206 
MET N   H2   sing N N 207 
MET CA  C    sing N N 208 
MET CA  CB   sing N N 209 
MET CA  HA   sing N N 210 
MET C   O    doub N N 211 
MET C   OXT  sing N N 212 
MET CB  CG   sing N N 213 
MET CB  HB2  sing N N 214 
MET CB  HB3  sing N N 215 
MET CG  SD   sing N N 216 
MET CG  HG2  sing N N 217 
MET CG  HG3  sing N N 218 
MET SD  CE   sing N N 219 
MET CE  HE1  sing N N 220 
MET CE  HE2  sing N N 221 
MET CE  HE3  sing N N 222 
MET OXT HXT  sing N N 223 
PHE N   CA   sing N N 224 
PHE N   H    sing N N 225 
PHE N   H2   sing N N 226 
PHE CA  C    sing N N 227 
PHE CA  CB   sing N N 228 
PHE CA  HA   sing N N 229 
PHE C   O    doub N N 230 
PHE C   OXT  sing N N 231 
PHE CB  CG   sing N N 232 
PHE CB  HB2  sing N N 233 
PHE CB  HB3  sing N N 234 
PHE CG  CD1  doub Y N 235 
PHE CG  CD2  sing Y N 236 
PHE CD1 CE1  sing Y N 237 
PHE CD1 HD1  sing N N 238 
PHE CD2 CE2  doub Y N 239 
PHE CD2 HD2  sing N N 240 
PHE CE1 CZ   doub Y N 241 
PHE CE1 HE1  sing N N 242 
PHE CE2 CZ   sing Y N 243 
PHE CE2 HE2  sing N N 244 
PHE CZ  HZ   sing N N 245 
PHE OXT HXT  sing N N 246 
PO4 P   O1   doub N N 247 
PO4 P   O2   sing N N 248 
PO4 P   O3   sing N N 249 
PO4 P   O4   sing N N 250 
PRO N   CA   sing N N 251 
PRO N   CD   sing N N 252 
PRO N   H    sing N N 253 
PRO CA  C    sing N N 254 
PRO CA  CB   sing N N 255 
PRO CA  HA   sing N N 256 
PRO C   O    doub N N 257 
PRO C   OXT  sing N N 258 
PRO CB  CG   sing N N 259 
PRO CB  HB2  sing N N 260 
PRO CB  HB3  sing N N 261 
PRO CG  CD   sing N N 262 
PRO CG  HG2  sing N N 263 
PRO CG  HG3  sing N N 264 
PRO CD  HD2  sing N N 265 
PRO CD  HD3  sing N N 266 
PRO OXT HXT  sing N N 267 
SER N   CA   sing N N 268 
SER N   H    sing N N 269 
SER N   H2   sing N N 270 
SER CA  C    sing N N 271 
SER CA  CB   sing N N 272 
SER CA  HA   sing N N 273 
SER C   O    doub N N 274 
SER C   OXT  sing N N 275 
SER CB  OG   sing N N 276 
SER CB  HB2  sing N N 277 
SER CB  HB3  sing N N 278 
SER OG  HG   sing N N 279 
SER OXT HXT  sing N N 280 
THR N   CA   sing N N 281 
THR N   H    sing N N 282 
THR N   H2   sing N N 283 
THR CA  C    sing N N 284 
THR CA  CB   sing N N 285 
THR CA  HA   sing N N 286 
THR C   O    doub N N 287 
THR C   OXT  sing N N 288 
THR CB  OG1  sing N N 289 
THR CB  CG2  sing N N 290 
THR CB  HB   sing N N 291 
THR OG1 HG1  sing N N 292 
THR CG2 HG21 sing N N 293 
THR CG2 HG22 sing N N 294 
THR CG2 HG23 sing N N 295 
THR OXT HXT  sing N N 296 
TRP N   CA   sing N N 297 
TRP N   H    sing N N 298 
TRP N   H2   sing N N 299 
TRP CA  C    sing N N 300 
TRP CA  CB   sing N N 301 
TRP CA  HA   sing N N 302 
TRP C   O    doub N N 303 
TRP C   OXT  sing N N 304 
TRP CB  CG   sing N N 305 
TRP CB  HB2  sing N N 306 
TRP CB  HB3  sing N N 307 
TRP CG  CD1  doub Y N 308 
TRP CG  CD2  sing Y N 309 
TRP CD1 NE1  sing Y N 310 
TRP CD1 HD1  sing N N 311 
TRP CD2 CE2  doub Y N 312 
TRP CD2 CE3  sing Y N 313 
TRP NE1 CE2  sing Y N 314 
TRP NE1 HE1  sing N N 315 
TRP CE2 CZ2  sing Y N 316 
TRP CE3 CZ3  doub Y N 317 
TRP CE3 HE3  sing N N 318 
TRP CZ2 CH2  doub Y N 319 
TRP CZ2 HZ2  sing N N 320 
TRP CZ3 CH2  sing Y N 321 
TRP CZ3 HZ3  sing N N 322 
TRP CH2 HH2  sing N N 323 
TRP OXT HXT  sing N N 324 
TYR N   CA   sing N N 325 
TYR N   H    sing N N 326 
TYR N   H2   sing N N 327 
TYR CA  C    sing N N 328 
TYR CA  CB   sing N N 329 
TYR CA  HA   sing N N 330 
TYR C   O    doub N N 331 
TYR C   OXT  sing N N 332 
TYR CB  CG   sing N N 333 
TYR CB  HB2  sing N N 334 
TYR CB  HB3  sing N N 335 
TYR CG  CD1  doub Y N 336 
TYR CG  CD2  sing Y N 337 
TYR CD1 CE1  sing Y N 338 
TYR CD1 HD1  sing N N 339 
TYR CD2 CE2  doub Y N 340 
TYR CD2 HD2  sing N N 341 
TYR CE1 CZ   doub Y N 342 
TYR CE1 HE1  sing N N 343 
TYR CE2 CZ   sing Y N 344 
TYR CE2 HE2  sing N N 345 
TYR CZ  OH   sing N N 346 
TYR OH  HH   sing N N 347 
TYR OXT HXT  sing N N 348 
VAL N   CA   sing N N 349 
VAL N   H    sing N N 350 
VAL N   H2   sing N N 351 
VAL CA  C    sing N N 352 
VAL CA  CB   sing N N 353 
VAL CA  HA   sing N N 354 
VAL C   O    doub N N 355 
VAL C   OXT  sing N N 356 
VAL CB  CG1  sing N N 357 
VAL CB  CG2  sing N N 358 
VAL CB  HB   sing N N 359 
VAL CG1 HG11 sing N N 360 
VAL CG1 HG12 sing N N 361 
VAL CG1 HG13 sing N N 362 
VAL CG2 HG21 sing N N 363 
VAL CG2 HG22 sing N N 364 
VAL CG2 HG23 sing N N 365 
VAL OXT HXT  sing N N 366 
# 
_atom_sites.entry_id                    2QGZ 
_atom_sites.fract_transf_matrix[1][1]   -0.00067871 
_atom_sites.fract_transf_matrix[1][2]   -0.01166561 
_atom_sites.fract_transf_matrix[1][3]   -0.00598528 
_atom_sites.fract_transf_matrix[2][1]   -0.00936046 
_atom_sites.fract_transf_matrix[2][2]   0.00462780 
_atom_sites.fract_transf_matrix[2][3]   -0.00795838 
_atom_sites.fract_transf_matrix[3][1]   0.00584402 
_atom_sites.fract_transf_matrix[3][2]   0.00245437 
_atom_sites.fract_transf_matrix[3][3]   -0.00544637 
_atom_sites.fract_transf_vector[1]      0.376205 
_atom_sites.fract_transf_vector[2]      0.153555 
_atom_sites.fract_transf_vector[3]      0.376936 
# 
loop_
_atom_type.symbol 
C 
N 
O 
P 
S 
# 
loop_
_atom_site.group_PDB 
_atom_site.id 
_atom_site.type_symbol 
_atom_site.label_atom_id 
_atom_site.label_alt_id 
_atom_site.label_comp_id 
_atom_site.label_asym_id 
_atom_site.label_entity_id 
_atom_site.label_seq_id 
_atom_site.pdbx_PDB_ins_code 
_atom_site.Cartn_x 
_atom_site.Cartn_y 
_atom_site.Cartn_z 
_atom_site.occupancy 
_atom_site.B_iso_or_equiv 
_atom_site.pdbx_formal_charge 
_atom_site.auth_seq_id 
_atom_site.auth_comp_id 
_atom_site.auth_asym_id 
_atom_site.auth_atom_id 
_atom_site.pdbx_PDB_model_num 
ATOM   1    N N   . GLN A 1 100 ? 13.117  -4.757  -26.149 1.00 85.16 ? 100 GLN A N   1 
ATOM   2    C CA  . GLN A 1 100 ? 13.409  -5.789  -25.113 1.00 85.28 ? 100 GLN A CA  1 
ATOM   3    C C   . GLN A 1 100 ? 12.132  -6.184  -24.371 1.00 85.34 ? 100 GLN A C   1 
ATOM   4    O O   . GLN A 1 100 ? 11.493  -5.347  -23.729 1.00 85.57 ? 100 GLN A O   1 
ATOM   5    C CB  . GLN A 1 100 ? 14.446  -5.254  -24.127 1.00 84.90 ? 100 GLN A CB  1 
ATOM   6    C CG  . GLN A 1 100 ? 15.692  -4.707  -24.805 1.00 85.50 ? 100 GLN A CG  1 
ATOM   7    C CD  . GLN A 1 100 ? 16.795  -4.373  -23.824 1.00 86.02 ? 100 GLN A CD  1 
ATOM   8    O OE1 . GLN A 1 100 ? 16.592  -3.608  -22.877 1.00 85.95 ? 100 GLN A OE1 1 
ATOM   9    N NE2 . GLN A 1 100 ? 17.975  -4.945  -24.048 1.00 85.26 ? 100 GLN A NE2 1 
ATOM   10   N N   . LYS A 1 101 ? 11.779  -7.465  -24.466 1.00 84.61 ? 101 LYS A N   1 
ATOM   11   C CA  . LYS A 1 101 ? 10.577  -8.017  -23.835 1.00 83.87 ? 101 LYS A CA  1 
ATOM   12   C C   . LYS A 1 101 ? 10.646  -8.107  -22.304 1.00 83.20 ? 101 LYS A C   1 
ATOM   13   O O   . LYS A 1 101 ? 10.272  -9.124  -21.713 1.00 82.50 ? 101 LYS A O   1 
ATOM   14   C CB  . LYS A 1 101 ? 10.289  -9.407  -24.424 1.00 83.40 ? 101 LYS A CB  1 
ATOM   15   C CG  . LYS A 1 101 ? 11.493  -10.351 -24.406 1.00 81.73 ? 101 LYS A CG  1 
ATOM   16   C CD  . LYS A 1 101 ? 11.208  -11.683 -25.104 1.00 81.84 ? 101 LYS A CD  1 
ATOM   17   C CE  . LYS A 1 101 ? 10.934  -11.525 -26.605 1.00 81.11 ? 101 LYS A CE  1 
ATOM   18   N NZ  . LYS A 1 101 ? 9.603   -10.917 -26.908 1.00 80.76 ? 101 LYS A NZ  1 
ATOM   19   N N   . GLN A 1 102 ? 11.112  -7.038  -21.668 1.00 81.80 ? 102 GLN A N   1 
ATOM   20   C CA  . GLN A 1 102 ? 11.231  -7.007  -20.214 1.00 80.52 ? 102 GLN A CA  1 
ATOM   21   C C   . GLN A 1 102 ? 10.012  -6.333  -19.577 1.00 78.84 ? 102 GLN A C   1 
ATOM   22   O O   . GLN A 1 102 ? 10.113  -5.700  -18.524 1.00 78.47 ? 102 GLN A O   1 
ATOM   23   C CB  . GLN A 1 102 ? 12.520  -6.276  -19.815 1.00 81.64 ? 102 GLN A CB  1 
ATOM   24   C CG  . GLN A 1 102 ? 12.866  -6.378  -18.344 1.00 82.10 ? 102 GLN A CG  1 
ATOM   25   C CD  . GLN A 1 102 ? 12.797  -7.807  -17.835 1.00 83.07 ? 102 GLN A CD  1 
ATOM   26   O OE1 . GLN A 1 102 ? 11.716  -8.396  -17.749 1.00 83.00 ? 102 GLN A OE1 1 
ATOM   27   N NE2 . GLN A 1 102 ? 13.955  -8.374  -17.497 1.00 82.46 ? 102 GLN A NE2 1 
ATOM   28   N N   . ALA A 1 103 ? 8.862   -6.479  -20.231 1.00 75.95 ? 103 ALA A N   1 
ATOM   29   C CA  . ALA A 1 103 ? 7.610   -5.909  -19.744 1.00 72.50 ? 103 ALA A CA  1 
ATOM   30   C C   . ALA A 1 103 ? 6.899   -6.942  -18.881 1.00 70.17 ? 103 ALA A C   1 
ATOM   31   O O   . ALA A 1 103 ? 5.725   -6.787  -18.541 1.00 68.13 ? 103 ALA A O   1 
ATOM   32   C CB  . ALA A 1 103 ? 6.724   -5.508  -20.915 1.00 72.10 ? 103 ALA A CB  1 
ATOM   33   N N   . ALA A 1 104 ? 7.626   -7.999  -18.530 1.00 67.65 ? 104 ALA A N   1 
ATOM   34   C CA  . ALA A 1 104 ? 7.079   -9.065  -17.710 1.00 66.13 ? 104 ALA A CA  1 
ATOM   35   C C   . ALA A 1 104 ? 6.999   -8.656  -16.241 1.00 64.95 ? 104 ALA A C   1 
ATOM   36   O O   . ALA A 1 104 ? 6.027   -8.975  -15.561 1.00 64.57 ? 104 ALA A O   1 
ATOM   37   C CB  . ALA A 1 104 ? 7.925   -10.327 -17.857 1.00 65.69 ? 104 ALA A CB  1 
ATOM   38   N N   . ILE A 1 105 ? 8.017   -7.954  -15.749 1.00 63.81 ? 105 ILE A N   1 
ATOM   39   C CA  . ILE A 1 105 ? 8.019   -7.528  -14.350 1.00 63.67 ? 105 ILE A CA  1 
ATOM   40   C C   . ILE A 1 105 ? 6.929   -6.487  -14.128 1.00 61.92 ? 105 ILE A C   1 
ATOM   41   O O   . ILE A 1 105 ? 6.326   -6.409  -13.060 1.00 60.17 ? 105 ILE A O   1 
ATOM   42   C CB  . ILE A 1 105 ? 9.389   -6.934  -13.929 1.00 65.10 ? 105 ILE A CB  1 
ATOM   43   C CG1 . ILE A 1 105 ? 9.712   -5.701  -14.768 1.00 67.35 ? 105 ILE A CG1 1 
ATOM   44   C CG2 . ILE A 1 105 ? 10.488  -7.981  -14.094 1.00 65.23 ? 105 ILE A CG2 1 
ATOM   45   C CD1 . ILE A 1 105 ? 11.094  -5.115  -14.485 1.00 70.30 ? 105 ILE A CD1 1 
ATOM   46   N N   . SER A 1 106 ? 6.667   -5.704  -15.162 1.00 60.24 ? 106 SER A N   1 
ATOM   47   C CA  . SER A 1 106 ? 5.657   -4.667  -15.097 1.00 58.81 ? 106 SER A CA  1 
ATOM   48   C C   . SER A 1 106 ? 4.246   -5.243  -15.006 1.00 58.80 ? 106 SER A C   1 
ATOM   49   O O   . SER A 1 106 ? 3.390   -4.684  -14.323 1.00 59.41 ? 106 SER A O   1 
ATOM   50   C CB  . SER A 1 106 ? 5.771   -3.766  -16.324 1.00 57.70 ? 106 SER A CB  1 
ATOM   51   O OG  . SER A 1 106 ? 4.834   -2.713  -16.261 1.00 58.05 ? 106 SER A OG  1 
ATOM   52   N N   . GLU A 1 107 ? 4.004   -6.363  -15.684 1.00 58.62 ? 107 GLU A N   1 
ATOM   53   C CA  . GLU A 1 107 ? 2.681   -6.988  -15.680 1.00 57.59 ? 107 GLU A CA  1 
ATOM   54   C C   . GLU A 1 107 ? 2.305   -7.704  -14.376 1.00 54.99 ? 107 GLU A C   1 
ATOM   55   O O   . GLU A 1 107 ? 1.128   -7.999  -14.153 1.00 54.49 ? 107 GLU A O   1 
ATOM   56   C CB  . GLU A 1 107 ? 2.551   -7.968  -16.849 1.00 60.79 ? 107 GLU A CB  1 
ATOM   57   C CG  . GLU A 1 107 ? 3.411   -9.216  -16.727 1.00 64.83 ? 107 GLU A CG  1 
ATOM   58   C CD  . GLU A 1 107 ? 3.070   -10.264 -17.775 1.00 68.94 ? 107 GLU A CD  1 
ATOM   59   O OE1 . GLU A 1 107 ? 1.922   -10.765 -17.753 1.00 69.98 ? 107 GLU A OE1 1 
ATOM   60   O OE2 . GLU A 1 107 ? 3.943   -10.582 -18.618 1.00 69.71 ? 107 GLU A OE2 1 
ATOM   61   N N   . ARG A 1 108 ? 3.292   -7.993  -13.528 1.00 52.03 ? 108 ARG A N   1 
ATOM   62   C CA  . ARG A 1 108 ? 3.019   -8.651  -12.250 1.00 49.71 ? 108 ARG A CA  1 
ATOM   63   C C   . ARG A 1 108 ? 2.409   -7.656  -11.256 1.00 48.70 ? 108 ARG A C   1 
ATOM   64   O O   . ARG A 1 108 ? 1.988   -8.041  -10.161 1.00 48.33 ? 108 ARG A O   1 
ATOM   65   C CB  . ARG A 1 108 ? 4.300   -9.205  -11.621 1.00 49.20 ? 108 ARG A CB  1 
ATOM   66   C CG  . ARG A 1 108 ? 5.057   -10.217 -12.435 1.00 47.55 ? 108 ARG A CG  1 
ATOM   67   C CD  . ARG A 1 108 ? 5.974   -11.014 -11.521 1.00 48.12 ? 108 ARG A CD  1 
ATOM   68   N NE  . ARG A 1 108 ? 6.800   -11.972 -12.252 1.00 50.17 ? 108 ARG A NE  1 
ATOM   69   C CZ  . ARG A 1 108 ? 7.865   -11.649 -12.981 1.00 50.96 ? 108 ARG A CZ  1 
ATOM   70   N NH1 . ARG A 1 108 ? 8.255   -10.381 -13.084 1.00 48.84 ? 108 ARG A NH1 1 
ATOM   71   N NH2 . ARG A 1 108 ? 8.539   -12.599 -13.612 1.00 51.22 ? 108 ARG A NH2 1 
ATOM   72   N N   . ILE A 1 109 ? 2.383   -6.382  -11.640 1.00 47.56 ? 109 ILE A N   1 
ATOM   73   C CA  . ILE A 1 109 ? 1.850   -5.323  -10.789 1.00 46.27 ? 109 ILE A CA  1 
ATOM   74   C C   . ILE A 1 109 ? 0.415   -4.960  -11.146 1.00 46.29 ? 109 ILE A C   1 
ATOM   75   O O   . ILE A 1 109 ? 0.170   -4.194  -12.081 1.00 48.09 ? 109 ILE A O   1 
ATOM   76   C CB  . ILE A 1 109 ? 2.722   -4.050  -10.890 1.00 44.35 ? 109 ILE A CB  1 
ATOM   77   C CG1 . ILE A 1 109 ? 4.150   -4.364  -10.454 1.00 42.84 ? 109 ILE A CG1 1 
ATOM   78   C CG2 . ILE A 1 109 ? 2.149   -2.950  -10.030 1.00 42.43 ? 109 ILE A CG2 1 
ATOM   79   C CD1 . ILE A 1 109 ? 5.097   -3.197  -10.617 1.00 42.31 ? 109 ILE A CD1 1 
ATOM   80   N N   . GLN A 1 110 ? -0.535  -5.501  -10.392 1.00 45.92 ? 110 GLN A N   1 
ATOM   81   C CA  . GLN A 1 110 ? -1.944  -5.225  -10.638 1.00 45.72 ? 110 GLN A CA  1 
ATOM   82   C C   . GLN A 1 110 ? -2.349  -3.854  -10.103 1.00 43.51 ? 110 GLN A C   1 
ATOM   83   O O   . GLN A 1 110 ? -1.964  -3.466  -9.000  1.00 43.32 ? 110 GLN A O   1 
ATOM   84   C CB  . GLN A 1 110 ? -2.814  -6.313  -10.001 1.00 47.84 ? 110 GLN A CB  1 
ATOM   85   C CG  . GLN A 1 110 ? -2.800  -7.653  -10.740 1.00 52.66 ? 110 GLN A CG  1 
ATOM   86   C CD  . GLN A 1 110 ? -1.418  -8.296  -10.790 1.00 56.88 ? 110 GLN A CD  1 
ATOM   87   O OE1 . GLN A 1 110 ? -0.848  -8.496  -11.870 1.00 58.26 ? 110 GLN A OE1 1 
ATOM   88   N NE2 . GLN A 1 110 ? -0.872  -8.627  -9.620  1.00 57.24 ? 110 GLN A NE2 1 
ATOM   89   N N   . LEU A 1 111 ? -3.120  -3.120  -10.899 1.00 43.12 ? 111 LEU A N   1 
ATOM   90   C CA  . LEU A 1 111 ? -3.586  -1.798  -10.509 1.00 42.36 ? 111 LEU A CA  1 
ATOM   91   C C   . LEU A 1 111 ? -5.099  -1.800  -10.393 1.00 43.94 ? 111 LEU A C   1 
ATOM   92   O O   . LEU A 1 111 ? -5.789  -2.490  -11.143 1.00 45.46 ? 111 LEU A O   1 
ATOM   93   C CB  . LEU A 1 111 ? -3.189  -0.752  -11.546 1.00 40.97 ? 111 LEU A CB  1 
ATOM   94   C CG  . LEU A 1 111 ? -1.724  -0.536  -11.919 1.00 41.94 ? 111 LEU A CG  1 
ATOM   95   C CD1 . LEU A 1 111 ? -1.663  0.529   -12.998 1.00 42.00 ? 111 LEU A CD1 1 
ATOM   96   C CD2 . LEU A 1 111 ? -0.921  -0.110  -10.703 1.00 41.36 ? 111 LEU A CD2 1 
ATOM   97   N N   . VAL A 1 112 ? -5.612  -1.028  -9.445  1.00 44.61 ? 112 VAL A N   1 
ATOM   98   C CA  . VAL A 1 112 ? -7.042  -0.913  -9.233  1.00 43.67 ? 112 VAL A CA  1 
ATOM   99   C C   . VAL A 1 112 ? -7.355  0.558   -9.035  1.00 45.63 ? 112 VAL A C   1 
ATOM   100  O O   . VAL A 1 112 ? -7.087  1.127   -7.974  1.00 44.41 ? 112 VAL A O   1 
ATOM   101  C CB  . VAL A 1 112 ? -7.510  -1.706  -7.988  1.00 45.71 ? 112 VAL A CB  1 
ATOM   102  C CG1 . VAL A 1 112 ? -8.984  -1.408  -7.704  1.00 44.54 ? 112 VAL A CG1 1 
ATOM   103  C CG2 . VAL A 1 112 ? -7.314  -3.205  -8.216  1.00 43.30 ? 112 VAL A CG2 1 
ATOM   104  N N   . SER A 1 113 ? -7.901  1.172   -10.082 1.00 45.50 ? 113 SER A N   1 
ATOM   105  C CA  . SER A 1 113 ? -8.274  2.578   -10.066 1.00 45.34 ? 113 SER A CA  1 
ATOM   106  C C   . SER A 1 113 ? -7.083  3.516   -9.885  1.00 45.81 ? 113 SER A C   1 
ATOM   107  O O   . SER A 1 113 ? -7.140  4.469   -9.112  1.00 44.57 ? 113 SER A O   1 
ATOM   108  C CB  . SER A 1 113 ? -9.311  2.822   -8.971  1.00 47.44 ? 113 SER A CB  1 
ATOM   109  O OG  . SER A 1 113 ? -10.386 1.910   -9.108  1.00 48.05 ? 113 SER A OG  1 
ATOM   110  N N   . LEU A 1 114 ? -6.009  3.234   -10.614 1.00 45.40 ? 114 LEU A N   1 
ATOM   111  C CA  . LEU A 1 114 ? -4.797  4.046   -10.578 1.00 45.36 ? 114 LEU A CA  1 
ATOM   112  C C   . LEU A 1 114 ? -4.238  4.138   -12.000 1.00 45.03 ? 114 LEU A C   1 
ATOM   113  O O   . LEU A 1 114 ? -4.281  3.168   -12.759 1.00 44.96 ? 114 LEU A O   1 
ATOM   114  C CB  . LEU A 1 114 ? -3.756  3.413   -9.644  1.00 44.78 ? 114 LEU A CB  1 
ATOM   115  C CG  . LEU A 1 114 ? -4.011  3.464   -8.128  1.00 43.82 ? 114 LEU A CG  1 
ATOM   116  C CD1 . LEU A 1 114 ? -2.994  2.605   -7.395  1.00 43.53 ? 114 LEU A CD1 1 
ATOM   117  C CD2 . LEU A 1 114 ? -3.931  4.900   -7.636  1.00 39.24 ? 114 LEU A CD2 1 
ATOM   118  N N   . PRO A 1 115 ? -3.718  5.312   -12.386 1.00 45.32 ? 115 PRO A N   1 
ATOM   119  C CA  . PRO A 1 115 ? -3.165  5.457   -13.739 1.00 45.13 ? 115 PRO A CA  1 
ATOM   120  C C   . PRO A 1 115 ? -2.065  4.437   -14.041 1.00 46.17 ? 115 PRO A C   1 
ATOM   121  O O   . PRO A 1 115 ? -1.379  3.967   -13.136 1.00 46.60 ? 115 PRO A O   1 
ATOM   122  C CB  . PRO A 1 115 ? -2.662  6.900   -13.757 1.00 44.43 ? 115 PRO A CB  1 
ATOM   123  C CG  . PRO A 1 115 ? -2.373  7.193   -12.306 1.00 45.57 ? 115 PRO A CG  1 
ATOM   124  C CD  . PRO A 1 115 ? -3.549  6.553   -11.611 1.00 45.69 ? 115 PRO A CD  1 
ATOM   125  N N   . LYS A 1 116 ? -1.908  4.100   -15.317 1.00 46.30 ? 116 LYS A N   1 
ATOM   126  C CA  . LYS A 1 116 ? -0.914  3.131   -15.756 1.00 46.21 ? 116 LYS A CA  1 
ATOM   127  C C   . LYS A 1 116 ? 0.529   3.438   -15.368 1.00 44.07 ? 116 LYS A C   1 
ATOM   128  O O   . LYS A 1 116 ? 1.354   2.530   -15.295 1.00 42.41 ? 116 LYS A O   1 
ATOM   129  C CB  . LYS A 1 116 ? -1.004  2.955   -17.277 1.00 51.64 ? 116 LYS A CB  1 
ATOM   130  C CG  . LYS A 1 116 ? -2.357  2.412   -17.746 1.00 56.96 ? 116 LYS A CG  1 
ATOM   131  C CD  . LYS A 1 116 ? -2.440  2.250   -19.266 1.00 62.31 ? 116 LYS A CD  1 
ATOM   132  C CE  . LYS A 1 116 ? -1.476  1.181   -19.786 1.00 63.89 ? 116 LYS A CE  1 
ATOM   133  N NZ  . LYS A 1 116 ? -1.484  1.112   -21.278 1.00 65.40 ? 116 LYS A NZ  1 
ATOM   134  N N   . SER A 1 117 ? 0.846   4.704   -15.120 1.00 41.17 ? 117 SER A N   1 
ATOM   135  C CA  . SER A 1 117 ? 2.216   5.058   -14.761 1.00 41.12 ? 117 SER A CA  1 
ATOM   136  C C   . SER A 1 117 ? 2.711   4.402   -13.467 1.00 40.70 ? 117 SER A C   1 
ATOM   137  O O   . SER A 1 117 ? 3.910   4.212   -13.302 1.00 39.78 ? 117 SER A O   1 
ATOM   138  C CB  . SER A 1 117 ? 2.371   6.573   -14.663 1.00 41.88 ? 117 SER A CB  1 
ATOM   139  O OG  . SER A 1 117 ? 1.476   7.106   -13.710 1.00 46.48 ? 117 SER A OG  1 
ATOM   140  N N   . TYR A 1 118 ? 1.797   4.040   -12.568 1.00 39.74 ? 118 TYR A N   1 
ATOM   141  C CA  . TYR A 1 118 ? 2.170   3.399   -11.301 1.00 40.01 ? 118 TYR A CA  1 
ATOM   142  C C   . TYR A 1 118 ? 2.739   2.005   -11.472 1.00 39.22 ? 118 TYR A C   1 
ATOM   143  O O   . TYR A 1 118 ? 3.139   1.372   -10.503 1.00 40.19 ? 118 TYR A O   1 
ATOM   144  C CB  . TYR A 1 118 ? 0.972   3.300   -10.357 1.00 37.88 ? 118 TYR A CB  1 
ATOM   145  C CG  . TYR A 1 118 ? 0.697   4.549   -9.575  1.00 40.58 ? 118 TYR A CG  1 
ATOM   146  C CD1 . TYR A 1 118 ? -0.078  5.574   -10.108 1.00 43.30 ? 118 TYR A CD1 1 
ATOM   147  C CD2 . TYR A 1 118 ? 1.219   4.715   -8.292  1.00 41.68 ? 118 TYR A CD2 1 
ATOM   148  C CE1 . TYR A 1 118 ? -0.329  6.733   -9.382  1.00 45.12 ? 118 TYR A CE1 1 
ATOM   149  C CE2 . TYR A 1 118 ? 0.974   5.864   -7.564  1.00 44.28 ? 118 TYR A CE2 1 
ATOM   150  C CZ  . TYR A 1 118 ? 0.201   6.870   -8.113  1.00 46.52 ? 118 TYR A CZ  1 
ATOM   151  O OH  . TYR A 1 118 ? -0.021  8.028   -7.398  1.00 49.19 ? 118 TYR A OH  1 
ATOM   152  N N   . ARG A 1 119 ? 2.766   1.532   -12.706 1.00 41.63 ? 119 ARG A N   1 
ATOM   153  C CA  . ARG A 1 119 ? 3.265   0.201   -13.015 1.00 42.37 ? 119 ARG A CA  1 
ATOM   154  C C   . ARG A 1 119 ? 4.665   0.324   -13.620 1.00 42.89 ? 119 ARG A C   1 
ATOM   155  O O   . ARG A 1 119 ? 5.336   -0.674  -13.881 1.00 40.45 ? 119 ARG A O   1 
ATOM   156  C CB  . ARG A 1 119 ? 2.287   -0.466  -13.991 1.00 46.37 ? 119 ARG A CB  1 
ATOM   157  C CG  . ARG A 1 119 ? 2.582   -1.907  -14.368 1.00 51.67 ? 119 ARG A CG  1 
ATOM   158  C CD  . ARG A 1 119 ? 1.280   -2.650  -14.703 1.00 52.95 ? 119 ARG A CD  1 
ATOM   159  N NE  . ARG A 1 119 ? 0.490   -1.946  -15.703 1.00 54.62 ? 119 ARG A NE  1 
ATOM   160  C CZ  . ARG A 1 119 ? -0.837  -1.902  -15.702 1.00 57.88 ? 119 ARG A CZ  1 
ATOM   161  N NH1 . ARG A 1 119 ? -1.520  -2.527  -14.752 1.00 56.47 ? 119 ARG A NH1 1 
ATOM   162  N NH2 . ARG A 1 119 ? -1.479  -1.217  -16.640 1.00 59.19 ? 119 ARG A NH2 1 
ATOM   163  N N   . HIS A 1 120 ? 5.112   1.565   -13.815 1.00 41.90 ? 120 HIS A N   1 
ATOM   164  C CA  . HIS A 1 120 ? 6.428   1.816   -14.397 1.00 41.84 ? 120 HIS A CA  1 
ATOM   165  C C   . HIS A 1 120 ? 7.307   2.743   -13.553 1.00 40.81 ? 120 HIS A C   1 
ATOM   166  O O   . HIS A 1 120 ? 8.017   3.595   -14.095 1.00 41.72 ? 120 HIS A O   1 
ATOM   167  C CB  . HIS A 1 120 ? 6.272   2.406   -15.808 1.00 42.13 ? 120 HIS A CB  1 
ATOM   168  C CG  . HIS A 1 120 ? 5.411   1.581   -16.714 1.00 43.48 ? 120 HIS A CG  1 
ATOM   169  N ND1 . HIS A 1 120 ? 5.756   0.307   -17.116 1.00 44.06 ? 120 HIS A ND1 1 
ATOM   170  C CD2 . HIS A 1 120 ? 4.206   1.839   -17.278 1.00 42.77 ? 120 HIS A CD2 1 
ATOM   171  C CE1 . HIS A 1 120 ? 4.802   -0.182  -17.888 1.00 43.56 ? 120 HIS A CE1 1 
ATOM   172  N NE2 . HIS A 1 120 ? 3.849   0.727   -18.002 1.00 45.15 ? 120 HIS A NE2 1 
ATOM   173  N N   . ILE A 1 121 ? 7.272   2.577   -12.233 1.00 38.51 ? 121 ILE A N   1 
ATOM   174  C CA  . ILE A 1 121 ? 8.085   3.407   -11.347 1.00 36.56 ? 121 ILE A CA  1 
ATOM   175  C C   . ILE A 1 121 ? 9.240   2.605   -10.766 1.00 35.86 ? 121 ILE A C   1 
ATOM   176  O O   . ILE A 1 121 ? 9.025   1.583   -10.116 1.00 36.70 ? 121 ILE A O   1 
ATOM   177  C CB  . ILE A 1 121 ? 7.239   3.985   -10.196 1.00 36.15 ? 121 ILE A CB  1 
ATOM   178  C CG1 . ILE A 1 121 ? 6.072   4.785   -10.783 1.00 37.51 ? 121 ILE A CG1 1 
ATOM   179  C CG2 . ILE A 1 121 ? 8.094   4.883   -9.324  1.00 31.13 ? 121 ILE A CG2 1 
ATOM   180  C CD1 . ILE A 1 121 ? 5.166   5.404   -9.757  1.00 39.92 ? 121 ILE A CD1 1 
ATOM   181  N N   . HIS A 1 122 ? 10.465  3.073   -11.002 1.00 34.50 ? 122 HIS A N   1 
ATOM   182  C CA  . HIS A 1 122 ? 11.660  2.389   -10.508 1.00 34.05 ? 122 HIS A CA  1 
ATOM   183  C C   . HIS A 1 122 ? 12.257  3.052   -9.262  1.00 31.99 ? 122 HIS A C   1 
ATOM   184  O O   . HIS A 1 122 ? 12.006  4.225   -8.975  1.00 30.50 ? 122 HIS A O   1 
ATOM   185  C CB  . HIS A 1 122 ? 12.752  2.353   -11.590 1.00 35.92 ? 122 HIS A CB  1 
ATOM   186  C CG  . HIS A 1 122 ? 12.307  1.792   -12.907 1.00 41.80 ? 122 HIS A CG  1 
ATOM   187  N ND1 . HIS A 1 122 ? 11.360  2.407   -13.699 1.00 44.15 ? 122 HIS A ND1 1 
ATOM   188  C CD2 . HIS A 1 122 ? 12.728  0.707   -13.601 1.00 44.46 ? 122 HIS A CD2 1 
ATOM   189  C CE1 . HIS A 1 122 ? 11.219  1.727   -14.823 1.00 45.38 ? 122 HIS A CE1 1 
ATOM   190  N NE2 . HIS A 1 122 ? 12.039  0.691   -14.789 1.00 45.10 ? 122 HIS A NE2 1 
ATOM   191  N N   . LEU A 1 123 ? 13.078  2.300   -8.534  1.00 31.22 ? 123 LEU A N   1 
ATOM   192  C CA  . LEU A 1 123 ? 13.728  2.829   -7.342  1.00 32.87 ? 123 LEU A CA  1 
ATOM   193  C C   . LEU A 1 123 ? 14.543  4.075   -7.666  1.00 32.49 ? 123 LEU A C   1 
ATOM   194  O O   . LEU A 1 123 ? 14.675  4.965   -6.836  1.00 32.22 ? 123 LEU A O   1 
ATOM   195  C CB  . LEU A 1 123 ? 14.663  1.784   -6.730  1.00 32.24 ? 123 LEU A CB  1 
ATOM   196  C CG  . LEU A 1 123 ? 14.020  0.555   -6.098  1.00 33.32 ? 123 LEU A CG  1 
ATOM   197  C CD1 . LEU A 1 123 ? 15.122  -0.405  -5.693  1.00 32.84 ? 123 LEU A CD1 1 
ATOM   198  C CD2 . LEU A 1 123 ? 13.157  0.973   -4.900  1.00 31.31 ? 123 LEU A CD2 1 
ATOM   199  N N   . SER A 1 124 ? 15.109  4.124   -8.866  1.00 33.83 ? 124 SER A N   1 
ATOM   200  C CA  . SER A 1 124 ? 15.920  5.265   -9.284  1.00 33.86 ? 124 SER A CA  1 
ATOM   201  C C   . SER A 1 124 ? 15.125  6.563   -9.433  1.00 36.12 ? 124 SER A C   1 
ATOM   202  O O   . SER A 1 124 ? 15.704  7.649   -9.412  1.00 37.00 ? 124 SER A O   1 
ATOM   203  C CB  . SER A 1 124 ? 16.630  4.943   -10.604 1.00 31.92 ? 124 SER A CB  1 
ATOM   204  O OG  . SER A 1 124 ? 15.726  4.397   -11.556 1.00 34.38 ? 124 SER A OG  1 
ATOM   205  N N   . ASP A 1 125 ? 13.805  6.455   -9.580  1.00 36.37 ? 125 ASP A N   1 
ATOM   206  C CA  . ASP A 1 125 ? 12.956  7.640   -9.731  1.00 36.24 ? 125 ASP A CA  1 
ATOM   207  C C   . ASP A 1 125 ? 12.594  8.268   -8.392  1.00 35.37 ? 125 ASP A C   1 
ATOM   208  O O   . ASP A 1 125 ? 11.975  9.329   -8.359  1.00 34.49 ? 125 ASP A O   1 
ATOM   209  C CB  . ASP A 1 125 ? 11.643  7.298   -10.460 1.00 37.54 ? 125 ASP A CB  1 
ATOM   210  C CG  . ASP A 1 125 ? 11.864  6.791   -11.878 1.00 40.50 ? 125 ASP A CG  1 
ATOM   211  O OD1 . ASP A 1 125 ? 12.609  7.447   -12.653 1.00 37.45 ? 125 ASP A OD1 1 
ATOM   212  O OD2 . ASP A 1 125 ? 11.279  5.736   -12.219 1.00 40.95 ? 125 ASP A OD2 1 
ATOM   213  N N   . ILE A 1 126 ? 12.966  7.611   -7.296  1.00 34.50 ? 126 ILE A N   1 
ATOM   214  C CA  . ILE A 1 126 ? 12.643  8.103   -5.956  1.00 34.78 ? 126 ILE A CA  1 
ATOM   215  C C   . ILE A 1 126 ? 13.721  9.013   -5.366  1.00 35.28 ? 126 ILE A C   1 
ATOM   216  O O   . ILE A 1 126 ? 14.895  8.646   -5.310  1.00 34.86 ? 126 ILE A O   1 
ATOM   217  C CB  . ILE A 1 126 ? 12.420  6.922   -4.971  1.00 34.28 ? 126 ILE A CB  1 
ATOM   218  C CG1 . ILE A 1 126 ? 11.342  5.980   -5.511  1.00 33.70 ? 126 ILE A CG1 1 
ATOM   219  C CG2 . ILE A 1 126 ? 12.047  7.450   -3.606  1.00 33.25 ? 126 ILE A CG2 1 
ATOM   220  C CD1 . ILE A 1 126 ? 10.053  6.671   -5.950  1.00 34.29 ? 126 ILE A CD1 1 
ATOM   221  N N   . ASP A 1 127 ? 13.325  10.200  -4.924  1.00 34.27 ? 127 ASP A N   1 
ATOM   222  C CA  . ASP A 1 127 ? 14.283  11.125  -4.329  1.00 34.03 ? 127 ASP A CA  1 
ATOM   223  C C   . ASP A 1 127 ? 14.524  10.764  -2.872  1.00 34.55 ? 127 ASP A C   1 
ATOM   224  O O   . ASP A 1 127 ? 13.578  10.585  -2.103  1.00 32.81 ? 127 ASP A O   1 
ATOM   225  C CB  . ASP A 1 127 ? 13.786  12.579  -4.398  1.00 35.30 ? 127 ASP A CB  1 
ATOM   226  C CG  . ASP A 1 127 ? 13.897  13.187  -5.804  1.00 35.65 ? 127 ASP A CG  1 
ATOM   227  O OD1 . ASP A 1 127 ? 14.921  12.958  -6.483  1.00 40.23 ? 127 ASP A OD1 1 
ATOM   228  O OD2 . ASP A 1 127 ? 12.967  13.908  -6.216  1.00 36.95 ? 127 ASP A OD2 1 
ATOM   229  N N   . VAL A 1 128 ? 15.797  10.642  -2.510  1.00 32.64 ? 128 VAL A N   1 
ATOM   230  C CA  . VAL A 1 128 ? 16.197  10.331  -1.146  1.00 34.04 ? 128 VAL A CA  1 
ATOM   231  C C   . VAL A 1 128 ? 17.071  11.506  -0.713  1.00 33.89 ? 128 VAL A C   1 
ATOM   232  O O   . VAL A 1 128 ? 18.287  11.391  -0.595  1.00 34.91 ? 128 VAL A O   1 
ATOM   233  C CB  . VAL A 1 128 ? 17.011  9.013   -1.075  1.00 33.26 ? 128 VAL A CB  1 
ATOM   234  C CG1 . VAL A 1 128 ? 17.196  8.595   0.374   1.00 33.00 ? 128 VAL A CG1 1 
ATOM   235  C CG2 . VAL A 1 128 ? 16.301  7.912   -1.856  1.00 33.06 ? 128 VAL A CG2 1 
ATOM   236  N N   . ASN A 1 129 ? 16.423  12.640  -0.476  1.00 34.73 ? 129 ASN A N   1 
ATOM   237  C CA  . ASN A 1 129 ? 17.106  13.867  -0.094  1.00 37.28 ? 129 ASN A CA  1 
ATOM   238  C C   . ASN A 1 129 ? 16.610  14.447  1.239   1.00 38.68 ? 129 ASN A C   1 
ATOM   239  O O   . ASN A 1 129 ? 16.673  15.658  1.460   1.00 40.38 ? 129 ASN A O   1 
ATOM   240  C CB  . ASN A 1 129 ? 16.921  14.887  -1.226  1.00 36.42 ? 129 ASN A CB  1 
ATOM   241  C CG  . ASN A 1 129 ? 15.458  15.029  -1.650  1.00 36.28 ? 129 ASN A CG  1 
ATOM   242  O OD1 . ASN A 1 129 ? 15.134  15.730  -2.619  1.00 36.55 ? 129 ASN A OD1 1 
ATOM   243  N ND2 . ASN A 1 129 ? 14.570  14.360  -0.922  1.00 31.01 ? 129 ASN A ND2 1 
ATOM   244  N N   . ASN A 1 130 ? 16.127  13.574  2.116   1.00 39.22 ? 130 ASN A N   1 
ATOM   245  C CA  . ASN A 1 130 ? 15.603  13.947  3.436   1.00 40.91 ? 130 ASN A CA  1 
ATOM   246  C C   . ASN A 1 130 ? 15.999  12.877  4.422   1.00 40.04 ? 130 ASN A C   1 
ATOM   247  O O   . ASN A 1 130 ? 16.368  11.768  4.038   1.00 38.55 ? 130 ASN A O   1 
ATOM   248  C CB  . ASN A 1 130 ? 14.065  13.955  3.456   1.00 43.79 ? 130 ASN A CB  1 
ATOM   249  C CG  . ASN A 1 130 ? 13.482  15.218  2.919   1.00 47.14 ? 130 ASN A CG  1 
ATOM   250  O OD1 . ASN A 1 130 ? 12.272  15.326  2.745   1.00 46.56 ? 130 ASN A OD1 1 
ATOM   251  N ND2 . ASN A 1 130 ? 14.338  16.198  2.654   1.00 50.28 ? 130 ASN A ND2 1 
ATOM   252  N N   . ALA A 1 131 ? 15.870  13.200  5.700   1.00 39.30 ? 131 ALA A N   1 
ATOM   253  C CA  . ALA A 1 131 ? 16.145  12.227  6.731   1.00 38.38 ? 131 ALA A CA  1 
ATOM   254  C C   . ALA A 1 131 ? 14.956  11.260  6.696   1.00 36.90 ? 131 ALA A C   1 
ATOM   255  O O   . ALA A 1 131 ? 15.138  10.047  6.823   1.00 37.62 ? 131 ALA A O   1 
ATOM   256  C CB  . ALA A 1 131 ? 16.245  12.904  8.089   1.00 38.51 ? 131 ALA A CB  1 
ATOM   257  N N   . SER A 1 132 ? 13.747  11.793  6.501   1.00 34.13 ? 132 SER A N   1 
ATOM   258  C CA  . SER A 1 132 ? 12.548  10.951  6.458   1.00 33.89 ? 132 SER A CA  1 
ATOM   259  C C   . SER A 1 132 ? 12.520  10.029  5.236   1.00 34.42 ? 132 SER A C   1 
ATOM   260  O O   . SER A 1 132 ? 12.089  8.878   5.333   1.00 35.42 ? 132 SER A O   1 
ATOM   261  C CB  . SER A 1 132 ? 11.278  11.801  6.457   1.00 30.89 ? 132 SER A CB  1 
ATOM   262  O OG  . SER A 1 132 ? 10.969  12.250  5.149   1.00 33.37 ? 132 SER A OG  1 
ATOM   263  N N   . ARG A 1 133 ? 12.964  10.533  4.087   1.00 34.27 ? 133 ARG A N   1 
ATOM   264  C CA  . ARG A 1 133 ? 12.986  9.730   2.874   1.00 34.00 ? 133 ARG A CA  1 
ATOM   265  C C   . ARG A 1 133 ? 14.129  8.723   2.940   1.00 32.33 ? 133 ARG A C   1 
ATOM   266  O O   . ARG A 1 133 ? 14.053  7.645   2.363   1.00 30.47 ? 133 ARG A O   1 
ATOM   267  C CB  . ARG A 1 133 ? 13.094  10.635  1.640   1.00 35.42 ? 133 ARG A CB  1 
ATOM   268  C CG  . ARG A 1 133 ? 11.934  11.639  1.580   1.00 39.10 ? 133 ARG A CG  1 
ATOM   269  C CD  . ARG A 1 133 ? 11.858  12.426  0.279   1.00 36.71 ? 133 ARG A CD  1 
ATOM   270  N NE  . ARG A 1 133 ? 11.511  11.529  -0.809  1.00 41.07 ? 133 ARG A NE  1 
ATOM   271  C CZ  . ARG A 1 133 ? 10.349  11.526  -1.442  1.00 39.02 ? 133 ARG A CZ  1 
ATOM   272  N NH1 . ARG A 1 133 ? 9.400   12.389  -1.107  1.00 37.91 ? 133 ARG A NH1 1 
ATOM   273  N NH2 . ARG A 1 133 ? 10.136  10.638  -2.400  1.00 44.45 ? 133 ARG A NH2 1 
ATOM   274  N N   . MET A 1 134 ? 15.176  9.068   3.671   1.00 35.26 ? 134 MET A N   1 
ATOM   275  C CA  . MET A 1 134 ? 16.317  8.171   3.849   1.00 36.94 ? 134 MET A CA  1 
ATOM   276  C C   . MET A 1 134 ? 15.799  6.976   4.647   1.00 37.66 ? 134 MET A C   1 
ATOM   277  O O   . MET A 1 134 ? 16.070  5.829   4.316   1.00 35.32 ? 134 MET A O   1 
ATOM   278  C CB  . MET A 1 134 ? 17.408  8.872   4.647   1.00 41.49 ? 134 MET A CB  1 
ATOM   279  C CG  . MET A 1 134 ? 18.827  8.639   4.162   1.00 47.57 ? 134 MET A CG  1 
ATOM   280  S SD  . MET A 1 134 ? 19.991  9.713   5.079   1.00 55.03 ? 134 MET A SD  1 
ATOM   281  C CE  . MET A 1 134 ? 19.682  11.330  4.318   1.00 49.36 ? 134 MET A CE  1 
ATOM   282  N N   . GLU A 1 135 ? 15.041  7.268   5.700   1.00 37.91 ? 135 GLU A N   1 
ATOM   283  C CA  . GLU A 1 135 ? 14.468  6.240   6.560   1.00 39.47 ? 135 GLU A CA  1 
ATOM   284  C C   . GLU A 1 135 ? 13.454  5.373   5.811   1.00 37.74 ? 135 GLU A C   1 
ATOM   285  O O   . GLU A 1 135 ? 13.562  4.149   5.819   1.00 37.44 ? 135 GLU A O   1 
ATOM   286  C CB  . GLU A 1 135 ? 13.801  6.888   7.783   1.00 41.95 ? 135 GLU A CB  1 
ATOM   287  C CG  . GLU A 1 135 ? 14.776  7.405   8.832   1.00 50.04 ? 135 GLU A CG  1 
ATOM   288  C CD  . GLU A 1 135 ? 14.092  8.207   9.945   1.00 56.28 ? 135 GLU A CD  1 
ATOM   289  O OE1 . GLU A 1 135 ? 13.672  9.362   9.694   1.00 58.86 ? 135 GLU A OE1 1 
ATOM   290  O OE2 . GLU A 1 135 ? 13.970  7.680   11.075  1.00 60.41 ? 135 GLU A OE2 1 
ATOM   291  N N   . ALA A 1 136 ? 12.485  6.006   5.154   1.00 36.31 ? 136 ALA A N   1 
ATOM   292  C CA  . ALA A 1 136 ? 11.468  5.271   4.407   1.00 35.17 ? 136 ALA A CA  1 
ATOM   293  C C   . ALA A 1 136 ? 12.082  4.436   3.279   1.00 33.56 ? 136 ALA A C   1 
ATOM   294  O O   . ALA A 1 136 ? 11.708  3.284   3.082   1.00 32.19 ? 136 ALA A O   1 
ATOM   295  C CB  . ALA A 1 136 ? 10.420  6.233   3.842   1.00 33.82 ? 136 ALA A CB  1 
ATOM   296  N N   . PHE A 1 137 ? 13.030  5.011   2.550   1.00 33.68 ? 137 PHE A N   1 
ATOM   297  C CA  . PHE A 1 137 ? 13.683  4.305   1.448   1.00 32.84 ? 137 PHE A CA  1 
ATOM   298  C C   . PHE A 1 137 ? 14.451  3.109   2.013   1.00 33.71 ? 137 PHE A C   1 
ATOM   299  O O   . PHE A 1 137 ? 14.456  2.018   1.451   1.00 32.63 ? 137 PHE A O   1 
ATOM   300  C CB  . PHE A 1 137 ? 14.635  5.251   0.731   1.00 31.37 ? 137 PHE A CB  1 
ATOM   301  C CG  . PHE A 1 137 ? 15.161  4.716   -0.558  1.00 32.33 ? 137 PHE A CG  1 
ATOM   302  C CD1 . PHE A 1 137 ? 14.331  4.610   -1.670  1.00 30.01 ? 137 PHE A CD1 1 
ATOM   303  C CD2 . PHE A 1 137 ? 16.498  4.349   -0.677  1.00 31.61 ? 137 PHE A CD2 1 
ATOM   304  C CE1 . PHE A 1 137 ? 14.824  4.151   -2.877  1.00 31.54 ? 137 PHE A CE1 1 
ATOM   305  C CE2 . PHE A 1 137 ? 17.001  3.886   -1.891  1.00 33.36 ? 137 PHE A CE2 1 
ATOM   306  C CZ  . PHE A 1 137 ? 16.166  3.788   -2.992  1.00 31.72 ? 137 PHE A CZ  1 
ATOM   307  N N   . SER A 1 138 ? 15.095  3.333   3.145   1.00 34.65 ? 138 SER A N   1 
ATOM   308  C CA  . SER A 1 138 ? 15.855  2.298   3.823   1.00 35.56 ? 138 SER A CA  1 
ATOM   309  C C   . SER A 1 138 ? 14.932  1.112   4.164   1.00 35.79 ? 138 SER A C   1 
ATOM   310  O O   . SER A 1 138 ? 15.291  -0.050  3.947   1.00 35.68 ? 138 SER A O   1 
ATOM   311  C CB  . SER A 1 138 ? 16.481  2.897   5.092   1.00 37.66 ? 138 SER A CB  1 
ATOM   312  O OG  . SER A 1 138 ? 17.111  1.918   5.892   1.00 41.06 ? 138 SER A OG  1 
ATOM   313  N N   . ALA A 1 139 ? 13.741  1.406   4.685   1.00 32.75 ? 139 ALA A N   1 
ATOM   314  C CA  . ALA A 1 139 ? 12.792  0.351   5.042   1.00 33.22 ? 139 ALA A CA  1 
ATOM   315  C C   . ALA A 1 139 ? 12.235  -0.392  3.820   1.00 32.46 ? 139 ALA A C   1 
ATOM   316  O O   . ALA A 1 139 ? 11.981  -1.591  3.876   1.00 33.38 ? 139 ALA A O   1 
ATOM   317  C CB  . ALA A 1 139 ? 11.646  0.932   5.852   1.00 33.22 ? 139 ALA A CB  1 
ATOM   318  N N   . ILE A 1 140 ? 12.027  0.325   2.722   1.00 32.65 ? 140 ILE A N   1 
ATOM   319  C CA  . ILE A 1 140 ? 11.525  -0.297  1.510   1.00 34.01 ? 140 ILE A CA  1 
ATOM   320  C C   . ILE A 1 140 ? 12.571  -1.283  0.953   1.00 33.96 ? 140 ILE A C   1 
ATOM   321  O O   . ILE A 1 140 ? 12.219  -2.334  0.427   1.00 31.89 ? 140 ILE A O   1 
ATOM   322  C CB  . ILE A 1 140 ? 11.155  0.793   0.457   1.00 36.06 ? 140 ILE A CB  1 
ATOM   323  C CG1 . ILE A 1 140 ? 9.641   0.902   0.358   1.00 38.23 ? 140 ILE A CG1 1 
ATOM   324  C CG2 . ILE A 1 140 ? 11.743  0.488   -0.905  1.00 36.23 ? 140 ILE A CG2 1 
ATOM   325  C CD1 . ILE A 1 140 ? 9.003   1.531   1.571   1.00 38.78 ? 140 ILE A CD1 1 
ATOM   326  N N   . LEU A 1 141 ? 13.854  -0.953  1.088   1.00 33.68 ? 141 LEU A N   1 
ATOM   327  C CA  . LEU A 1 141 ? 14.906  -1.836  0.594   1.00 36.03 ? 141 LEU A CA  1 
ATOM   328  C C   . LEU A 1 141 ? 15.047  -3.075  1.471   1.00 35.87 ? 141 LEU A C   1 
ATOM   329  O O   . LEU A 1 141 ? 15.353  -4.156  0.975   1.00 36.10 ? 141 LEU A O   1 
ATOM   330  C CB  . LEU A 1 141 ? 16.249  -1.101  0.515   1.00 35.88 ? 141 LEU A CB  1 
ATOM   331  C CG  . LEU A 1 141 ? 16.307  0.066   -0.468  1.00 36.66 ? 141 LEU A CG  1 
ATOM   332  C CD1 . LEU A 1 141 ? 17.731  0.603   -0.527  1.00 36.95 ? 141 LEU A CD1 1 
ATOM   333  C CD2 . LEU A 1 141 ? 15.849  -0.392  -1.846  1.00 37.29 ? 141 LEU A CD2 1 
ATOM   334  N N   . ASP A 1 142 ? 14.833  -2.918  2.774   1.00 36.64 ? 142 ASP A N   1 
ATOM   335  C CA  . ASP A 1 142 ? 14.914  -4.056  3.682   1.00 37.14 ? 142 ASP A CA  1 
ATOM   336  C C   . ASP A 1 142 ? 13.792  -5.030  3.371   1.00 35.65 ? 142 ASP A C   1 
ATOM   337  O O   . ASP A 1 142 ? 13.986  -6.246  3.401   1.00 35.82 ? 142 ASP A O   1 
ATOM   338  C CB  . ASP A 1 142 ? 14.776  -3.620  5.140   1.00 37.59 ? 142 ASP A CB  1 
ATOM   339  C CG  . ASP A 1 142 ? 15.993  -2.868  5.642   1.00 42.78 ? 142 ASP A CG  1 
ATOM   340  O OD1 . ASP A 1 142 ? 17.127  -3.197  5.197   1.00 38.79 ? 142 ASP A OD1 1 
ATOM   341  O OD2 . ASP A 1 142 ? 15.811  -1.961  6.492   1.00 42.25 ? 142 ASP A OD2 1 
ATOM   342  N N   . PHE A 1 143 ? 12.616  -4.489  3.074   1.00 34.29 ? 143 PHE A N   1 
ATOM   343  C CA  . PHE A 1 143 ? 11.464  -5.318  2.776   1.00 34.61 ? 143 PHE A CA  1 
ATOM   344  C C   . PHE A 1 143 ? 11.713  -6.182  1.549   1.00 35.67 ? 143 PHE A C   1 
ATOM   345  O O   . PHE A 1 143 ? 11.489  -7.388  1.576   1.00 37.22 ? 143 PHE A O   1 
ATOM   346  C CB  . PHE A 1 143 ? 10.219  -4.467  2.534   1.00 32.64 ? 143 PHE A CB  1 
ATOM   347  C CG  . PHE A 1 143 ? 8.969   -5.285  2.383   1.00 32.55 ? 143 PHE A CG  1 
ATOM   348  C CD1 . PHE A 1 143 ? 8.208   -5.625  3.496   1.00 28.05 ? 143 PHE A CD1 1 
ATOM   349  C CD2 . PHE A 1 143 ? 8.592   -5.775  1.131   1.00 29.94 ? 143 PHE A CD2 1 
ATOM   350  C CE1 . PHE A 1 143 ? 7.090   -6.448  3.367   1.00 29.88 ? 143 PHE A CE1 1 
ATOM   351  C CE2 . PHE A 1 143 ? 7.481   -6.593  0.990   1.00 28.30 ? 143 PHE A CE2 1 
ATOM   352  C CZ  . PHE A 1 143 ? 6.724   -6.935  2.114   1.00 29.92 ? 143 PHE A CZ  1 
ATOM   353  N N   . VAL A 1 144 ? 12.163  -5.559  0.468   1.00 36.34 ? 144 VAL A N   1 
ATOM   354  C CA  . VAL A 1 144 ? 12.440  -6.290  -0.760  1.00 38.33 ? 144 VAL A CA  1 
ATOM   355  C C   . VAL A 1 144 ? 13.531  -7.338  -0.531  1.00 40.80 ? 144 VAL A C   1 
ATOM   356  O O   . VAL A 1 144 ? 13.398  -8.488  -0.935  1.00 42.22 ? 144 VAL A O   1 
ATOM   357  C CB  . VAL A 1 144 ? 12.893  -5.334  -1.882  1.00 36.79 ? 144 VAL A CB  1 
ATOM   358  C CG1 . VAL A 1 144 ? 13.389  -6.125  -3.079  1.00 37.83 ? 144 VAL A CG1 1 
ATOM   359  C CG2 . VAL A 1 144 ? 11.747  -4.438  -2.287  1.00 36.18 ? 144 VAL A CG2 1 
ATOM   360  N N   . GLU A 1 145 ? 14.600  -6.930  0.135   1.00 41.77 ? 145 GLU A N   1 
ATOM   361  C CA  . GLU A 1 145 ? 15.728  -7.811  0.400   1.00 45.51 ? 145 GLU A CA  1 
ATOM   362  C C   . GLU A 1 145 ? 15.361  -9.004  1.296   1.00 46.24 ? 145 GLU A C   1 
ATOM   363  O O   . GLU A 1 145 ? 15.813  -10.129 1.068   1.00 46.20 ? 145 GLU A O   1 
ATOM   364  C CB  . GLU A 1 145 ? 16.851  -6.983  1.035   1.00 47.58 ? 145 GLU A CB  1 
ATOM   365  C CG  . GLU A 1 145 ? 18.236  -7.573  0.932   1.00 50.57 ? 145 GLU A CG  1 
ATOM   366  C CD  . GLU A 1 145 ? 19.309  -6.678  1.553   1.00 52.22 ? 145 GLU A CD  1 
ATOM   367  O OE1 . GLU A 1 145 ? 20.484  -7.102  1.588   1.00 52.30 ? 145 GLU A OE1 1 
ATOM   368  O OE2 . GLU A 1 145 ? 18.985  -5.557  2.006   1.00 49.69 ? 145 GLU A OE2 1 
ATOM   369  N N   . GLN A 1 146 ? 14.522  -8.757  2.299   1.00 46.88 ? 146 GLN A N   1 
ATOM   370  C CA  . GLN A 1 146 ? 14.110  -9.794  3.241   1.00 47.64 ? 146 GLN A CA  1 
ATOM   371  C C   . GLN A 1 146 ? 12.841  -10.582 2.878   1.00 47.55 ? 146 GLN A C   1 
ATOM   372  O O   . GLN A 1 146 ? 12.416  -11.444 3.637   1.00 46.97 ? 146 GLN A O   1 
ATOM   373  C CB  . GLN A 1 146 ? 13.947  -9.167  4.628   1.00 47.76 ? 146 GLN A CB  1 
ATOM   374  C CG  . GLN A 1 146 ? 15.240  -8.607  5.179   1.00 50.41 ? 146 GLN A CG  1 
ATOM   375  C CD  . GLN A 1 146 ? 15.037  -7.617  6.315   1.00 52.99 ? 146 GLN A CD  1 
ATOM   376  O OE1 . GLN A 1 146 ? 15.983  -6.950  6.737   1.00 54.29 ? 146 GLN A OE1 1 
ATOM   377  N NE2 . GLN A 1 146 ? 13.806  -7.511  6.813   1.00 51.03 ? 146 GLN A NE2 1 
ATOM   378  N N   . TYR A 1 147 ? 12.244  -10.300 1.725   1.00 47.95 ? 147 TYR A N   1 
ATOM   379  C CA  . TYR A 1 147 ? 11.030  -11.002 1.321   1.00 47.82 ? 147 TYR A CA  1 
ATOM   380  C C   . TYR A 1 147 ? 11.293  -12.400 0.751   1.00 50.19 ? 147 TYR A C   1 
ATOM   381  O O   . TYR A 1 147 ? 12.112  -12.573 -0.150  1.00 50.40 ? 147 TYR A O   1 
ATOM   382  C CB  . TYR A 1 147 ? 10.255  -10.177 0.291   1.00 44.77 ? 147 TYR A CB  1 
ATOM   383  C CG  . TYR A 1 147 ? 8.950   -10.814 -0.119  1.00 43.02 ? 147 TYR A CG  1 
ATOM   384  C CD1 . TYR A 1 147 ? 8.904   -11.772 -1.133  1.00 40.91 ? 147 TYR A CD1 1 
ATOM   385  C CD2 . TYR A 1 147 ? 7.768   -10.513 0.559   1.00 42.13 ? 147 TYR A CD2 1 
ATOM   386  C CE1 . TYR A 1 147 ? 7.713   -12.417 -1.459  1.00 40.97 ? 147 TYR A CE1 1 
ATOM   387  C CE2 . TYR A 1 147 ? 6.571   -11.154 0.248   1.00 42.16 ? 147 TYR A CE2 1 
ATOM   388  C CZ  . TYR A 1 147 ? 6.550   -12.105 -0.760  1.00 41.92 ? 147 TYR A CZ  1 
ATOM   389  O OH  . TYR A 1 147 ? 5.372   -12.750 -1.054  1.00 40.07 ? 147 TYR A OH  1 
ATOM   390  N N   . PRO A 1 148 ? 10.586  -13.421 1.266   1.00 53.03 ? 148 PRO A N   1 
ATOM   391  C CA  . PRO A 1 148 ? 9.584   -13.324 2.332   1.00 54.74 ? 148 PRO A CA  1 
ATOM   392  C C   . PRO A 1 148 ? 10.168  -13.609 3.714   1.00 55.51 ? 148 PRO A C   1 
ATOM   393  O O   . PRO A 1 148 ? 11.124  -14.370 3.850   1.00 55.36 ? 148 PRO A O   1 
ATOM   394  C CB  . PRO A 1 148 ? 8.566   -14.377 1.926   1.00 54.90 ? 148 PRO A CB  1 
ATOM   395  C CG  . PRO A 1 148 ? 9.462   -15.472 1.421   1.00 53.79 ? 148 PRO A CG  1 
ATOM   396  C CD  . PRO A 1 148 ? 10.476  -14.719 0.572   1.00 53.10 ? 148 PRO A CD  1 
ATOM   397  N N   . SER A 1 149 ? 9.588   -12.986 4.734   1.00 57.21 ? 149 SER A N   1 
ATOM   398  C CA  . SER A 1 149 ? 10.026  -13.175 6.110   1.00 57.76 ? 149 SER A CA  1 
ATOM   399  C C   . SER A 1 149 ? 8.842   -13.656 6.916   1.00 58.81 ? 149 SER A C   1 
ATOM   400  O O   . SER A 1 149 ? 7.710   -13.650 6.434   1.00 58.25 ? 149 SER A O   1 
ATOM   401  C CB  . SER A 1 149 ? 10.539  -11.868 6.710   1.00 58.37 ? 149 SER A CB  1 
ATOM   402  O OG  . SER A 1 149 ? 11.759  -11.484 6.109   1.00 59.93 ? 149 SER A OG  1 
ATOM   403  N N   . ALA A 1 150 ? 9.111   -14.058 8.151   1.00 61.47 ? 150 ALA A N   1 
ATOM   404  C CA  . ALA A 1 150 ? 8.079   -14.571 9.040   1.00 63.93 ? 150 ALA A CA  1 
ATOM   405  C C   . ALA A 1 150 ? 6.813   -13.709 9.077   1.00 65.74 ? 150 ALA A C   1 
ATOM   406  O O   . ALA A 1 150 ? 5.844   -13.971 8.353   1.00 65.92 ? 150 ALA A O   1 
ATOM   407  C CB  . ALA A 1 150 ? 8.652   -14.726 10.445  1.00 63.66 ? 150 ALA A CB  1 
ATOM   408  N N   . GLU A 1 151 ? 6.827   -12.685 9.925   1.00 66.93 ? 151 GLU A N   1 
ATOM   409  C CA  . GLU A 1 151 ? 5.684   -11.788 10.080  1.00 68.64 ? 151 GLU A CA  1 
ATOM   410  C C   . GLU A 1 151 ? 6.002   -10.420 9.478   1.00 67.53 ? 151 GLU A C   1 
ATOM   411  O O   . GLU A 1 151 ? 5.460   -9.399  9.910   1.00 68.25 ? 151 GLU A O   1 
ATOM   412  C CB  . GLU A 1 151 ? 5.349   -11.629 11.568  1.00 71.86 ? 151 GLU A CB  1 
ATOM   413  C CG  . GLU A 1 151 ? 6.487   -11.007 12.389  1.00 75.14 ? 151 GLU A CG  1 
ATOM   414  C CD  . GLU A 1 151 ? 7.728   -11.892 12.453  1.00 77.43 ? 151 GLU A CD  1 
ATOM   415  O OE1 . GLU A 1 151 ? 7.791   -12.765 13.350  1.00 78.49 ? 151 GLU A OE1 1 
ATOM   416  O OE2 . GLU A 1 151 ? 8.630   -11.724 11.597  1.00 77.60 ? 151 GLU A OE2 1 
ATOM   417  N N   . GLN A 1 152 ? 6.895   -10.416 8.491   1.00 64.71 ? 152 GLN A N   1 
ATOM   418  C CA  . GLN A 1 152 ? 7.317   -9.200  7.802   1.00 60.58 ? 152 GLN A CA  1 
ATOM   419  C C   . GLN A 1 152 ? 6.163   -8.200  7.728   1.00 57.15 ? 152 GLN A C   1 
ATOM   420  O O   . GLN A 1 152 ? 5.104   -8.494  7.178   1.00 55.78 ? 152 GLN A O   1 
ATOM   421  C CB  . GLN A 1 152 ? 7.812   -9.567  6.399   1.00 61.20 ? 152 GLN A CB  1 
ATOM   422  C CG  . GLN A 1 152 ? 8.382   -8.417  5.601   1.00 62.38 ? 152 GLN A CG  1 
ATOM   423  C CD  . GLN A 1 152 ? 8.988   -8.872  4.282   1.00 63.74 ? 152 GLN A CD  1 
ATOM   424  O OE1 . GLN A 1 152 ? 8.363   -9.618  3.523   1.00 63.81 ? 152 GLN A OE1 1 
ATOM   425  N NE2 . GLN A 1 152 ? 10.208  -8.416  4.000   1.00 62.30 ? 152 GLN A NE2 1 
ATOM   426  N N   . LYS A 1 153 ? 6.375   -7.020  8.300   1.00 54.23 ? 153 LYS A N   1 
ATOM   427  C CA  . LYS A 1 153 ? 5.353   -5.980  8.328   1.00 50.50 ? 153 LYS A CA  1 
ATOM   428  C C   . LYS A 1 153 ? 5.488   -4.989  7.182   1.00 47.57 ? 153 LYS A C   1 
ATOM   429  O O   . LYS A 1 153 ? 6.583   -4.733  6.698   1.00 46.31 ? 153 LYS A O   1 
ATOM   430  C CB  . LYS A 1 153 ? 5.421   -5.222  9.652   1.00 50.48 ? 153 LYS A CB  1 
ATOM   431  C CG  . LYS A 1 153 ? 5.200   -6.082  10.884  1.00 52.57 ? 153 LYS A CG  1 
ATOM   432  C CD  . LYS A 1 153 ? 3.891   -6.863  10.799  1.00 55.13 ? 153 LYS A CD  1 
ATOM   433  C CE  . LYS A 1 153 ? 3.504   -7.427  12.161  1.00 56.87 ? 153 LYS A CE  1 
ATOM   434  N NZ  . LYS A 1 153 ? 4.667   -8.057  12.845  1.00 58.78 ? 153 LYS A NZ  1 
ATOM   435  N N   . GLY A 1 154 ? 4.363   -4.425  6.762   1.00 43.79 ? 154 GLY A N   1 
ATOM   436  C CA  . GLY A 1 154 ? 4.390   -3.457  5.687   1.00 40.76 ? 154 GLY A CA  1 
ATOM   437  C C   . GLY A 1 154 ? 4.640   -2.079  6.254   1.00 38.83 ? 154 GLY A C   1 
ATOM   438  O O   . GLY A 1 154 ? 5.042   -1.936  7.405   1.00 38.33 ? 154 GLY A O   1 
ATOM   439  N N   . LEU A 1 155 ? 4.397   -1.059  5.449   1.00 38.43 ? 155 LEU A N   1 
ATOM   440  C CA  . LEU A 1 155 ? 4.589   0.312   5.891   1.00 37.78 ? 155 LEU A CA  1 
ATOM   441  C C   . LEU A 1 155 ? 3.323   1.148   5.758   1.00 35.21 ? 155 LEU A C   1 
ATOM   442  O O   . LEU A 1 155 ? 2.522   0.946   4.849   1.00 33.97 ? 155 LEU A O   1 
ATOM   443  C CB  . LEU A 1 155 ? 5.706   0.984   5.085   1.00 40.32 ? 155 LEU A CB  1 
ATOM   444  C CG  . LEU A 1 155 ? 7.167   0.737   5.467   1.00 44.82 ? 155 LEU A CG  1 
ATOM   445  C CD1 . LEU A 1 155 ? 7.555   -0.715  5.224   1.00 45.81 ? 155 LEU A CD1 1 
ATOM   446  C CD2 . LEU A 1 155 ? 8.045   1.651   4.628   1.00 46.73 ? 155 LEU A CD2 1 
ATOM   447  N N   . TYR A 1 156 ? 3.145   2.072   6.690   1.00 33.11 ? 156 TYR A N   1 
ATOM   448  C CA  . TYR A 1 156 ? 2.028   3.002   6.670   1.00 31.67 ? 156 TYR A CA  1 
ATOM   449  C C   . TYR A 1 156 ? 2.727   4.349   6.439   1.00 30.86 ? 156 TYR A C   1 
ATOM   450  O O   . TYR A 1 156 ? 3.339   4.910   7.355   1.00 29.25 ? 156 TYR A O   1 
ATOM   451  C CB  . TYR A 1 156 ? 1.283   2.981   8.012   1.00 34.37 ? 156 TYR A CB  1 
ATOM   452  C CG  . TYR A 1 156 ? 0.125   3.968   8.128   1.00 35.17 ? 156 TYR A CG  1 
ATOM   453  C CD1 . TYR A 1 156 ? 0.348   5.301   8.478   1.00 36.16 ? 156 TYR A CD1 1 
ATOM   454  C CD2 . TYR A 1 156 ? -1.195  3.560   7.904   1.00 33.73 ? 156 TYR A CD2 1 
ATOM   455  C CE1 . TYR A 1 156 ? -0.705  6.198   8.612   1.00 35.54 ? 156 TYR A CE1 1 
ATOM   456  C CE2 . TYR A 1 156 ? -2.256  4.448   8.030   1.00 33.73 ? 156 TYR A CE2 1 
ATOM   457  C CZ  . TYR A 1 156 ? -2.003  5.767   8.387   1.00 36.09 ? 156 TYR A CZ  1 
ATOM   458  O OH  . TYR A 1 156 ? -3.046  6.658   8.533   1.00 35.58 ? 156 TYR A OH  1 
ATOM   459  N N   . LEU A 1 157 ? 2.677   4.830   5.196   1.00 30.06 ? 157 LEU A N   1 
ATOM   460  C CA  . LEU A 1 157 ? 3.313   6.090   4.816   1.00 30.25 ? 157 LEU A CA  1 
ATOM   461  C C   . LEU A 1 157 ? 2.326   7.230   4.797   1.00 29.73 ? 157 LEU A C   1 
ATOM   462  O O   . LEU A 1 157 ? 1.367   7.216   4.027   1.00 31.90 ? 157 LEU A O   1 
ATOM   463  C CB  . LEU A 1 157 ? 3.926   6.002   3.412   1.00 33.26 ? 157 LEU A CB  1 
ATOM   464  C CG  . LEU A 1 157 ? 5.248   5.280   3.209   1.00 36.05 ? 157 LEU A CG  1 
ATOM   465  C CD1 . LEU A 1 157 ? 5.639   5.344   1.740   1.00 36.22 ? 157 LEU A CD1 1 
ATOM   466  C CD2 . LEU A 1 157 ? 6.307   5.936   4.063   1.00 38.01 ? 157 LEU A CD2 1 
ATOM   467  N N   . TYR A 1 158 ? 2.565   8.241   5.610   1.00 30.05 ? 158 TYR A N   1 
ATOM   468  C CA  . TYR A 1 158 ? 1.652   9.360   5.598   1.00 32.83 ? 158 TYR A CA  1 
ATOM   469  C C   . TYR A 1 158 ? 2.399   10.685  5.477   1.00 33.89 ? 158 TYR A C   1 
ATOM   470  O O   . TYR A 1 158 ? 3.558   10.800  5.879   1.00 32.40 ? 158 TYR A O   1 
ATOM   471  C CB  . TYR A 1 158 ? 0.777   9.323   6.853   1.00 32.19 ? 158 TYR A CB  1 
ATOM   472  C CG  . TYR A 1 158 ? 1.431   9.880   8.090   1.00 33.23 ? 158 TYR A CG  1 
ATOM   473  C CD1 . TYR A 1 158 ? 1.285   11.226  8.426   1.00 36.41 ? 158 TYR A CD1 1 
ATOM   474  C CD2 . TYR A 1 158 ? 2.184   9.065   8.932   1.00 32.38 ? 158 TYR A CD2 1 
ATOM   475  C CE1 . TYR A 1 158 ? 1.874   11.751  9.571   1.00 37.79 ? 158 TYR A CE1 1 
ATOM   476  C CE2 . TYR A 1 158 ? 2.777   9.577   10.078  1.00 36.40 ? 158 TYR A CE2 1 
ATOM   477  C CZ  . TYR A 1 158 ? 2.617   10.925  10.390  1.00 37.93 ? 158 TYR A CZ  1 
ATOM   478  O OH  . TYR A 1 158 ? 3.214   11.457  11.508  1.00 41.92 ? 158 TYR A OH  1 
ATOM   479  N N   . GLY A 1 159 ? 1.720   11.680  4.915   1.00 36.89 ? 159 GLY A N   1 
ATOM   480  C CA  . GLY A 1 159 ? 2.317   12.991  4.733   1.00 39.36 ? 159 GLY A CA  1 
ATOM   481  C C   . GLY A 1 159 ? 1.446   13.809  3.797   1.00 42.52 ? 159 GLY A C   1 
ATOM   482  O O   . GLY A 1 159 ? 0.364   13.359  3.404   1.00 43.14 ? 159 GLY A O   1 
ATOM   483  N N   . ASP A 1 160 ? 1.909   14.999  3.434   1.00 43.44 ? 160 ASP A N   1 
ATOM   484  C CA  . ASP A 1 160 ? 1.147   15.863  2.551   1.00 45.83 ? 160 ASP A CA  1 
ATOM   485  C C   . ASP A 1 160 ? 0.792   15.193  1.228   1.00 46.75 ? 160 ASP A C   1 
ATOM   486  O O   . ASP A 1 160 ? 1.422   14.222  0.805   1.00 46.95 ? 160 ASP A O   1 
ATOM   487  C CB  . ASP A 1 160 ? 1.910   17.167  2.286   1.00 48.05 ? 160 ASP A CB  1 
ATOM   488  C CG  . ASP A 1 160 ? 2.193   17.950  3.562   1.00 51.65 ? 160 ASP A CG  1 
ATOM   489  O OD1 . ASP A 1 160 ? 1.679   17.562  4.640   1.00 50.23 ? 160 ASP A OD1 1 
ATOM   490  O OD2 . ASP A 1 160 ? 2.931   18.959  3.484   1.00 54.22 ? 160 ASP A OD2 1 
ATOM   491  N N   . MET A 1 161 ? -0.228  15.738  0.580   1.00 47.36 ? 161 MET A N   1 
ATOM   492  C CA  . MET A 1 161 ? -0.721  15.221  -0.678  1.00 47.40 ? 161 MET A CA  1 
ATOM   493  C C   . MET A 1 161 ? 0.232   15.552  -1.830  1.00 46.03 ? 161 MET A C   1 
ATOM   494  O O   . MET A 1 161 ? 0.794   16.651  -1.894  1.00 47.60 ? 161 MET A O   1 
ATOM   495  C CB  . MET A 1 161 ? -2.107  15.816  -0.930  1.00 50.84 ? 161 MET A CB  1 
ATOM   496  C CG  . MET A 1 161 ? -2.908  15.163  -2.045  1.00 56.32 ? 161 MET A CG  1 
ATOM   497  S SD  . MET A 1 161 ? -4.607  15.832  -2.118  1.00 62.25 ? 161 MET A SD  1 
ATOM   498  C CE  . MET A 1 161 ? -4.346  17.268  -3.197  1.00 60.63 ? 161 MET A CE  1 
ATOM   499  N N   . GLY A 1 162 ? 0.434   14.584  -2.719  1.00 41.24 ? 162 GLY A N   1 
ATOM   500  C CA  . GLY A 1 162 ? 1.295   14.794  -3.869  1.00 38.53 ? 162 GLY A CA  1 
ATOM   501  C C   . GLY A 1 162 ? 2.806   14.758  -3.712  1.00 38.28 ? 162 GLY A C   1 
ATOM   502  O O   . GLY A 1 162 ? 3.502   15.130  -4.650  1.00 37.47 ? 162 GLY A O   1 
ATOM   503  N N   . ILE A 1 163 ? 3.334   14.310  -2.572  1.00 35.73 ? 163 ILE A N   1 
ATOM   504  C CA  . ILE A 1 163 ? 4.789   14.260  -2.397  1.00 33.38 ? 163 ILE A CA  1 
ATOM   505  C C   . ILE A 1 163 ? 5.463   12.972  -2.878  1.00 31.01 ? 163 ILE A C   1 
ATOM   506  O O   . ILE A 1 163 ? 6.683   12.860  -2.835  1.00 34.16 ? 163 ILE A O   1 
ATOM   507  C CB  . ILE A 1 163 ? 5.207   14.513  -0.920  1.00 32.02 ? 163 ILE A CB  1 
ATOM   508  C CG1 . ILE A 1 163 ? 4.696   13.379  -0.025  1.00 32.11 ? 163 ILE A CG1 1 
ATOM   509  C CG2 . ILE A 1 163 ? 4.662   15.861  -0.447  1.00 29.22 ? 163 ILE A CG2 1 
ATOM   510  C CD1 . ILE A 1 163 ? 5.123   13.510  1.436   1.00 28.33 ? 163 ILE A CD1 1 
ATOM   511  N N   . GLY A 1 164 ? 4.676   12.008  -3.343  1.00 29.26 ? 164 GLY A N   1 
ATOM   512  C CA  . GLY A 1 164 ? 5.250   10.767  -3.838  1.00 28.34 ? 164 GLY A CA  1 
ATOM   513  C C   . GLY A 1 164 ? 5.190   9.567   -2.897  1.00 28.80 ? 164 GLY A C   1 
ATOM   514  O O   . GLY A 1 164 ? 5.960   8.622   -3.049  1.00 29.45 ? 164 GLY A O   1 
ATOM   515  N N   . LYS A 1 165 ? 4.280   9.577   -1.928  1.00 28.64 ? 165 LYS A N   1 
ATOM   516  C CA  . LYS A 1 165 ? 4.204   8.443   -1.017  1.00 29.16 ? 165 LYS A CA  1 
ATOM   517  C C   . LYS A 1 165 ? 3.814   7.187   -1.780  1.00 29.90 ? 165 LYS A C   1 
ATOM   518  O O   . LYS A 1 165 ? 4.406   6.130   -1.581  1.00 30.02 ? 165 LYS A O   1 
ATOM   519  C CB  . LYS A 1 165 ? 3.212   8.727   0.113   1.00 25.74 ? 165 LYS A CB  1 
ATOM   520  C CG  . LYS A 1 165 ? 3.693   9.833   1.058   1.00 24.74 ? 165 LYS A CG  1 
ATOM   521  C CD  . LYS A 1 165 ? 2.775   10.000  2.258   1.00 26.06 ? 165 LYS A CD  1 
ATOM   522  C CE  . LYS A 1 165 ? 1.323   10.198  1.835   1.00 26.55 ? 165 LYS A CE  1 
ATOM   523  N NZ  . LYS A 1 165 ? 1.127   11.373  0.917   1.00 26.89 ? 165 LYS A NZ  1 
ATOM   524  N N   . SER A 1 166 ? 2.834   7.313   -2.672  1.00 29.73 ? 166 SER A N   1 
ATOM   525  C CA  . SER A 1 166 ? 2.389   6.170   -3.459  1.00 31.66 ? 166 SER A CA  1 
ATOM   526  C C   . SER A 1 166 ? 3.458   5.728   -4.466  1.00 31.83 ? 166 SER A C   1 
ATOM   527  O O   . SER A 1 166 ? 3.592   4.539   -4.765  1.00 32.60 ? 166 SER A O   1 
ATOM   528  C CB  . SER A 1 166 ? 1.069   6.498   -4.182  1.00 32.75 ? 166 SER A CB  1 
ATOM   529  O OG  . SER A 1 166 ? 1.211   7.599   -5.076  1.00 36.37 ? 166 SER A OG  1 
ATOM   530  N N   . TYR A 1 167 ? 4.221   6.682   -4.985  1.00 33.24 ? 167 TYR A N   1 
ATOM   531  C CA  . TYR A 1 167 ? 5.283   6.377   -5.945  1.00 35.42 ? 167 TYR A CA  1 
ATOM   532  C C   . TYR A 1 167 ? 6.364   5.501   -5.318  1.00 34.24 ? 167 TYR A C   1 
ATOM   533  O O   . TYR A 1 167 ? 6.811   4.518   -5.920  1.00 32.24 ? 167 TYR A O   1 
ATOM   534  C CB  . TYR A 1 167 ? 5.905   7.677   -6.464  1.00 40.08 ? 167 TYR A CB  1 
ATOM   535  C CG  . TYR A 1 167 ? 5.171   8.283   -7.642  1.00 45.35 ? 167 TYR A CG  1 
ATOM   536  C CD1 . TYR A 1 167 ? 3.785   8.197   -7.749  1.00 49.05 ? 167 TYR A CD1 1 
ATOM   537  C CD2 . TYR A 1 167 ? 5.861   8.968   -8.635  1.00 48.84 ? 167 TYR A CD2 1 
ATOM   538  C CE1 . TYR A 1 167 ? 3.105   8.778   -8.817  1.00 51.51 ? 167 TYR A CE1 1 
ATOM   539  C CE2 . TYR A 1 167 ? 5.191   9.558   -9.707  1.00 52.72 ? 167 TYR A CE2 1 
ATOM   540  C CZ  . TYR A 1 167 ? 3.814   9.458   -9.791  1.00 53.29 ? 167 TYR A CZ  1 
ATOM   541  O OH  . TYR A 1 167 ? 3.150   10.046  -10.849 1.00 55.38 ? 167 TYR A OH  1 
ATOM   542  N N   . LEU A 1 168 ? 6.776   5.871   -4.107  1.00 33.68 ? 168 LEU A N   1 
ATOM   543  C CA  . LEU A 1 168 ? 7.791   5.139   -3.351  1.00 33.18 ? 168 LEU A CA  1 
ATOM   544  C C   . LEU A 1 168 ? 7.373   3.664   -3.216  1.00 32.72 ? 168 LEU A C   1 
ATOM   545  O O   . LEU A 1 168 ? 8.166   2.753   -3.451  1.00 33.44 ? 168 LEU A O   1 
ATOM   546  C CB  . LEU A 1 168 ? 7.934   5.762   -1.960  1.00 31.64 ? 168 LEU A CB  1 
ATOM   547  C CG  . LEU A 1 168 ? 9.154   5.516   -1.071  1.00 35.29 ? 168 LEU A CG  1 
ATOM   548  C CD1 . LEU A 1 168 ? 8.681   5.478   0.369   1.00 34.99 ? 168 LEU A CD1 1 
ATOM   549  C CD2 . LEU A 1 168 ? 9.857   4.218   -1.410  1.00 34.83 ? 168 LEU A CD2 1 
ATOM   550  N N   . LEU A 1 169 ? 6.124   3.445   -2.823  1.00 32.44 ? 169 LEU A N   1 
ATOM   551  C CA  . LEU A 1 169 ? 5.583   2.101   -2.658  1.00 32.05 ? 169 LEU A CA  1 
ATOM   552  C C   . LEU A 1 169 ? 5.462   1.395   -4.007  1.00 32.03 ? 169 LEU A C   1 
ATOM   553  O O   . LEU A 1 169 ? 5.658   0.184   -4.103  1.00 29.36 ? 169 LEU A O   1 
ATOM   554  C CB  . LEU A 1 169 ? 4.224   2.179   -1.952  1.00 31.35 ? 169 LEU A CB  1 
ATOM   555  C CG  . LEU A 1 169 ? 4.185   1.865   -0.449  1.00 33.03 ? 169 LEU A CG  1 
ATOM   556  C CD1 . LEU A 1 169 ? 5.444   2.353   0.242   1.00 30.81 ? 169 LEU A CD1 1 
ATOM   557  C CD2 . LEU A 1 169 ? 2.935   2.487   0.169   1.00 31.89 ? 169 LEU A CD2 1 
ATOM   558  N N   . ALA A 1 170 ? 5.149   2.153   -5.052  1.00 32.30 ? 170 ALA A N   1 
ATOM   559  C CA  . ALA A 1 170 ? 5.055   1.569   -6.385  1.00 32.07 ? 170 ALA A CA  1 
ATOM   560  C C   . ALA A 1 170 ? 6.454   1.122   -6.831  1.00 33.25 ? 170 ALA A C   1 
ATOM   561  O O   . ALA A 1 170 ? 6.608   0.102   -7.526  1.00 34.06 ? 170 ALA A O   1 
ATOM   562  C CB  . ALA A 1 170 ? 4.493   2.573   -7.360  1.00 32.11 ? 170 ALA A CB  1 
ATOM   563  N N   . ALA A 1 171 ? 7.475   1.880   -6.437  1.00 31.68 ? 171 ALA A N   1 
ATOM   564  C CA  . ALA A 1 171 ? 8.841   1.524   -6.804  1.00 32.41 ? 171 ALA A CA  1 
ATOM   565  C C   . ALA A 1 171 ? 9.231   0.226   -6.102  1.00 31.20 ? 171 ALA A C   1 
ATOM   566  O O   . ALA A 1 171 ? 9.992   -0.590  -6.640  1.00 28.91 ? 171 ALA A O   1 
ATOM   567  C CB  . ALA A 1 171 ? 9.800   2.634   -6.415  1.00 31.90 ? 171 ALA A CB  1 
ATOM   568  N N   . MET A 1 172 ? 8.721   0.048   -4.888  1.00 29.03 ? 172 MET A N   1 
ATOM   569  C CA  . MET A 1 172 ? 8.995   -1.163  -4.116  1.00 30.33 ? 172 MET A CA  1 
ATOM   570  C C   . MET A 1 172 ? 8.343   -2.341  -4.847  1.00 31.13 ? 172 MET A C   1 
ATOM   571  O O   . MET A 1 172 ? 8.949   -3.401  -4.979  1.00 34.12 ? 172 MET A O   1 
ATOM   572  C CB  . MET A 1 172 ? 8.416   -1.046  -2.697  1.00 26.25 ? 172 MET A CB  1 
ATOM   573  C CG  . MET A 1 172 ? 8.698   -2.234  -1.795  1.00 25.18 ? 172 MET A CG  1 
ATOM   574  S SD  . MET A 1 172 ? 7.682   -2.230  -0.283  1.00 22.59 ? 172 MET A SD  1 
ATOM   575  C CE  . MET A 1 172 ? 6.038   -2.566  -1.007  1.00 26.50 ? 172 MET A CE  1 
ATOM   576  N N   . ALA A 1 173 ? 7.116   -2.147  -5.329  1.00 30.89 ? 173 ALA A N   1 
ATOM   577  C CA  . ALA A 1 173 ? 6.399   -3.204  -6.050  1.00 31.74 ? 173 ALA A CA  1 
ATOM   578  C C   . ALA A 1 173 ? 7.144   -3.592  -7.329  1.00 32.05 ? 173 ALA A C   1 
ATOM   579  O O   . ALA A 1 173 ? 7.194   -4.763  -7.703  1.00 32.21 ? 173 ALA A O   1 
ATOM   580  C CB  . ALA A 1 173 ? 4.974   -2.747  -6.399  1.00 27.64 ? 173 ALA A CB  1 
ATOM   581  N N   . HIS A 1 174 ? 7.715   -2.599  -7.999  1.00 32.65 ? 174 HIS A N   1 
ATOM   582  C CA  . HIS A 1 174 ? 8.445   -2.845  -9.232  1.00 32.97 ? 174 HIS A CA  1 
ATOM   583  C C   . HIS A 1 174 ? 9.725   -3.629  -8.962  1.00 33.62 ? 174 HIS A C   1 
ATOM   584  O O   . HIS A 1 174 ? 10.107  -4.488  -9.753  1.00 32.56 ? 174 HIS A O   1 
ATOM   585  C CB  . HIS A 1 174 ? 8.777   -1.526  -9.917  1.00 33.07 ? 174 HIS A CB  1 
ATOM   586  C CG  . HIS A 1 174 ? 9.210   -1.681  -11.339 1.00 36.82 ? 174 HIS A CG  1 
ATOM   587  N ND1 . HIS A 1 174 ? 10.472  -2.117  -11.690 1.00 37.26 ? 174 HIS A ND1 1 
ATOM   588  C CD2 . HIS A 1 174 ? 8.538   -1.485  -12.500 1.00 34.66 ? 174 HIS A CD2 1 
ATOM   589  C CE1 . HIS A 1 174 ? 10.556  -2.182  -13.009 1.00 37.88 ? 174 HIS A CE1 1 
ATOM   590  N NE2 . HIS A 1 174 ? 9.398   -1.805  -13.522 1.00 36.49 ? 174 HIS A NE2 1 
ATOM   591  N N   . GLU A 1 175 ? 10.376  -3.343  -7.840  1.00 34.98 ? 175 GLU A N   1 
ATOM   592  C CA  . GLU A 1 175 ? 11.609  -4.027  -7.481  1.00 38.52 ? 175 GLU A CA  1 
ATOM   593  C C   . GLU A 1 175 ? 11.306  -5.456  -7.003  1.00 41.40 ? 175 GLU A C   1 
ATOM   594  O O   . GLU A 1 175 ? 12.094  -6.378  -7.229  1.00 41.18 ? 175 GLU A O   1 
ATOM   595  C CB  . GLU A 1 175 ? 12.329  -3.234  -6.396  1.00 39.23 ? 175 GLU A CB  1 
ATOM   596  C CG  . GLU A 1 175 ? 13.773  -3.605  -6.174  1.00 42.51 ? 175 GLU A CG  1 
ATOM   597  C CD  . GLU A 1 175 ? 14.683  -3.205  -7.324  1.00 46.23 ? 175 GLU A CD  1 
ATOM   598  O OE1 . GLU A 1 175 ? 14.356  -2.253  -8.072  1.00 46.78 ? 175 GLU A OE1 1 
ATOM   599  O OE2 . GLU A 1 175 ? 15.753  -3.833  -7.464  1.00 48.13 ? 175 GLU A OE2 1 
ATOM   600  N N   . LEU A 1 176 ? 10.163  -5.636  -6.343  1.00 43.32 ? 176 LEU A N   1 
ATOM   601  C CA  . LEU A 1 176 ? 9.760   -6.962  -5.871  1.00 46.11 ? 176 LEU A CA  1 
ATOM   602  C C   . LEU A 1 176 ? 9.484   -7.868  -7.062  1.00 46.68 ? 176 LEU A C   1 
ATOM   603  O O   . LEU A 1 176 ? 9.804   -9.056  -7.043  1.00 48.28 ? 176 LEU A O   1 
ATOM   604  C CB  . LEU A 1 176 ? 8.503   -6.879  -5.004  1.00 46.54 ? 176 LEU A CB  1 
ATOM   605  C CG  . LEU A 1 176 ? 8.729   -6.665  -3.510  1.00 48.01 ? 176 LEU A CG  1 
ATOM   606  C CD1 . LEU A 1 176 ? 7.391   -6.577  -2.795  1.00 49.62 ? 176 LEU A CD1 1 
ATOM   607  C CD2 . LEU A 1 176 ? 9.551   -7.807  -2.962  1.00 48.61 ? 176 LEU A CD2 1 
ATOM   608  N N   . SER A 1 177 ? 8.882   -7.305  -8.099  1.00 47.05 ? 177 SER A N   1 
ATOM   609  C CA  . SER A 1 177 ? 8.588   -8.072  -9.290  1.00 48.17 ? 177 SER A CA  1 
ATOM   610  C C   . SER A 1 177 ? 9.861   -8.379  -10.069 1.00 50.99 ? 177 SER A C   1 
ATOM   611  O O   . SER A 1 177 ? 9.980   -9.446  -10.659 1.00 53.24 ? 177 SER A O   1 
ATOM   612  C CB  . SER A 1 177 ? 7.621   -7.312  -10.187 1.00 46.72 ? 177 SER A CB  1 
ATOM   613  O OG  . SER A 1 177 ? 7.521   -7.957  -11.441 1.00 47.37 ? 177 SER A OG  1 
ATOM   614  N N   . GLU A 1 178 ? 10.813  -7.452  -10.067 1.00 53.05 ? 178 GLU A N   1 
ATOM   615  C CA  . GLU A 1 178 ? 12.058  -7.656  -10.801 1.00 55.73 ? 178 GLU A CA  1 
ATOM   616  C C   . GLU A 1 178 ? 13.043  -8.588  -10.104 1.00 55.76 ? 178 GLU A C   1 
ATOM   617  O O   . GLU A 1 178 ? 13.579  -9.500  -10.726 1.00 57.08 ? 178 GLU A O   1 
ATOM   618  C CB  . GLU A 1 178 ? 12.754  -6.321  -11.083 1.00 57.21 ? 178 GLU A CB  1 
ATOM   619  C CG  . GLU A 1 178 ? 14.078  -6.482  -11.829 1.00 61.91 ? 178 GLU A CG  1 
ATOM   620  C CD  . GLU A 1 178 ? 14.697  -5.166  -12.267 1.00 64.42 ? 178 GLU A CD  1 
ATOM   621  O OE1 . GLU A 1 178 ? 15.722  -5.207  -12.983 1.00 67.62 ? 178 GLU A OE1 1 
ATOM   622  O OE2 . GLU A 1 178 ? 14.169  -4.094  -11.898 1.00 67.67 ? 178 GLU A OE2 1 
ATOM   623  N N   . LYS A 1 179 ? 13.293  -8.359  -8.823  1.00 55.18 ? 179 LYS A N   1 
ATOM   624  C CA  . LYS A 1 179 ? 14.233  -9.200  -8.092  1.00 56.19 ? 179 LYS A CA  1 
ATOM   625  C C   . LYS A 1 179 ? 13.611  -10.536 -7.745  1.00 55.88 ? 179 LYS A C   1 
ATOM   626  O O   . LYS A 1 179 ? 14.142  -11.585 -8.099  1.00 58.06 ? 179 LYS A O   1 
ATOM   627  C CB  . LYS A 1 179 ? 14.715  -8.476  -6.835  1.00 56.68 ? 179 LYS A CB  1 
ATOM   628  C CG  . LYS A 1 179 ? 15.583  -7.276  -7.171  1.00 57.30 ? 179 LYS A CG  1 
ATOM   629  C CD  . LYS A 1 179 ? 16.771  -7.728  -8.004  1.00 57.49 ? 179 LYS A CD  1 
ATOM   630  C CE  . LYS A 1 179 ? 17.525  -6.561  -8.596  1.00 58.89 ? 179 LYS A CE  1 
ATOM   631  N NZ  . LYS A 1 179 ? 18.768  -7.022  -9.286  1.00 58.77 ? 179 LYS A NZ  1 
ATOM   632  N N   . LYS A 1 180 ? 12.490  -10.494 -7.041  1.00 55.03 ? 180 LYS A N   1 
ATOM   633  C CA  . LYS A 1 180 ? 11.771  -11.702 -6.692  1.00 53.00 ? 180 LYS A CA  1 
ATOM   634  C C   . LYS A 1 180 ? 10.748  -11.801 -7.820  1.00 53.16 ? 180 LYS A C   1 
ATOM   635  O O   . LYS A 1 180 ? 10.766  -10.968 -8.728  1.00 53.60 ? 180 LYS A O   1 
ATOM   636  C CB  . LYS A 1 180 ? 11.084  -11.522 -5.345  1.00 53.04 ? 180 LYS A CB  1 
ATOM   637  C CG  . LYS A 1 180 ? 12.031  -11.104 -4.220  1.00 52.31 ? 180 LYS A CG  1 
ATOM   638  C CD  . LYS A 1 180 ? 13.157  -12.094 -4.063  1.00 53.27 ? 180 LYS A CD  1 
ATOM   639  C CE  . LYS A 1 180 ? 13.718  -12.080 -2.648  1.00 55.57 ? 180 LYS A CE  1 
ATOM   640  N NZ  . LYS A 1 180 ? 14.227  -10.751 -2.244  1.00 56.82 ? 180 LYS A NZ  1 
ATOM   641  N N   . GLY A 1 181 ? 9.870   -12.794 -7.796  1.00 49.99 ? 181 GLY A N   1 
ATOM   642  C CA  . GLY A 1 181 ? 8.895   -12.876 -8.872  1.00 49.74 ? 181 GLY A CA  1 
ATOM   643  C C   . GLY A 1 181 ? 7.488   -12.594 -8.380  1.00 49.60 ? 181 GLY A C   1 
ATOM   644  O O   . GLY A 1 181 ? 6.505   -12.979 -9.008  1.00 49.71 ? 181 GLY A O   1 
ATOM   645  N N   . VAL A 1 182 ? 7.408   -11.890 -7.257  1.00 49.47 ? 182 VAL A N   1 
ATOM   646  C CA  . VAL A 1 182 ? 6.149   -11.574 -6.601  1.00 48.48 ? 182 VAL A CA  1 
ATOM   647  C C   . VAL A 1 182 ? 5.258   -10.520 -7.245  1.00 46.76 ? 182 VAL A C   1 
ATOM   648  O O   . VAL A 1 182 ? 5.728   -9.510  -7.765  1.00 47.54 ? 182 VAL A O   1 
ATOM   649  C CB  . VAL A 1 182 ? 6.414   -11.174 -5.134  1.00 50.08 ? 182 VAL A CB  1 
ATOM   650  C CG1 . VAL A 1 182 ? 7.459   -10.079 -5.083  1.00 49.93 ? 182 VAL A CG1 1 
ATOM   651  C CG2 . VAL A 1 182 ? 5.124   -10.722 -4.469  1.00 50.10 ? 182 VAL A CG2 1 
ATOM   652  N N   . SER A 1 183 ? 3.956   -10.783 -7.192  1.00 45.02 ? 183 SER A N   1 
ATOM   653  C CA  . SER A 1 183 ? 2.940   -9.887  -7.728  1.00 43.88 ? 183 SER A CA  1 
ATOM   654  C C   . SER A 1 183 ? 2.513   -8.954  -6.604  1.00 41.46 ? 183 SER A C   1 
ATOM   655  O O   . SER A 1 183 ? 2.497   -9.336  -5.440  1.00 39.83 ? 183 SER A O   1 
ATOM   656  C CB  . SER A 1 183 ? 1.716   -10.680 -8.207  1.00 45.97 ? 183 SER A CB  1 
ATOM   657  O OG  . SER A 1 183 ? 2.053   -11.603 -9.231  1.00 49.48 ? 183 SER A OG  1 
ATOM   658  N N   . THR A 1 184 ? 2.171   -7.728  -6.956  1.00 39.47 ? 184 THR A N   1 
ATOM   659  C CA  . THR A 1 184 ? 1.737   -6.751  -5.976  1.00 38.83 ? 184 THR A CA  1 
ATOM   660  C C   . THR A 1 184 ? 0.512   -6.083  -6.555  1.00 38.82 ? 184 THR A C   1 
ATOM   661  O O   . THR A 1 184 ? 0.374   -5.990  -7.774  1.00 41.04 ? 184 THR A O   1 
ATOM   662  C CB  . THR A 1 184 ? 2.819   -5.662  -5.728  1.00 38.54 ? 184 THR A CB  1 
ATOM   663  O OG1 . THR A 1 184 ? 3.979   -6.249  -5.123  1.00 36.87 ? 184 THR A OG1 1 
ATOM   664  C CG2 . THR A 1 184 ? 2.287   -4.578  -4.803  1.00 38.91 ? 184 THR A CG2 1 
ATOM   665  N N   . THR A 1 185 ? -0.387  -5.638  -5.686  1.00 38.49 ? 185 THR A N   1 
ATOM   666  C CA  . THR A 1 185 ? -1.573  -4.937  -6.136  1.00 38.36 ? 185 THR A CA  1 
ATOM   667  C C   . THR A 1 185 ? -1.568  -3.565  -5.495  1.00 38.74 ? 185 THR A C   1 
ATOM   668  O O   . THR A 1 185 ? -1.456  -3.436  -4.273  1.00 37.29 ? 185 THR A O   1 
ATOM   669  C CB  . THR A 1 185 ? -2.869  -5.658  -5.739  1.00 39.94 ? 185 THR A CB  1 
ATOM   670  O OG1 . THR A 1 185 ? -2.953  -6.905  -6.435  1.00 44.32 ? 185 THR A OG1 1 
ATOM   671  C CG2 . THR A 1 185 ? -4.084  -4.808  -6.103  1.00 38.61 ? 185 THR A CG2 1 
ATOM   672  N N   . LEU A 1 186 ? -1.660  -2.542  -6.337  1.00 37.63 ? 186 LEU A N   1 
ATOM   673  C CA  . LEU A 1 186 ? -1.700  -1.159  -5.886  1.00 38.06 ? 186 LEU A CA  1 
ATOM   674  C C   . LEU A 1 186 ? -3.159  -0.768  -6.066  1.00 37.59 ? 186 LEU A C   1 
ATOM   675  O O   . LEU A 1 186 ? -3.692  -0.813  -7.166  1.00 37.32 ? 186 LEU A O   1 
ATOM   676  C CB  . LEU A 1 186 ? -0.796  -0.300  -6.766  1.00 40.57 ? 186 LEU A CB  1 
ATOM   677  C CG  . LEU A 1 186 ? 0.664   -0.757  -6.805  1.00 41.00 ? 186 LEU A CG  1 
ATOM   678  C CD1 . LEU A 1 186 ? 1.371   -0.171  -8.015  1.00 44.99 ? 186 LEU A CD1 1 
ATOM   679  C CD2 . LEU A 1 186 ? 1.346   -0.327  -5.532  1.00 44.16 ? 186 LEU A CD2 1 
ATOM   680  N N   . LEU A 1 187 ? -3.801  -0.380  -4.978  1.00 37.69 ? 187 LEU A N   1 
ATOM   681  C CA  . LEU A 1 187 ? -5.211  -0.048  -5.020  1.00 38.34 ? 187 LEU A CA  1 
ATOM   682  C C   . LEU A 1 187 ? -5.542  1.322   -4.441  1.00 38.93 ? 187 LEU A C   1 
ATOM   683  O O   . LEU A 1 187 ? -5.105  1.661   -3.345  1.00 38.04 ? 187 LEU A O   1 
ATOM   684  C CB  . LEU A 1 187 ? -5.965  -1.150  -4.275  1.00 36.79 ? 187 LEU A CB  1 
ATOM   685  C CG  . LEU A 1 187 ? -7.436  -1.030  -3.899  1.00 39.60 ? 187 LEU A CG  1 
ATOM   686  C CD1 . LEU A 1 187 ? -8.019  -2.427  -3.758  1.00 39.97 ? 187 LEU A CD1 1 
ATOM   687  C CD2 . LEU A 1 187 ? -7.586  -0.240  -2.599  1.00 40.26 ? 187 LEU A CD2 1 
ATOM   688  N N   . HIS A 1 188 ? -6.308  2.115   -5.182  1.00 40.29 ? 188 HIS A N   1 
ATOM   689  C CA  . HIS A 1 188 ? -6.703  3.433   -4.699  1.00 43.23 ? 188 HIS A CA  1 
ATOM   690  C C   . HIS A 1 188 ? -7.963  3.205   -3.867  1.00 43.58 ? 188 HIS A C   1 
ATOM   691  O O   . HIS A 1 188 ? -9.058  3.084   -4.415  1.00 41.66 ? 188 HIS A O   1 
ATOM   692  C CB  . HIS A 1 188 ? -7.001  4.371   -5.869  1.00 43.76 ? 188 HIS A CB  1 
ATOM   693  C CG  . HIS A 1 188 ? -7.229  5.791   -5.454  1.00 46.06 ? 188 HIS A CG  1 
ATOM   694  N ND1 . HIS A 1 188 ? -8.423  6.447   -5.664  1.00 46.10 ? 188 HIS A ND1 1 
ATOM   695  C CD2 . HIS A 1 188 ? -6.417  6.677   -4.826  1.00 47.53 ? 188 HIS A CD2 1 
ATOM   696  C CE1 . HIS A 1 188 ? -8.336  7.677   -5.185  1.00 48.25 ? 188 HIS A CE1 1 
ATOM   697  N NE2 . HIS A 1 188 ? -7.129  7.841   -4.671  1.00 46.97 ? 188 HIS A NE2 1 
ATOM   698  N N   . PHE A 1 189 ? -7.797  3.152   -2.547  1.00 44.82 ? 189 PHE A N   1 
ATOM   699  C CA  . PHE A 1 189 ? -8.908  2.885   -1.635  1.00 46.57 ? 189 PHE A CA  1 
ATOM   700  C C   . PHE A 1 189 ? -10.209 3.666   -1.850  1.00 48.01 ? 189 PHE A C   1 
ATOM   701  O O   . PHE A 1 189 ? -11.275 3.064   -1.997  1.00 48.52 ? 189 PHE A O   1 
ATOM   702  C CB  . PHE A 1 189 ? -8.470  3.047   -0.174  1.00 45.33 ? 189 PHE A CB  1 
ATOM   703  C CG  . PHE A 1 189 ? -9.455  2.480   0.799   1.00 45.01 ? 189 PHE A CG  1 
ATOM   704  C CD1 . PHE A 1 189 ? -9.664  1.105   0.868   1.00 43.28 ? 189 PHE A CD1 1 
ATOM   705  C CD2 . PHE A 1 189 ? -10.231 3.318   1.598   1.00 46.30 ? 189 PHE A CD2 1 
ATOM   706  C CE1 . PHE A 1 189 ? -10.634 0.574   1.713   1.00 44.13 ? 189 PHE A CE1 1 
ATOM   707  C CE2 . PHE A 1 189 ? -11.206 2.795   2.450   1.00 43.47 ? 189 PHE A CE2 1 
ATOM   708  C CZ  . PHE A 1 189 ? -11.408 1.424   2.506   1.00 45.54 ? 189 PHE A CZ  1 
ATOM   709  N N   . PRO A 1 190 ? -10.148 5.010   -1.852  1.00 50.24 ? 190 PRO A N   1 
ATOM   710  C CA  . PRO A 1 190 ? -11.374 5.797   -2.056  1.00 51.31 ? 190 PRO A CA  1 
ATOM   711  C C   . PRO A 1 190 ? -12.221 5.329   -3.253  1.00 53.11 ? 190 PRO A C   1 
ATOM   712  O O   . PRO A 1 190 ? -13.450 5.348   -3.188  1.00 53.66 ? 190 PRO A O   1 
ATOM   713  C CB  . PRO A 1 190 ? -10.844 7.214   -2.233  1.00 51.59 ? 190 PRO A CB  1 
ATOM   714  C CG  . PRO A 1 190 ? -9.646  7.223   -1.324  1.00 50.70 ? 190 PRO A CG  1 
ATOM   715  C CD  . PRO A 1 190 ? -8.987  5.893   -1.637  1.00 49.32 ? 190 PRO A CD  1 
ATOM   716  N N   . SER A 1 191 ? -11.569 4.903   -4.333  1.00 52.56 ? 191 SER A N   1 
ATOM   717  C CA  . SER A 1 191 ? -12.285 4.432   -5.520  1.00 52.99 ? 191 SER A CA  1 
ATOM   718  C C   . SER A 1 191 ? -12.777 3.000   -5.359  1.00 52.90 ? 191 SER A C   1 
ATOM   719  O O   . SER A 1 191 ? -13.831 2.640   -5.873  1.00 52.38 ? 191 SER A O   1 
ATOM   720  C CB  . SER A 1 191 ? -11.392 4.515   -6.758  1.00 51.70 ? 191 SER A CB  1 
ATOM   721  O OG  . SER A 1 191 ? -11.001 5.851   -6.999  1.00 55.60 ? 191 SER A OG  1 
ATOM   722  N N   . PHE A 1 192 ? -12.003 2.185   -4.655  1.00 52.04 ? 192 PHE A N   1 
ATOM   723  C CA  . PHE A 1 192 ? -12.371 0.795   -4.419  1.00 52.48 ? 192 PHE A CA  1 
ATOM   724  C C   . PHE A 1 192 ? -13.604 0.754   -3.516  1.00 53.56 ? 192 PHE A C   1 
ATOM   725  O O   . PHE A 1 192 ? -14.534 -0.007  -3.760  1.00 51.98 ? 192 PHE A O   1 
ATOM   726  C CB  . PHE A 1 192 ? -11.208 0.065   -3.749  1.00 51.01 ? 192 PHE A CB  1 
ATOM   727  C CG  . PHE A 1 192 ? -11.526 -1.337  -3.321  1.00 48.77 ? 192 PHE A CG  1 
ATOM   728  C CD1 . PHE A 1 192 ? -11.517 -2.377  -4.240  1.00 48.89 ? 192 PHE A CD1 1 
ATOM   729  C CD2 . PHE A 1 192 ? -11.809 -1.618  -1.985  1.00 48.40 ? 192 PHE A CD2 1 
ATOM   730  C CE1 . PHE A 1 192 ? -11.780 -3.687  -3.835  1.00 48.49 ? 192 PHE A CE1 1 
ATOM   731  C CE2 . PHE A 1 192 ? -12.077 -2.922  -1.565  1.00 48.27 ? 192 PHE A CE2 1 
ATOM   732  C CZ  . PHE A 1 192 ? -12.061 -3.961  -2.492  1.00 49.26 ? 192 PHE A CZ  1 
ATOM   733  N N   . ALA A 1 193 ? -13.598 1.582   -2.474  1.00 54.93 ? 193 ALA A N   1 
ATOM   734  C CA  . ALA A 1 193 ? -14.707 1.642   -1.532  1.00 56.78 ? 193 ALA A CA  1 
ATOM   735  C C   . ALA A 1 193 ? -16.010 1.924   -2.269  1.00 57.94 ? 193 ALA A C   1 
ATOM   736  O O   . ALA A 1 193 ? -16.982 1.177   -2.133  1.00 58.62 ? 193 ALA A O   1 
ATOM   737  C CB  . ALA A 1 193 ? -14.451 2.727   -0.486  1.00 55.89 ? 193 ALA A CB  1 
ATOM   738  N N   . ILE A 1 194 ? -16.022 3.004   -3.046  1.00 59.45 ? 194 ILE A N   1 
ATOM   739  C CA  . ILE A 1 194 ? -17.195 3.398   -3.817  1.00 60.86 ? 194 ILE A CA  1 
ATOM   740  C C   . ILE A 1 194 ? -17.610 2.341   -4.846  1.00 62.27 ? 194 ILE A C   1 
ATOM   741  O O   . ILE A 1 194 ? -18.792 2.016   -4.957  1.00 63.11 ? 194 ILE A O   1 
ATOM   742  C CB  . ILE A 1 194 ? -16.949 4.741   -4.549  1.00 61.74 ? 194 ILE A CB  1 
ATOM   743  C CG1 . ILE A 1 194 ? -16.859 5.875   -3.528  1.00 62.05 ? 194 ILE A CG1 1 
ATOM   744  C CG2 . ILE A 1 194 ? -18.065 5.013   -5.549  1.00 61.84 ? 194 ILE A CG2 1 
ATOM   745  C CD1 . ILE A 1 194 ? -16.663 7.239   -4.143  1.00 63.48 ? 194 ILE A CD1 1 
ATOM   746  N N   . ASP A 1 195 ? -16.651 1.807   -5.597  1.00 62.09 ? 195 ASP A N   1 
ATOM   747  C CA  . ASP A 1 195 ? -16.963 0.796   -6.603  1.00 63.47 ? 195 ASP A CA  1 
ATOM   748  C C   . ASP A 1 195 ? -17.472 -0.514  -5.998  1.00 63.44 ? 195 ASP A C   1 
ATOM   749  O O   . ASP A 1 195 ? -18.280 -1.218  -6.610  1.00 62.61 ? 195 ASP A O   1 
ATOM   750  C CB  . ASP A 1 195 ? -15.740 0.519   -7.480  1.00 65.37 ? 195 ASP A CB  1 
ATOM   751  C CG  . ASP A 1 195 ? -15.366 1.710   -8.348  1.00 69.07 ? 195 ASP A CG  1 
ATOM   752  O OD1 . ASP A 1 195 ? -16.278 2.279   -8.988  1.00 70.66 ? 195 ASP A OD1 1 
ATOM   753  O OD2 . ASP A 1 195 ? -14.166 2.074   -8.399  1.00 70.47 ? 195 ASP A OD2 1 
ATOM   754  N N   . VAL A 1 196 ? -16.999 -0.845  -4.800  1.00 63.81 ? 196 VAL A N   1 
ATOM   755  C CA  . VAL A 1 196 ? -17.428 -2.071  -4.134  1.00 64.65 ? 196 VAL A CA  1 
ATOM   756  C C   . VAL A 1 196 ? -18.754 -1.820  -3.430  1.00 65.76 ? 196 VAL A C   1 
ATOM   757  O O   . VAL A 1 196 ? -19.566 -2.729  -3.292  1.00 65.02 ? 196 VAL A O   1 
ATOM   758  C CB  . VAL A 1 196 ? -16.395 -2.559  -3.090  1.00 62.97 ? 196 VAL A CB  1 
ATOM   759  C CG1 . VAL A 1 196 ? -16.222 -1.521  -1.994  1.00 63.53 ? 196 VAL A CG1 1 
ATOM   760  C CG2 . VAL A 1 196 ? -16.857 -3.868  -2.488  1.00 62.26 ? 196 VAL A CG2 1 
ATOM   761  N N   . LYS A 1 197 ? -18.959 -0.580  -2.989  1.00 68.30 ? 197 LYS A N   1 
ATOM   762  C CA  . LYS A 1 197 ? -20.188 -0.184  -2.303  1.00 71.37 ? 197 LYS A CA  1 
ATOM   763  C C   . LYS A 1 197 ? -21.342 -0.622  -3.185  1.00 72.78 ? 197 LYS A C   1 
ATOM   764  O O   . LYS A 1 197 ? -22.374 -1.086  -2.699  1.00 73.18 ? 197 LYS A O   1 
ATOM   765  C CB  . LYS A 1 197 ? -20.222 1.339   -2.115  1.00 72.69 ? 197 LYS A CB  1 
ATOM   766  C CG  . LYS A 1 197 ? -20.787 1.813   -0.778  1.00 73.33 ? 197 LYS A CG  1 
ATOM   767  C CD  . LYS A 1 197 ? -22.181 2.416   -0.905  1.00 74.73 ? 197 LYS A CD  1 
ATOM   768  C CE  . LYS A 1 197 ? -23.240 1.359   -1.179  1.00 75.68 ? 197 LYS A CE  1 
ATOM   769  N NZ  . LYS A 1 197 ? -24.617 1.936   -1.194  1.00 75.38 ? 197 LYS A NZ  1 
ATOM   770  N N   . ASN A 1 198 ? -21.153 -0.469  -4.491  1.00 74.36 ? 198 ASN A N   1 
ATOM   771  C CA  . ASN A 1 198 ? -22.154 -0.875  -5.461  1.00 76.59 ? 198 ASN A CA  1 
ATOM   772  C C   . ASN A 1 198 ? -22.069 -2.399  -5.578  1.00 78.41 ? 198 ASN A C   1 
ATOM   773  O O   . ASN A 1 198 ? -21.669 -2.946  -6.608  1.00 78.88 ? 198 ASN A O   1 
ATOM   774  C CB  . ASN A 1 198 ? -21.877 -0.207  -6.812  1.00 76.90 ? 198 ASN A CB  1 
ATOM   775  C CG  . ASN A 1 198 ? -21.873 1.316   -6.722  1.00 77.15 ? 198 ASN A CG  1 
ATOM   776  O OD1 . ASN A 1 198 ? -21.516 2.006   -7.679  1.00 77.47 ? 198 ASN A OD1 1 
ATOM   777  N ND2 . ASN A 1 198 ? -22.273 1.844   -5.571  1.00 75.92 ? 198 ASN A ND2 1 
ATOM   778  N N   . ALA A 1 199 ? -22.417 -3.072  -4.484  1.00 80.67 ? 199 ALA A N   1 
ATOM   779  C CA  . ALA A 1 199 ? -22.416 -4.529  -4.415  1.00 82.53 ? 199 ALA A CA  1 
ATOM   780  C C   . ALA A 1 199 ? -23.862 -4.961  -4.587  1.00 84.39 ? 199 ALA A C   1 
ATOM   781  O O   . ALA A 1 199 ? -24.539 -5.323  -3.620  1.00 84.33 ? 199 ALA A O   1 
ATOM   782  C CB  . ALA A 1 199 ? -21.879 -4.998  -3.064  1.00 82.22 ? 199 ALA A CB  1 
ATOM   783  N N   . ILE A 1 200 ? -24.332 -4.894  -5.828  1.00 86.01 ? 200 ILE A N   1 
ATOM   784  C CA  . ILE A 1 200 ? -25.701 -5.260  -6.169  1.00 87.08 ? 200 ILE A CA  1 
ATOM   785  C C   . ILE A 1 200 ? -25.667 -6.239  -7.340  1.00 87.31 ? 200 ILE A C   1 
ATOM   786  O O   . ILE A 1 200 ? -26.698 -6.771  -7.754  1.00 87.16 ? 200 ILE A O   1 
ATOM   787  C CB  . ILE A 1 200 ? -26.517 -4.002  -6.554  1.00 87.45 ? 200 ILE A CB  1 
ATOM   788  C CG1 . ILE A 1 200 ? -26.548 -3.031  -5.369  1.00 88.15 ? 200 ILE A CG1 1 
ATOM   789  C CG2 . ILE A 1 200 ? -27.929 -4.389  -6.955  1.00 88.74 ? 200 ILE A CG2 1 
ATOM   790  C CD1 . ILE A 1 200 ? -27.264 -1.730  -5.651  1.00 89.06 ? 200 ILE A CD1 1 
ATOM   791  N N   . SER A 1 201 ? -24.465 -6.470  -7.863  1.00 87.26 ? 201 SER A N   1 
ATOM   792  C CA  . SER A 1 201 ? -24.266 -7.384  -8.980  1.00 86.57 ? 201 SER A CA  1 
ATOM   793  C C   . SER A 1 201 ? -24.559 -8.804  -8.519  1.00 85.77 ? 201 SER A C   1 
ATOM   794  O O   . SER A 1 201 ? -24.819 -9.031  -7.339  1.00 85.36 ? 201 SER A O   1 
ATOM   795  C CB  . SER A 1 201 ? -22.831 -7.283  -9.490  1.00 86.11 ? 201 SER A CB  1 
ATOM   796  N N   . LYS A 1 206 ? -18.624 -9.375  -7.875  1.00 72.11 ? 206 LYS A N   1 
ATOM   797  C CA  . LYS A 1 206 ? -17.832 -10.314 -8.669  1.00 73.09 ? 206 LYS A CA  1 
ATOM   798  C C   . LYS A 1 206 ? -16.461 -10.590 -8.037  1.00 73.31 ? 206 LYS A C   1 
ATOM   799  O O   . LYS A 1 206 ? -16.346 -10.679 -6.815  1.00 73.83 ? 206 LYS A O   1 
ATOM   800  C CB  . LYS A 1 206 ? -17.663 -9.779  -10.094 1.00 72.60 ? 206 LYS A CB  1 
ATOM   801  N N   . GLU A 1 207 ? -15.430 -10.728 -8.873  1.00 73.17 ? 207 GLU A N   1 
ATOM   802  C CA  . GLU A 1 207 ? -14.063 -10.995 -8.416  1.00 73.06 ? 207 GLU A CA  1 
ATOM   803  C C   . GLU A 1 207 ? -13.482 -9.808  -7.632  1.00 72.26 ? 207 GLU A C   1 
ATOM   804  O O   . GLU A 1 207 ? -12.312 -9.809  -7.240  1.00 71.06 ? 207 GLU A O   1 
ATOM   805  C CB  . GLU A 1 207 ? -13.181 -11.314 -9.633  1.00 75.93 ? 207 GLU A CB  1 
ATOM   806  C CG  . GLU A 1 207 ? -11.687 -11.464 -9.345  1.00 78.90 ? 207 GLU A CG  1 
ATOM   807  C CD  . GLU A 1 207 ? -10.855 -11.685 -10.607 1.00 81.23 ? 207 GLU A CD  1 
ATOM   808  O OE1 . GLU A 1 207 ? -9.608  -11.605 -10.524 1.00 81.82 ? 207 GLU A OE1 1 
ATOM   809  O OE2 . GLU A 1 207 ? -11.445 -11.946 -11.680 1.00 81.04 ? 207 GLU A OE2 1 
ATOM   810  N N   . GLU A 1 208 ? -14.327 -8.810  -7.397  1.00 71.93 ? 208 GLU A N   1 
ATOM   811  C CA  . GLU A 1 208 ? -13.970 -7.582  -6.685  1.00 70.93 ? 208 GLU A CA  1 
ATOM   812  C C   . GLU A 1 208 ? -12.961 -7.699  -5.538  1.00 69.29 ? 208 GLU A C   1 
ATOM   813  O O   . GLU A 1 208 ? -11.821 -7.256  -5.673  1.00 69.42 ? 208 GLU A O   1 
ATOM   814  C CB  . GLU A 1 208 ? -15.240 -6.911  -6.159  1.00 73.78 ? 208 GLU A CB  1 
ATOM   815  C CG  . GLU A 1 208 ? -15.088 -5.426  -5.851  1.00 77.26 ? 208 GLU A CG  1 
ATOM   816  C CD  . GLU A 1 208 ? -14.948 -4.580  -7.110  1.00 79.71 ? 208 GLU A CD  1 
ATOM   817  O OE1 . GLU A 1 208 ? -14.863 -3.335  -6.992  1.00 80.60 ? 208 GLU A OE1 1 
ATOM   818  O OE2 . GLU A 1 208 ? -14.926 -5.161  -8.219  1.00 80.35 ? 208 GLU A OE2 1 
ATOM   819  N N   . ILE A 1 209 ? -13.372 -8.280  -4.411  1.00 66.49 ? 209 ILE A N   1 
ATOM   820  C CA  . ILE A 1 209 ? -12.473 -8.391  -3.267  1.00 64.65 ? 209 ILE A CA  1 
ATOM   821  C C   . ILE A 1 209 ? -11.625 -9.661  -3.169  1.00 63.58 ? 209 ILE A C   1 
ATOM   822  O O   . ILE A 1 209 ? -10.647 -9.689  -2.424  1.00 63.63 ? 209 ILE A O   1 
ATOM   823  C CB  . ILE A 1 209 ? -13.231 -8.207  -1.923  1.00 63.97 ? 209 ILE A CB  1 
ATOM   824  C CG1 . ILE A 1 209 ? -13.584 -9.560  -1.315  1.00 64.36 ? 209 ILE A CG1 1 
ATOM   825  C CG2 . ILE A 1 209 ? -14.495 -7.402  -2.143  1.00 64.02 ? 209 ILE A CG2 1 
ATOM   826  C CD1 . ILE A 1 209 ? -14.097 -9.454  0.102   1.00 66.23 ? 209 ILE A CD1 1 
ATOM   827  N N   . ASP A 1 210 ? -11.983 -10.708 -3.903  1.00 62.14 ? 210 ASP A N   1 
ATOM   828  C CA  . ASP A 1 210 ? -11.200 -11.937 -3.850  1.00 60.81 ? 210 ASP A CA  1 
ATOM   829  C C   . ASP A 1 210 ? -9.877  -11.793 -4.583  1.00 59.63 ? 210 ASP A C   1 
ATOM   830  O O   . ASP A 1 210 ? -8.895  -12.452 -4.246  1.00 60.14 ? 210 ASP A O   1 
ATOM   831  C CB  . ASP A 1 210 ? -11.974 -13.110 -4.446  1.00 62.95 ? 210 ASP A CB  1 
ATOM   832  C CG  . ASP A 1 210 ? -12.669 -13.942 -3.388  1.00 64.52 ? 210 ASP A CG  1 
ATOM   833  O OD1 . ASP A 1 210 ? -12.048 -14.203 -2.334  1.00 64.66 ? 210 ASP A OD1 1 
ATOM   834  O OD2 . ASP A 1 210 ? -13.827 -14.348 -3.620  1.00 63.83 ? 210 ASP A OD2 1 
ATOM   835  N N   . ALA A 1 211 ? -9.854  -10.932 -5.591  1.00 57.22 ? 211 ALA A N   1 
ATOM   836  C CA  . ALA A 1 211 ? -8.640  -10.713 -6.360  1.00 56.90 ? 211 ALA A CA  1 
ATOM   837  C C   . ALA A 1 211 ? -7.707  -9.800  -5.584  1.00 54.57 ? 211 ALA A C   1 
ATOM   838  O O   . ALA A 1 211 ? -6.552  -9.609  -5.953  1.00 57.28 ? 211 ALA A O   1 
ATOM   839  C CB  . ALA A 1 211 ? -8.984  -10.080 -7.702  1.00 57.34 ? 211 ALA A CB  1 
ATOM   840  N N   . VAL A 1 212 ? -8.212  -9.254  -4.490  1.00 51.84 ? 212 VAL A N   1 
ATOM   841  C CA  . VAL A 1 212 ? -7.451  -8.318  -3.682  1.00 47.42 ? 212 VAL A CA  1 
ATOM   842  C C   . VAL A 1 212 ? -6.953  -8.838  -2.335  1.00 46.33 ? 212 VAL A C   1 
ATOM   843  O O   . VAL A 1 212 ? -5.815  -8.578  -1.953  1.00 48.01 ? 212 VAL A O   1 
ATOM   844  C CB  . VAL A 1 212 ? -8.299  -7.033  -3.465  1.00 46.16 ? 212 VAL A CB  1 
ATOM   845  C CG1 . VAL A 1 212 ? -7.837  -6.270  -2.247  1.00 44.66 ? 212 VAL A CG1 1 
ATOM   846  C CG2 . VAL A 1 212 ? -8.220  -6.163  -4.705  1.00 44.83 ? 212 VAL A CG2 1 
ATOM   847  N N   . LYS A 1 213 ? -7.783  -9.581  -1.615  1.00 43.27 ? 213 LYS A N   1 
ATOM   848  C CA  . LYS A 1 213 ? -7.378  -10.053 -0.300  1.00 40.74 ? 213 LYS A CA  1 
ATOM   849  C C   . LYS A 1 213 ? -6.291  -11.114 -0.241  1.00 39.47 ? 213 LYS A C   1 
ATOM   850  O O   . LYS A 1 213 ? -5.600  -11.222 0.765   1.00 39.12 ? 213 LYS A O   1 
ATOM   851  C CB  . LYS A 1 213 ? -8.594  -10.537 0.494   1.00 40.76 ? 213 LYS A CB  1 
ATOM   852  C CG  . LYS A 1 213 ? -9.229  -11.822 0.011   1.00 39.17 ? 213 LYS A CG  1 
ATOM   853  C CD  . LYS A 1 213 ? -10.205 -12.325 1.066   1.00 41.01 ? 213 LYS A CD  1 
ATOM   854  C CE  . LYS A 1 213 ? -11.042 -13.495 0.575   1.00 41.23 ? 213 LYS A CE  1 
ATOM   855  N NZ  . LYS A 1 213 ? -10.210 -14.614 0.068   1.00 42.25 ? 213 LYS A NZ  1 
ATOM   856  N N   . ASN A 1 214 ? -6.118  -11.899 -1.296  1.00 38.65 ? 214 ASN A N   1 
ATOM   857  C CA  . ASN A 1 214 ? -5.097  -12.935 -1.240  1.00 37.91 ? 214 ASN A CA  1 
ATOM   858  C C   . ASN A 1 214 ? -3.809  -12.651 -2.013  1.00 36.55 ? 214 ASN A C   1 
ATOM   859  O O   . ASN A 1 214 ? -2.959  -13.534 -2.131  1.00 35.67 ? 214 ASN A O   1 
ATOM   860  C CB  . ASN A 1 214 ? -5.682  -14.287 -1.678  1.00 38.55 ? 214 ASN A CB  1 
ATOM   861  C CG  . ASN A 1 214 ? -4.833  -15.474 -1.204  1.00 39.44 ? 214 ASN A CG  1 
ATOM   862  O OD1 . ASN A 1 214 ? -4.503  -15.576 -0.019  1.00 42.96 ? 214 ASN A OD1 1 
ATOM   863  N ND2 . ASN A 1 214 ? -4.479  -16.373 -2.128  1.00 37.45 ? 214 ASN A ND2 1 
ATOM   864  N N   . VAL A 1 215 ? -3.643  -11.437 -2.535  1.00 35.44 ? 215 VAL A N   1 
ATOM   865  C CA  . VAL A 1 215 ? -2.415  -11.129 -3.259  1.00 33.43 ? 215 VAL A CA  1 
ATOM   866  C C   . VAL A 1 215 ? -1.237  -11.114 -2.283  1.00 34.13 ? 215 VAL A C   1 
ATOM   867  O O   . VAL A 1 215 ? -1.379  -10.722 -1.127  1.00 35.45 ? 215 VAL A O   1 
ATOM   868  C CB  . VAL A 1 215 ? -2.497  -9.776  -3.985  1.00 33.91 ? 215 VAL A CB  1 
ATOM   869  C CG1 . VAL A 1 215 ? -3.589  -9.837  -5.051  1.00 31.84 ? 215 VAL A CG1 1 
ATOM   870  C CG2 . VAL A 1 215 ? -2.762  -8.650  -2.986  1.00 31.84 ? 215 VAL A CG2 1 
ATOM   871  N N   . PRO A 1 216 ? -0.057  -11.552 -2.734  1.00 32.96 ? 216 PRO A N   1 
ATOM   872  C CA  . PRO A 1 216 ? 1.138   -11.590 -1.882  1.00 33.61 ? 216 PRO A CA  1 
ATOM   873  C C   . PRO A 1 216 ? 1.457   -10.294 -1.143  1.00 32.60 ? 216 PRO A C   1 
ATOM   874  O O   . PRO A 1 216 ? 1.821   -10.318 0.031   1.00 33.85 ? 216 PRO A O   1 
ATOM   875  C CB  . PRO A 1 216 ? 2.238   -11.977 -2.860  1.00 32.80 ? 216 PRO A CB  1 
ATOM   876  C CG  . PRO A 1 216 ? 1.506   -12.841 -3.846  1.00 32.18 ? 216 PRO A CG  1 
ATOM   877  C CD  . PRO A 1 216 ? 0.251   -12.049 -4.088  1.00 31.52 ? 216 PRO A CD  1 
ATOM   878  N N   . VAL A 1 217 ? 1.339   -9.173  -1.840  1.00 30.90 ? 217 VAL A N   1 
ATOM   879  C CA  . VAL A 1 217 ? 1.623   -7.868  -1.262  1.00 29.47 ? 217 VAL A CA  1 
ATOM   880  C C   . VAL A 1 217 ? 0.547   -6.915  -1.747  1.00 28.90 ? 217 VAL A C   1 
ATOM   881  O O   . VAL A 1 217 ? 0.317   -6.793  -2.945  1.00 26.98 ? 217 VAL A O   1 
ATOM   882  C CB  . VAL A 1 217 ? 2.986   -7.329  -1.720  1.00 27.79 ? 217 VAL A CB  1 
ATOM   883  C CG1 . VAL A 1 217 ? 3.206   -5.949  -1.156  1.00 29.37 ? 217 VAL A CG1 1 
ATOM   884  C CG2 . VAL A 1 217 ? 4.087   -8.248  -1.268  1.00 30.30 ? 217 VAL A CG2 1 
ATOM   885  N N   . LEU A 1 218 ? -0.096  -6.237  -0.807  1.00 28.03 ? 218 LEU A N   1 
ATOM   886  C CA  . LEU A 1 218 ? -1.177  -5.319  -1.123  1.00 28.39 ? 218 LEU A CA  1 
ATOM   887  C C   . LEU A 1 218 ? -0.872  -3.905  -0.637  1.00 28.81 ? 218 LEU A C   1 
ATOM   888  O O   . LEU A 1 218 ? -0.445  -3.708  0.514   1.00 28.61 ? 218 LEU A O   1 
ATOM   889  C CB  . LEU A 1 218 ? -2.472  -5.825  -0.479  1.00 26.22 ? 218 LEU A CB  1 
ATOM   890  C CG  . LEU A 1 218 ? -3.700  -4.934  -0.651  1.00 29.02 ? 218 LEU A CG  1 
ATOM   891  C CD1 . LEU A 1 218 ? -4.091  -4.857  -2.129  1.00 26.95 ? 218 LEU A CD1 1 
ATOM   892  C CD2 . LEU A 1 218 ? -4.847  -5.497  0.175   1.00 25.42 ? 218 LEU A CD2 1 
ATOM   893  N N   . ILE A 1 219 ? -1.086  -2.930  -1.516  1.00 28.92 ? 219 ILE A N   1 
ATOM   894  C CA  . ILE A 1 219 ? -0.852  -1.534  -1.190  1.00 30.82 ? 219 ILE A CA  1 
ATOM   895  C C   . ILE A 1 219 ? -2.206  -0.824  -1.214  1.00 32.44 ? 219 ILE A C   1 
ATOM   896  O O   . ILE A 1 219 ? -2.861  -0.782  -2.255  1.00 32.68 ? 219 ILE A O   1 
ATOM   897  C CB  . ILE A 1 219 ? 0.045   -0.837  -2.249  1.00 33.12 ? 219 ILE A CB  1 
ATOM   898  C CG1 . ILE A 1 219 ? 1.346   -1.621  -2.477  1.00 35.53 ? 219 ILE A CG1 1 
ATOM   899  C CG2 . ILE A 1 219 ? 0.297   0.612   -1.835  1.00 30.13 ? 219 ILE A CG2 1 
ATOM   900  C CD1 . ILE A 1 219 ? 2.249   -1.715  -1.282  1.00 37.10 ? 219 ILE A CD1 1 
ATOM   901  N N   . LEU A 1 220 ? -2.626  -0.271  -0.082  1.00 31.61 ? 220 LEU A N   1 
ATOM   902  C CA  . LEU A 1 220 ? -3.896  0.453   -0.019  1.00 34.47 ? 220 LEU A CA  1 
ATOM   903  C C   . LEU A 1 220 ? -3.598  1.963   -0.045  1.00 35.68 ? 220 LEU A C   1 
ATOM   904  O O   . LEU A 1 220 ? -3.346  2.572   0.996   1.00 36.25 ? 220 LEU A O   1 
ATOM   905  C CB  . LEU A 1 220 ? -4.655  0.075   1.263   1.00 34.31 ? 220 LEU A CB  1 
ATOM   906  C CG  . LEU A 1 220 ? -4.973  -1.417  1.388   1.00 35.32 ? 220 LEU A CG  1 
ATOM   907  C CD1 . LEU A 1 220 ? -5.592  -1.699  2.731   1.00 39.38 ? 220 LEU A CD1 1 
ATOM   908  C CD2 . LEU A 1 220 ? -5.920  -1.847  0.284   1.00 34.68 ? 220 LEU A CD2 1 
ATOM   909  N N   . ASP A 1 221 ? -3.619  2.550   -1.241  1.00 38.27 ? 221 ASP A N   1 
ATOM   910  C CA  . ASP A 1 221 ? -3.328  3.972   -1.422  1.00 41.38 ? 221 ASP A CA  1 
ATOM   911  C C   . ASP A 1 221 ? -4.364  4.918   -0.815  1.00 42.38 ? 221 ASP A C   1 
ATOM   912  O O   . ASP A 1 221 ? -5.567  4.723   -0.941  1.00 40.59 ? 221 ASP A O   1 
ATOM   913  C CB  . ASP A 1 221 ? -3.134  4.285   -2.905  1.00 44.17 ? 221 ASP A CB  1 
ATOM   914  C CG  . ASP A 1 221 ? -2.861  5.756   -3.159  1.00 47.14 ? 221 ASP A CG  1 
ATOM   915  O OD1 . ASP A 1 221 ? -1.921  6.314   -2.550  1.00 46.81 ? 221 ASP A OD1 1 
ATOM   916  O OD2 . ASP A 1 221 ? -3.584  6.357   -3.982  1.00 49.85 ? 221 ASP A OD2 1 
ATOM   917  N N   . ASP A 1 222 ? -3.837  5.958   -0.179  1.00 45.60 ? 222 ASP A N   1 
ATOM   918  C CA  . ASP A 1 222 ? -4.568  6.989   0.545   1.00 49.40 ? 222 ASP A CA  1 
ATOM   919  C C   . ASP A 1 222 ? -5.866  6.550   1.199   1.00 48.64 ? 222 ASP A C   1 
ATOM   920  O O   . ASP A 1 222 ? -6.971  6.929   0.807   1.00 47.53 ? 222 ASP A O   1 
ATOM   921  C CB  . ASP A 1 222 ? -4.775  8.265   -0.300  1.00 54.41 ? 222 ASP A CB  1 
ATOM   922  C CG  . ASP A 1 222 ? -5.861  8.127   -1.331  1.00 58.51 ? 222 ASP A CG  1 
ATOM   923  O OD1 . ASP A 1 222 ? -6.402  9.175   -1.758  1.00 60.56 ? 222 ASP A OD1 1 
ATOM   924  O OD2 . ASP A 1 222 ? -6.164  6.980   -1.726  1.00 62.05 ? 222 ASP A OD2 1 
ATOM   925  N N   . ILE A 1 223 ? -5.697  5.729   2.224   1.00 49.28 ? 223 ILE A N   1 
ATOM   926  C CA  . ILE A 1 223 ? -6.808  5.245   3.005   1.00 50.24 ? 223 ILE A CA  1 
ATOM   927  C C   . ILE A 1 223 ? -7.288  6.513   3.719   1.00 52.59 ? 223 ILE A C   1 
ATOM   928  O O   . ILE A 1 223 ? -6.533  7.481   3.853   1.00 51.19 ? 223 ILE A O   1 
ATOM   929  C CB  . ILE A 1 223 ? -6.321  4.187   4.012   1.00 48.78 ? 223 ILE A CB  1 
ATOM   930  C CG1 . ILE A 1 223 ? -7.513  3.560   4.730   1.00 48.27 ? 223 ILE A CG1 1 
ATOM   931  C CG2 . ILE A 1 223 ? -5.322  4.810   4.974   1.00 45.52 ? 223 ILE A CG2 1 
ATOM   932  C CD1 . ILE A 1 223 ? -7.126  2.417   5.638   1.00 49.67 ? 223 ILE A CD1 1 
ATOM   933  N N   . GLY A 1 224 ? -8.536  6.523   4.167   1.00 54.48 ? 224 GLY A N   1 
ATOM   934  C CA  . GLY A 1 224 ? -9.046  7.718   4.816   1.00 57.81 ? 224 GLY A CA  1 
ATOM   935  C C   . GLY A 1 224 ? -9.390  8.704   3.718   1.00 59.62 ? 224 GLY A C   1 
ATOM   936  O O   . GLY A 1 224 ? -9.000  8.505   2.569   1.00 59.35 ? 224 GLY A O   1 
ATOM   937  N N   . ALA A 1 225 ? -10.116 9.764   4.048   1.00 62.24 ? 225 ALA A N   1 
ATOM   938  C CA  . ALA A 1 225 ? -10.492 10.746  3.034   1.00 65.69 ? 225 ALA A CA  1 
ATOM   939  C C   . ALA A 1 225 ? -11.395 10.106  1.973   1.00 66.50 ? 225 ALA A C   1 
ATOM   940  O O   . ALA A 1 225 ? -12.537 9.733   2.255   1.00 67.93 ? 225 ALA A O   1 
ATOM   941  C CB  . ALA A 1 225 ? -9.237  11.323  2.369   1.00 66.82 ? 225 ALA A CB  1 
ATOM   942  N N   . VAL A 1 232 ? -16.895 0.609   1.609   1.00 68.40 ? 232 VAL A N   1 
ATOM   943  C CA  . VAL A 1 232 ? -15.801 0.824   2.551   1.00 69.81 ? 232 VAL A CA  1 
ATOM   944  C C   . VAL A 1 232 ? -16.164 0.250   3.915   1.00 69.21 ? 232 VAL A C   1 
ATOM   945  O O   . VAL A 1 232 ? -15.712 -0.835  4.283   1.00 68.83 ? 232 VAL A O   1 
ATOM   946  C CB  . VAL A 1 232 ? -15.503 2.320   2.678   1.00 70.84 ? 232 VAL A CB  1 
ATOM   947  N N   . ARG A 1 233 ? -16.982 0.999   4.650   1.00 68.85 ? 233 ARG A N   1 
ATOM   948  C CA  . ARG A 1 233 ? -17.447 0.617   5.981   1.00 68.62 ? 233 ARG A CA  1 
ATOM   949  C C   . ARG A 1 233 ? -16.405 -0.149  6.804   1.00 67.81 ? 233 ARG A C   1 
ATOM   950  O O   . ARG A 1 233 ? -15.191 -0.026  6.588   1.00 66.95 ? 233 ARG A O   1 
ATOM   951  C CB  . ARG A 1 233 ? -18.736 -0.212  5.860   1.00 66.94 ? 233 ARG A CB  1 
ATOM   952  N N   . ASP A 1 234 ? -16.907 -0.916  7.769   1.00 66.18 ? 234 ASP A N   1 
ATOM   953  C CA  . ASP A 1 234 ? -16.083 -1.742  8.637   1.00 64.18 ? 234 ASP A CA  1 
ATOM   954  C C   . ASP A 1 234 ? -16.450 -3.178  8.284   1.00 61.97 ? 234 ASP A C   1 
ATOM   955  O O   . ASP A 1 234 ? -16.284 -4.099  9.090   1.00 62.09 ? 234 ASP A O   1 
ATOM   956  C CB  . ASP A 1 234 ? -16.401 -1.453  10.114  1.00 64.61 ? 234 ASP A CB  1 
ATOM   957  N N   . GLU A 1 235 ? -16.949 -3.354  7.064   1.00 57.73 ? 235 GLU A N   1 
ATOM   958  C CA  . GLU A 1 235 ? -17.361 -4.662  6.584   1.00 55.56 ? 235 GLU A CA  1 
ATOM   959  C C   . GLU A 1 235 ? -16.481 -5.189  5.455   1.00 53.28 ? 235 GLU A C   1 
ATOM   960  O O   . GLU A 1 235 ? -16.368 -6.394  5.267   1.00 53.24 ? 235 GLU A O   1 
ATOM   961  C CB  . GLU A 1 235 ? -18.818 -4.612  6.130   1.00 55.01 ? 235 GLU A CB  1 
ATOM   962  N N   . VAL A 1 236 ? -15.861 -4.298  4.694   1.00 51.55 ? 236 VAL A N   1 
ATOM   963  C CA  . VAL A 1 236 ? -15.001 -4.737  3.600   1.00 48.48 ? 236 VAL A CA  1 
ATOM   964  C C   . VAL A 1 236 ? -13.532 -4.614  3.987   1.00 46.75 ? 236 VAL A C   1 
ATOM   965  O O   . VAL A 1 236 ? -12.783 -5.588  3.934   1.00 47.05 ? 236 VAL A O   1 
ATOM   966  C CB  . VAL A 1 236 ? -15.244 -3.910  2.326   1.00 50.23 ? 236 VAL A CB  1 
ATOM   967  C CG1 . VAL A 1 236 ? -14.431 -4.477  1.181   1.00 49.42 ? 236 VAL A CG1 1 
ATOM   968  C CG2 . VAL A 1 236 ? -16.727 -3.907  1.982   1.00 49.43 ? 236 VAL A CG2 1 
ATOM   969  N N   . LEU A 1 237 ? -13.125 -3.414  4.384   1.00 43.54 ? 237 LEU A N   1 
ATOM   970  C CA  . LEU A 1 237 ? -11.744 -3.176  4.779   1.00 42.11 ? 237 LEU A CA  1 
ATOM   971  C C   . LEU A 1 237 ? -11.405 -4.032  5.995   1.00 41.96 ? 237 LEU A C   1 
ATOM   972  O O   . LEU A 1 237 ? -10.360 -4.679  6.048   1.00 42.18 ? 237 LEU A O   1 
ATOM   973  C CB  . LEU A 1 237 ? -11.545 -1.697  5.116   1.00 40.46 ? 237 LEU A CB  1 
ATOM   974  C CG  . LEU A 1 237 ? -10.155 -1.054  5.064   1.00 42.56 ? 237 LEU A CG  1 
ATOM   975  C CD1 . LEU A 1 237 ? -9.807  -0.514  6.434   1.00 41.89 ? 237 LEU A CD1 1 
ATOM   976  C CD2 . LEU A 1 237 ? -9.112  -2.047  4.581   1.00 40.12 ? 237 LEU A CD2 1 
ATOM   977  N N   . GLN A 1 238 ? -12.313 -4.043  6.965   1.00 42.17 ? 238 GLN A N   1 
ATOM   978  C CA  . GLN A 1 238 ? -12.124 -4.797  8.197   1.00 39.50 ? 238 GLN A CA  1 
ATOM   979  C C   . GLN A 1 238 ? -11.901 -6.281  7.915   1.00 38.79 ? 238 GLN A C   1 
ATOM   980  O O   . GLN A 1 238 ? -11.019 -6.903  8.502   1.00 37.79 ? 238 GLN A O   1 
ATOM   981  C CB  . GLN A 1 238 ? -13.342 -4.598  9.107   1.00 42.03 ? 238 GLN A CB  1 
ATOM   982  C CG  . GLN A 1 238 ? -13.087 -4.857  10.586  1.00 43.08 ? 238 GLN A CG  1 
ATOM   983  C CD  . GLN A 1 238 ? -12.983 -6.330  10.921  1.00 44.02 ? 238 GLN A CD  1 
ATOM   984  O OE1 . GLN A 1 238 ? -12.184 -6.733  11.770  1.00 45.33 ? 238 GLN A OE1 1 
ATOM   985  N NE2 . GLN A 1 238 ? -13.799 -7.142  10.260  1.00 42.91 ? 238 GLN A NE2 1 
ATOM   986  N N   . VAL A 1 239 ? -12.680 -6.846  7.001   1.00 38.90 ? 239 VAL A N   1 
ATOM   987  C CA  . VAL A 1 239 ? -12.544 -8.262  6.691   1.00 38.07 ? 239 VAL A CA  1 
ATOM   988  C C   . VAL A 1 239 ? -11.277 -8.553  5.894   1.00 37.59 ? 239 VAL A C   1 
ATOM   989  O O   . VAL A 1 239 ? -10.598 -9.546  6.147   1.00 35.33 ? 239 VAL A O   1 
ATOM   990  C CB  . VAL A 1 239 ? -13.771 -8.787  5.913   1.00 39.20 ? 239 VAL A CB  1 
ATOM   991  C CG1 . VAL A 1 239 ? -13.692 -10.314 5.763   1.00 38.53 ? 239 VAL A CG1 1 
ATOM   992  C CG2 . VAL A 1 239 ? -15.035 -8.412  6.656   1.00 41.37 ? 239 VAL A CG2 1 
ATOM   993  N N   . ILE A 1 240 ? -10.964 -7.690  4.931   1.00 36.53 ? 240 ILE A N   1 
ATOM   994  C CA  . ILE A 1 240 ? -9.765  -7.873  4.133   1.00 34.27 ? 240 ILE A CA  1 
ATOM   995  C C   . ILE A 1 240 ? -8.555  -7.824  5.057   1.00 32.73 ? 240 ILE A C   1 
ATOM   996  O O   . ILE A 1 240 ? -7.680  -8.676  4.982   1.00 33.21 ? 240 ILE A O   1 
ATOM   997  C CB  . ILE A 1 240 ? -9.623  -6.770  3.047   1.00 35.76 ? 240 ILE A CB  1 
ATOM   998  C CG1 . ILE A 1 240 ? -10.601 -7.037  1.900   1.00 34.79 ? 240 ILE A CG1 1 
ATOM   999  C CG2 . ILE A 1 240 ? -8.185  -6.719  2.518   1.00 35.15 ? 240 ILE A CG2 1 
ATOM   1000 C CD1 . ILE A 1 240 ? -10.607 -5.940  0.853   1.00 34.78 ? 240 ILE A CD1 1 
ATOM   1001 N N   . LEU A 1 241 ? -8.508  -6.831  5.933   1.00 32.21 ? 241 LEU A N   1 
ATOM   1002 C CA  . LEU A 1 241 ? -7.379  -6.712  6.841   1.00 32.62 ? 241 LEU A CA  1 
ATOM   1003 C C   . LEU A 1 241 ? -7.322  -7.921  7.773   1.00 33.90 ? 241 LEU A C   1 
ATOM   1004 O O   . LEU A 1 241 ? -6.255  -8.520  7.967   1.00 35.86 ? 241 LEU A O   1 
ATOM   1005 C CB  . LEU A 1 241 ? -7.475  -5.400  7.629   1.00 30.83 ? 241 LEU A CB  1 
ATOM   1006 C CG  . LEU A 1 241 ? -6.613  -4.209  7.155   1.00 32.77 ? 241 LEU A CG  1 
ATOM   1007 C CD1 . LEU A 1 241 ? -6.356  -4.252  5.657   1.00 31.41 ? 241 LEU A CD1 1 
ATOM   1008 C CD2 . LEU A 1 241 ? -7.295  -2.901  7.556   1.00 28.40 ? 241 LEU A CD2 1 
ATOM   1009 N N   . GLN A 1 242 ? -8.470  -8.297  8.328   1.00 32.63 ? 242 GLN A N   1 
ATOM   1010 C CA  . GLN A 1 242 ? -8.550  -9.445  9.231   1.00 31.54 ? 242 GLN A CA  1 
ATOM   1011 C C   . GLN A 1 242 ? -7.970  -10.685 8.562   1.00 31.68 ? 242 GLN A C   1 
ATOM   1012 O O   . GLN A 1 242 ? -7.152  -11.392 9.137   1.00 32.46 ? 242 GLN A O   1 
ATOM   1013 C CB  . GLN A 1 242 ? -10.005 -9.710  9.600   1.00 32.91 ? 242 GLN A CB  1 
ATOM   1014 C CG  . GLN A 1 242 ? -10.211 -10.918 10.454  1.00 33.80 ? 242 GLN A CG  1 
ATOM   1015 C CD  . GLN A 1 242 ? -11.666 -11.091 10.837  1.00 35.43 ? 242 GLN A CD  1 
ATOM   1016 O OE1 . GLN A 1 242 ? -11.981 -11.620 11.899  1.00 37.66 ? 242 GLN A OE1 1 
ATOM   1017 N NE2 . GLN A 1 242 ? -12.560 -10.659 9.964   1.00 36.13 ? 242 GLN A NE2 1 
ATOM   1018 N N   . TYR A 1 243 ? -8.393  -10.939 7.333   1.00 30.71 ? 243 TYR A N   1 
ATOM   1019 C CA  . TYR A 1 243 ? -7.910  -12.085 6.591   1.00 31.49 ? 243 TYR A CA  1 
ATOM   1020 C C   . TYR A 1 243 ? -6.408  -12.022 6.313   1.00 33.92 ? 243 TYR A C   1 
ATOM   1021 O O   . TYR A 1 243 ? -5.727  -13.050 6.355   1.00 34.97 ? 243 TYR A O   1 
ATOM   1022 C CB  . TYR A 1 243 ? -8.677  -12.202 5.278   1.00 30.65 ? 243 TYR A CB  1 
ATOM   1023 C CG  . TYR A 1 243 ? -8.104  -13.211 4.318   1.00 30.28 ? 243 TYR A CG  1 
ATOM   1024 C CD1 . TYR A 1 243 ? -7.155  -12.833 3.369   1.00 29.28 ? 243 TYR A CD1 1 
ATOM   1025 C CD2 . TYR A 1 243 ? -8.521  -14.542 4.346   1.00 31.00 ? 243 TYR A CD2 1 
ATOM   1026 C CE1 . TYR A 1 243 ? -6.633  -13.758 2.465   1.00 31.54 ? 243 TYR A CE1 1 
ATOM   1027 C CE2 . TYR A 1 243 ? -8.015  -15.480 3.446   1.00 31.47 ? 243 TYR A CE2 1 
ATOM   1028 C CZ  . TYR A 1 243 ? -7.068  -15.082 2.509   1.00 34.01 ? 243 TYR A CZ  1 
ATOM   1029 O OH  . TYR A 1 243 ? -6.546  -16.003 1.629   1.00 32.96 ? 243 TYR A OH  1 
ATOM   1030 N N   . ARG A 1 244 ? -5.884  -10.830 6.025   1.00 33.53 ? 244 ARG A N   1 
ATOM   1031 C CA  . ARG A 1 244 ? -4.461  -10.721 5.753   1.00 34.42 ? 244 ARG A CA  1 
ATOM   1032 C C   . ARG A 1 244 ? -3.658  -10.871 7.045   1.00 34.70 ? 244 ARG A C   1 
ATOM   1033 O O   . ARG A 1 244 ? -2.515  -11.330 7.018   1.00 33.56 ? 244 ARG A O   1 
ATOM   1034 C CB  . ARG A 1 244 ? -4.144  -9.412  5.006   1.00 30.63 ? 244 ARG A CB  1 
ATOM   1035 C CG  . ARG A 1 244 ? -4.694  -9.405  3.572   1.00 30.52 ? 244 ARG A CG  1 
ATOM   1036 C CD  . ARG A 1 244 ? -4.352  -8.122  2.792   1.00 31.87 ? 244 ARG A CD  1 
ATOM   1037 N NE  . ARG A 1 244 ? -2.960  -8.098  2.354   1.00 31.49 ? 244 ARG A NE  1 
ATOM   1038 C CZ  . ARG A 1 244 ? -2.471  -8.814  1.344   1.00 32.85 ? 244 ARG A CZ  1 
ATOM   1039 N NH1 . ARG A 1 244 ? -3.255  -9.619  0.646   1.00 32.26 ? 244 ARG A NH1 1 
ATOM   1040 N NH2 . ARG A 1 244 ? -1.185  -8.736  1.038   1.00 30.95 ? 244 ARG A NH2 1 
ATOM   1041 N N   . MET A 1 245 ? -4.259  -10.518 8.178   1.00 35.98 ? 245 MET A N   1 
ATOM   1042 C CA  . MET A 1 245 ? -3.572  -10.689 9.460   1.00 37.03 ? 245 MET A CA  1 
ATOM   1043 C C   . MET A 1 245 ? -3.375  -12.189 9.705   1.00 37.67 ? 245 MET A C   1 
ATOM   1044 O O   . MET A 1 245 ? -2.265  -12.644 9.980   1.00 39.54 ? 245 MET A O   1 
ATOM   1045 C CB  . MET A 1 245 ? -4.381  -10.079 10.619  1.00 36.19 ? 245 MET A CB  1 
ATOM   1046 C CG  . MET A 1 245 ? -3.945  -8.664  11.013  1.00 32.78 ? 245 MET A CG  1 
ATOM   1047 S SD  . MET A 1 245 ? -4.938  -7.870  12.311  1.00 33.21 ? 245 MET A SD  1 
ATOM   1048 C CE  . MET A 1 245 ? -4.341  -8.756  13.736  1.00 32.18 ? 245 MET A CE  1 
ATOM   1049 N N   . LEU A 1 246 ? -4.455  -12.956 9.585   1.00 38.28 ? 246 LEU A N   1 
ATOM   1050 C CA  . LEU A 1 246 ? -4.397  -14.402 9.793   1.00 39.78 ? 246 LEU A CA  1 
ATOM   1051 C C   . LEU A 1 246 ? -3.509  -15.092 8.771   1.00 40.44 ? 246 LEU A C   1 
ATOM   1052 O O   . LEU A 1 246 ? -2.773  -16.009 9.106   1.00 42.26 ? 246 LEU A O   1 
ATOM   1053 C CB  . LEU A 1 246 ? -5.797  -15.014 9.721   1.00 38.39 ? 246 LEU A CB  1 
ATOM   1054 C CG  . LEU A 1 246 ? -6.706  -14.848 10.933  1.00 39.06 ? 246 LEU A CG  1 
ATOM   1055 C CD1 . LEU A 1 246 ? -8.135  -15.190 10.544  1.00 39.44 ? 246 LEU A CD1 1 
ATOM   1056 C CD2 . LEU A 1 246 ? -6.224  -15.752 12.052  1.00 39.03 ? 246 LEU A CD2 1 
ATOM   1057 N N   . GLU A 1 247 ? -3.581  -14.649 7.523   1.00 41.09 ? 247 GLU A N   1 
ATOM   1058 C CA  . GLU A 1 247 ? -2.791  -15.240 6.452   1.00 41.68 ? 247 GLU A CA  1 
ATOM   1059 C C   . GLU A 1 247 ? -1.343  -14.735 6.387   1.00 41.63 ? 247 GLU A C   1 
ATOM   1060 O O   . GLU A 1 247 ? -0.571  -15.174 5.537   1.00 41.96 ? 247 GLU A O   1 
ATOM   1061 C CB  . GLU A 1 247 ? -3.480  -14.977 5.111   1.00 42.40 ? 247 GLU A CB  1 
ATOM   1062 C CG  . GLU A 1 247 ? -4.675  -15.868 4.807   1.00 44.60 ? 247 GLU A CG  1 
ATOM   1063 C CD  . GLU A 1 247 ? -4.266  -17.102 4.030   1.00 46.75 ? 247 GLU A CD  1 
ATOM   1064 O OE1 . GLU A 1 247 ? -3.290  -16.997 3.247   1.00 48.40 ? 247 GLU A OE1 1 
ATOM   1065 O OE2 . GLU A 1 247 ? -4.915  -18.162 4.182   1.00 46.31 ? 247 GLU A OE2 1 
ATOM   1066 N N   . GLU A 1 248 ? -0.984  -13.810 7.271   1.00 42.17 ? 248 GLU A N   1 
ATOM   1067 C CA  . GLU A 1 248 ? 0.371   -13.254 7.294   1.00 43.89 ? 248 GLU A CA  1 
ATOM   1068 C C   . GLU A 1 248 ? 0.783   -12.728 5.921   1.00 41.45 ? 248 GLU A C   1 
ATOM   1069 O O   . GLU A 1 248 ? 1.810   -13.123 5.372   1.00 44.51 ? 248 GLU A O   1 
ATOM   1070 C CB  . GLU A 1 248 ? 1.381   -14.310 7.768   1.00 45.45 ? 248 GLU A CB  1 
ATOM   1071 C CG  . GLU A 1 248 ? 1.054   -14.910 9.134   1.00 52.39 ? 248 GLU A CG  1 
ATOM   1072 C CD  . GLU A 1 248 ? 2.033   -16.000 9.566   1.00 57.16 ? 248 GLU A CD  1 
ATOM   1073 O OE1 . GLU A 1 248 ? 2.401   -16.854 8.728   1.00 58.46 ? 248 GLU A OE1 1 
ATOM   1074 O OE2 . GLU A 1 248 ? 2.424   -16.013 10.754  1.00 60.51 ? 248 GLU A OE2 1 
ATOM   1075 N N   . LEU A 1 249 ? -0.033  -11.843 5.364   1.00 38.36 ? 249 LEU A N   1 
ATOM   1076 C CA  . LEU A 1 249 ? 0.255   -11.258 4.066   1.00 35.72 ? 249 LEU A CA  1 
ATOM   1077 C C   . LEU A 1 249 ? 0.585   -9.762  4.260   1.00 35.87 ? 249 LEU A C   1 
ATOM   1078 O O   . LEU A 1 249 ? -0.233  -8.990  4.771   1.00 34.90 ? 249 LEU A O   1 
ATOM   1079 C CB  . LEU A 1 249 ? -0.945  -11.453 3.131   1.00 33.76 ? 249 LEU A CB  1 
ATOM   1080 C CG  . LEU A 1 249 ? -1.343  -12.902 2.782   1.00 32.66 ? 249 LEU A CG  1 
ATOM   1081 C CD1 . LEU A 1 249 ? -2.633  -12.909 1.985   1.00 32.19 ? 249 LEU A CD1 1 
ATOM   1082 C CD2 . LEU A 1 249 ? -0.244  -13.575 1.974   1.00 29.13 ? 249 LEU A CD2 1 
ATOM   1083 N N   . PRO A 1 250 ? 1.801   -9.343  3.861   1.00 34.98 ? 250 PRO A N   1 
ATOM   1084 C CA  . PRO A 1 250 ? 2.289   -7.962  3.970   1.00 34.03 ? 250 PRO A CA  1 
ATOM   1085 C C   . PRO A 1 250 ? 1.294   -6.968  3.382   1.00 33.81 ? 250 PRO A C   1 
ATOM   1086 O O   . PRO A 1 250 ? 0.853   -7.118  2.242   1.00 34.77 ? 250 PRO A O   1 
ATOM   1087 C CB  . PRO A 1 250 ? 3.592   -7.992  3.179   1.00 34.81 ? 250 PRO A CB  1 
ATOM   1088 C CG  . PRO A 1 250 ? 4.040   -9.426  3.302   1.00 34.94 ? 250 PRO A CG  1 
ATOM   1089 C CD  . PRO A 1 250 ? 2.757   -10.174 3.107   1.00 34.77 ? 250 PRO A CD  1 
ATOM   1090 N N   . THR A 1 251 ? 0.964   -5.936  4.149   1.00 32.23 ? 251 THR A N   1 
ATOM   1091 C CA  . THR A 1 251 ? 0.001   -4.942  3.711   1.00 30.29 ? 251 THR A CA  1 
ATOM   1092 C C   . THR A 1 251 ? 0.542   -3.548  3.970   1.00 31.27 ? 251 THR A C   1 
ATOM   1093 O O   . THR A 1 251 ? 0.995   -3.247  5.074   1.00 32.00 ? 251 THR A O   1 
ATOM   1094 C CB  . THR A 1 251 ? -1.310  -5.143  4.471   1.00 29.86 ? 251 THR A CB  1 
ATOM   1095 O OG1 . THR A 1 251 ? -1.706  -6.517  4.344   1.00 28.04 ? 251 THR A OG1 1 
ATOM   1096 C CG2 . THR A 1 251 ? -2.405  -4.236  3.927   1.00 26.38 ? 251 THR A CG2 1 
ATOM   1097 N N   . PHE A 1 252 ? 0.515   -2.704  2.945   1.00 31.40 ? 252 PHE A N   1 
ATOM   1098 C CA  . PHE A 1 252 ? 1.010   -1.338  3.072   1.00 31.14 ? 252 PHE A CA  1 
ATOM   1099 C C   . PHE A 1 252 ? -0.139  -0.342  2.930   1.00 30.26 ? 252 PHE A C   1 
ATOM   1100 O O   . PHE A 1 252 ? -1.220  -0.703  2.485   1.00 30.43 ? 252 PHE A O   1 
ATOM   1101 C CB  . PHE A 1 252 ? 2.053   -1.046  1.991   1.00 29.33 ? 252 PHE A CB  1 
ATOM   1102 C CG  . PHE A 1 252 ? 3.275   -1.918  2.065   1.00 31.11 ? 252 PHE A CG  1 
ATOM   1103 C CD1 . PHE A 1 252 ? 3.187   -3.290  1.845   1.00 32.28 ? 252 PHE A CD1 1 
ATOM   1104 C CD2 . PHE A 1 252 ? 4.523   -1.363  2.346   1.00 30.00 ? 252 PHE A CD2 1 
ATOM   1105 C CE1 . PHE A 1 252 ? 4.328   -4.099  1.902   1.00 34.55 ? 252 PHE A CE1 1 
ATOM   1106 C CE2 . PHE A 1 252 ? 5.668   -2.161  2.407   1.00 31.11 ? 252 PHE A CE2 1 
ATOM   1107 C CZ  . PHE A 1 252 ? 5.574   -3.531  2.185   1.00 32.23 ? 252 PHE A CZ  1 
ATOM   1108 N N   . PHE A 1 253 ? 0.101   0.907   3.315   1.00 30.04 ? 253 PHE A N   1 
ATOM   1109 C CA  . PHE A 1 253 ? -0.906  1.958   3.211   1.00 30.06 ? 253 PHE A CA  1 
ATOM   1110 C C   . PHE A 1 253 ? -0.220  3.299   2.988   1.00 31.04 ? 253 PHE A C   1 
ATOM   1111 O O   . PHE A 1 253 ? 0.964   3.453   3.270   1.00 32.15 ? 253 PHE A O   1 
ATOM   1112 C CB  . PHE A 1 253 ? -1.717  2.112   4.509   1.00 30.48 ? 253 PHE A CB  1 
ATOM   1113 C CG  . PHE A 1 253 ? -2.235  0.831   5.090   1.00 27.43 ? 253 PHE A CG  1 
ATOM   1114 C CD1 . PHE A 1 253 ? -1.395  -0.014  5.812   1.00 26.33 ? 253 PHE A CD1 1 
ATOM   1115 C CD2 . PHE A 1 253 ? -3.588  0.495   4.963   1.00 28.76 ? 253 PHE A CD2 1 
ATOM   1116 C CE1 . PHE A 1 253 ? -1.891  -1.179  6.412   1.00 28.74 ? 253 PHE A CE1 1 
ATOM   1117 C CE2 . PHE A 1 253 ? -4.102  -0.671  5.558   1.00 28.36 ? 253 PHE A CE2 1 
ATOM   1118 C CZ  . PHE A 1 253 ? -3.249  -1.509  6.286   1.00 28.81 ? 253 PHE A CZ  1 
ATOM   1119 N N   . THR A 1 254 ? -0.971  4.266   2.481   1.00 30.97 ? 254 THR A N   1 
ATOM   1120 C CA  . THR A 1 254 ? -0.472  5.631   2.323   1.00 31.33 ? 254 THR A CA  1 
ATOM   1121 C C   . THR A 1 254 ? -1.649  6.460   2.836   1.00 33.21 ? 254 THR A C   1 
ATOM   1122 O O   . THR A 1 254 ? -2.808  6.051   2.714   1.00 30.22 ? 254 THR A O   1 
ATOM   1123 C CB  . THR A 1 254 ? -0.201  6.036   0.860   1.00 31.51 ? 254 THR A CB  1 
ATOM   1124 O OG1 . THR A 1 254 ? -1.426  6.035   0.138   1.00 29.34 ? 254 THR A OG1 1 
ATOM   1125 C CG2 . THR A 1 254 ? 0.781   5.085   0.195   1.00 32.48 ? 254 THR A CG2 1 
ATOM   1126 N N   . SER A 1 255 ? -1.375  7.621   3.404   1.00 34.71 ? 255 SER A N   1 
ATOM   1127 C CA  . SER A 1 255 ? -2.462  8.430   3.927   1.00 38.13 ? 255 SER A CA  1 
ATOM   1128 C C   . SER A 1 255 ? -2.013  9.867   4.189   1.00 39.46 ? 255 SER A C   1 
ATOM   1129 O O   . SER A 1 255 ? -0.819  10.155  4.227   1.00 39.72 ? 255 SER A O   1 
ATOM   1130 C CB  . SER A 1 255 ? -2.971  7.790   5.230   1.00 38.14 ? 255 SER A CB  1 
ATOM   1131 O OG  . SER A 1 255 ? -4.027  8.533   5.810   1.00 40.86 ? 255 SER A OG  1 
ATOM   1132 N N   . ASN A 1 256 ? -2.980  10.766  4.355   1.00 41.66 ? 256 ASN A N   1 
ATOM   1133 C CA  . ASN A 1 256 ? -2.680  12.161  4.657   1.00 44.31 ? 256 ASN A CA  1 
ATOM   1134 C C   . ASN A 1 256 ? -2.630  12.308  6.177   1.00 46.13 ? 256 ASN A C   1 
ATOM   1135 O O   . ASN A 1 256 ? -2.163  13.324  6.696   1.00 47.90 ? 256 ASN A O   1 
ATOM   1136 C CB  . ASN A 1 256 ? -3.759  13.089  4.097   1.00 46.58 ? 256 ASN A CB  1 
ATOM   1137 C CG  . ASN A 1 256 ? -3.776  13.121  2.585   1.00 49.00 ? 256 ASN A CG  1 
ATOM   1138 O OD1 . ASN A 1 256 ? -2.761  13.391  1.951   1.00 52.78 ? 256 ASN A OD1 1 
ATOM   1139 N ND2 . ASN A 1 256 ? -4.934  12.851  1.998   1.00 50.06 ? 256 ASN A ND2 1 
ATOM   1140 N N   . TYR A 1 257 ? -3.091  11.275  6.882   1.00 45.30 ? 257 TYR A N   1 
ATOM   1141 C CA  . TYR A 1 257 ? -3.138  11.291  8.340   1.00 46.14 ? 257 TYR A CA  1 
ATOM   1142 C C   . TYR A 1 257 ? -2.270  10.228  8.990   1.00 45.11 ? 257 TYR A C   1 
ATOM   1143 O O   . TYR A 1 257 ? -2.078  9.146   8.442   1.00 45.78 ? 257 TYR A O   1 
ATOM   1144 C CB  . TYR A 1 257 ? -4.578  11.069  8.821   1.00 48.92 ? 257 TYR A CB  1 
ATOM   1145 C CG  . TYR A 1 257 ? -5.622  11.890  8.099   1.00 52.91 ? 257 TYR A CG  1 
ATOM   1146 C CD1 . TYR A 1 257 ? -5.732  13.271  8.310   1.00 55.51 ? 257 TYR A CD1 1 
ATOM   1147 C CD2 . TYR A 1 257 ? -6.495  11.290  7.189   1.00 53.61 ? 257 TYR A CD2 1 
ATOM   1148 C CE1 . TYR A 1 257 ? -6.686  14.029  7.627   1.00 56.57 ? 257 TYR A CE1 1 
ATOM   1149 C CE2 . TYR A 1 257 ? -7.448  12.039  6.502   1.00 56.07 ? 257 TYR A CE2 1 
ATOM   1150 C CZ  . TYR A 1 257 ? -7.538  13.404  6.725   1.00 57.03 ? 257 TYR A CZ  1 
ATOM   1151 O OH  . TYR A 1 257 ? -8.471  14.141  6.033   1.00 59.65 ? 257 TYR A OH  1 
ATOM   1152 N N   . SER A 1 258 ? -1.767  10.540  10.179  1.00 45.54 ? 258 SER A N   1 
ATOM   1153 C CA  . SER A 1 258 ? -0.956  9.611   10.954  1.00 44.49 ? 258 SER A CA  1 
ATOM   1154 C C   . SER A 1 258 ? -1.951  8.646   11.591  1.00 43.95 ? 258 SER A C   1 
ATOM   1155 O O   . SER A 1 258 ? -3.159  8.807   11.414  1.00 41.61 ? 258 SER A O   1 
ATOM   1156 C CB  . SER A 1 258 ? -0.215  10.357  12.059  1.00 46.70 ? 258 SER A CB  1 
ATOM   1157 O OG  . SER A 1 258 ? -1.136  10.888  13.002  1.00 48.07 ? 258 SER A OG  1 
ATOM   1158 N N   . PHE A 1 259 ? -1.456  7.655   12.330  1.00 43.74 ? 259 PHE A N   1 
ATOM   1159 C CA  . PHE A 1 259 ? -2.339  6.697   12.986  1.00 45.44 ? 259 PHE A CA  1 
ATOM   1160 C C   . PHE A 1 259 ? -3.377  7.419   13.828  1.00 48.82 ? 259 PHE A C   1 
ATOM   1161 O O   . PHE A 1 259 ? -4.581  7.303   13.589  1.00 48.37 ? 259 PHE A O   1 
ATOM   1162 C CB  . PHE A 1 259 ? -1.554  5.753   13.896  1.00 43.44 ? 259 PHE A CB  1 
ATOM   1163 C CG  . PHE A 1 259 ? -0.888  4.621   13.175  1.00 43.55 ? 259 PHE A CG  1 
ATOM   1164 C CD1 . PHE A 1 259 ? -1.391  4.153   11.961  1.00 43.07 ? 259 PHE A CD1 1 
ATOM   1165 C CD2 . PHE A 1 259 ? 0.219   3.992   13.730  1.00 41.84 ? 259 PHE A CD2 1 
ATOM   1166 C CE1 . PHE A 1 259 ? -0.802  3.075   11.316  1.00 41.53 ? 259 PHE A CE1 1 
ATOM   1167 C CE2 . PHE A 1 259 ? 0.816   2.915   13.094  1.00 41.87 ? 259 PHE A CE2 1 
ATOM   1168 C CZ  . PHE A 1 259 ? 0.303   2.455   11.884  1.00 42.44 ? 259 PHE A CZ  1 
ATOM   1169 N N   . ALA A 1 260 ? -2.892  8.176   14.807  1.00 52.09 ? 260 ALA A N   1 
ATOM   1170 C CA  . ALA A 1 260 ? -3.745  8.919   15.723  1.00 54.01 ? 260 ALA A CA  1 
ATOM   1171 C C   . ALA A 1 260 ? -4.754  9.824   15.027  1.00 54.86 ? 260 ALA A C   1 
ATOM   1172 O O   . ALA A 1 260 ? -5.907  9.891   15.438  1.00 54.93 ? 260 ALA A O   1 
ATOM   1173 C CB  . ALA A 1 260 ? -2.883  9.733   16.674  1.00 55.80 ? 260 ALA A CB  1 
ATOM   1174 N N   . ASP A 1 261 ? -4.318  10.518  13.980  1.00 56.86 ? 261 ASP A N   1 
ATOM   1175 C CA  . ASP A 1 261 ? -5.202  11.415  13.238  1.00 58.88 ? 261 ASP A CA  1 
ATOM   1176 C C   . ASP A 1 261 ? -6.208  10.653  12.381  1.00 59.36 ? 261 ASP A C   1 
ATOM   1177 O O   . ASP A 1 261 ? -7.328  11.121  12.163  1.00 58.58 ? 261 ASP A O   1 
ATOM   1178 C CB  . ASP A 1 261 ? -4.390  12.355  12.332  1.00 62.25 ? 261 ASP A CB  1 
ATOM   1179 C CG  . ASP A 1 261 ? -3.981  13.653  13.029  1.00 66.21 ? 261 ASP A CG  1 
ATOM   1180 O OD1 . ASP A 1 261 ? -3.204  13.605  14.013  1.00 66.13 ? 261 ASP A OD1 1 
ATOM   1181 O OD2 . ASP A 1 261 ? -4.440  14.729  12.579  1.00 68.43 ? 261 ASP A OD2 1 
ATOM   1182 N N   . LEU A 1 262 ? -5.807  9.487   11.880  1.00 59.00 ? 262 LEU A N   1 
ATOM   1183 C CA  . LEU A 1 262 ? -6.697  8.692   11.042  1.00 58.98 ? 262 LEU A CA  1 
ATOM   1184 C C   . LEU A 1 262 ? -7.854  8.167   11.872  1.00 61.29 ? 262 LEU A C   1 
ATOM   1185 O O   . LEU A 1 262 ? -9.003  8.176   11.434  1.00 61.34 ? 262 LEU A O   1 
ATOM   1186 C CB  . LEU A 1 262 ? -5.953  7.510   10.417  1.00 55.89 ? 262 LEU A CB  1 
ATOM   1187 C CG  . LEU A 1 262 ? -6.859  6.588   9.595   1.00 54.67 ? 262 LEU A CG  1 
ATOM   1188 C CD1 . LEU A 1 262 ? -7.511  7.385   8.469   1.00 51.93 ? 262 LEU A CD1 1 
ATOM   1189 C CD2 . LEU A 1 262 ? -6.061  5.414   9.051   1.00 54.33 ? 262 LEU A CD2 1 
ATOM   1190 N N   . GLU A 1 263 ? -7.541  7.705   13.076  1.00 63.01 ? 263 GLU A N   1 
ATOM   1191 C CA  . GLU A 1 263 ? -8.558  7.173   13.963  1.00 66.22 ? 263 GLU A CA  1 
ATOM   1192 C C   . GLU A 1 263 ? -9.498  8.284   14.424  1.00 66.73 ? 263 GLU A C   1 
ATOM   1193 O O   . GLU A 1 263 ? -10.721 8.160   14.319  1.00 65.66 ? 263 GLU A O   1 
ATOM   1194 C CB  . GLU A 1 263 ? -7.903  6.506   15.174  1.00 67.32 ? 263 GLU A CB  1 
ATOM   1195 C CG  . GLU A 1 263 ? -8.882  5.720   16.026  1.00 70.52 ? 263 GLU A CG  1 
ATOM   1196 C CD  . GLU A 1 263 ? -8.198  4.899   17.104  1.00 72.06 ? 263 GLU A CD  1 
ATOM   1197 O OE1 . GLU A 1 263 ? -8.892  4.080   17.746  1.00 73.81 ? 263 GLU A OE1 1 
ATOM   1198 O OE2 . GLU A 1 263 ? -6.977  5.070   17.311  1.00 72.16 ? 263 GLU A OE2 1 
ATOM   1199 N N   . ARG A 1 264 ? -8.913  9.371   14.921  1.00 67.78 ? 264 ARG A N   1 
ATOM   1200 C CA  . ARG A 1 264 ? -9.677  10.513  15.411  1.00 69.29 ? 264 ARG A CA  1 
ATOM   1201 C C   . ARG A 1 264 ? -10.553 11.139  14.331  1.00 70.14 ? 264 ARG A C   1 
ATOM   1202 O O   . ARG A 1 264 ? -11.316 12.061  14.606  1.00 70.74 ? 264 ARG A O   1 
ATOM   1203 C CB  . ARG A 1 264 ? -8.732  11.562  15.994  1.00 69.03 ? 264 ARG A CB  1 
ATOM   1204 N N   . LYS A 1 265 ? -10.444 10.643  13.105  1.00 71.56 ? 265 LYS A N   1 
ATOM   1205 C CA  . LYS A 1 265 ? -11.248 11.166  12.007  1.00 72.78 ? 265 LYS A CA  1 
ATOM   1206 C C   . LYS A 1 265 ? -12.379 10.199  11.678  1.00 74.06 ? 265 LYS A C   1 
ATOM   1207 O O   . LYS A 1 265 ? -13.409 10.603  11.146  1.00 74.75 ? 265 LYS A O   1 
ATOM   1208 C CB  . LYS A 1 265 ? -10.377 11.398  10.774  1.00 72.58 ? 265 LYS A CB  1 
ATOM   1209 N N   . TRP A 1 266 ? -12.184 8.923   11.995  1.00 75.37 ? 266 TRP A N   1 
ATOM   1210 C CA  . TRP A 1 266 ? -13.207 7.915   11.734  1.00 76.72 ? 266 TRP A CA  1 
ATOM   1211 C C   . TRP A 1 266 ? -14.283 7.914   12.819  1.00 77.25 ? 266 TRP A C   1 
ATOM   1212 O O   . TRP A 1 266 ? -14.100 7.335   13.891  1.00 76.55 ? 266 TRP A O   1 
ATOM   1213 C CB  . TRP A 1 266 ? -12.583 6.518   11.628  1.00 76.83 ? 266 TRP A CB  1 
ATOM   1214 C CG  . TRP A 1 266 ? -11.926 6.224   10.301  1.00 77.92 ? 266 TRP A CG  1 
ATOM   1215 C CD1 . TRP A 1 266 ? -12.175 6.837   9.099   1.00 77.77 ? 266 TRP A CD1 1 
ATOM   1216 C CD2 . TRP A 1 266 ? -10.974 5.185   10.028  1.00 77.72 ? 266 TRP A CD2 1 
ATOM   1217 N NE1 . TRP A 1 266 ? -11.441 6.239   8.100   1.00 77.20 ? 266 TRP A NE1 1 
ATOM   1218 C CE2 . TRP A 1 266 ? -10.696 5.223   8.641   1.00 77.17 ? 266 TRP A CE2 1 
ATOM   1219 C CE3 . TRP A 1 266 ? -10.331 4.224   10.822  1.00 77.61 ? 266 TRP A CE3 1 
ATOM   1220 C CZ2 . TRP A 1 266 ? -9.803  4.336   8.030   1.00 77.26 ? 266 TRP A CZ2 1 
ATOM   1221 C CZ3 . TRP A 1 266 ? -9.443  3.339   10.214  1.00 77.97 ? 266 TRP A CZ3 1 
ATOM   1222 C CH2 . TRP A 1 266 ? -9.187  3.405   8.830   1.00 77.53 ? 266 TRP A CH2 1 
ATOM   1223 N N   . ALA A 1 267 ? -15.406 8.564   12.517  1.00 78.11 ? 267 ALA A N   1 
ATOM   1224 C CA  . ALA A 1 267 ? -16.538 8.674   13.436  1.00 78.51 ? 267 ALA A CA  1 
ATOM   1225 C C   . ALA A 1 267 ? -16.176 9.529   14.646  1.00 79.38 ? 267 ALA A C   1 
ATOM   1226 O O   . ALA A 1 267 ? -15.582 9.044   15.610  1.00 79.88 ? 267 ALA A O   1 
ATOM   1227 C CB  . ALA A 1 267 ? -16.993 7.286   13.888  1.00 79.10 ? 267 ALA A CB  1 
ATOM   1228 N N   . TRP A 1 276 ? -18.344 6.472   17.554  1.00 79.92 ? 276 TRP A N   1 
ATOM   1229 C CA  . TRP A 1 276 ? -18.322 5.081   18.002  1.00 80.54 ? 276 TRP A CA  1 
ATOM   1230 C C   . TRP A 1 276 ? -17.422 4.236   17.108  1.00 79.85 ? 276 TRP A C   1 
ATOM   1231 O O   . TRP A 1 276 ? -16.356 3.780   17.533  1.00 79.18 ? 276 TRP A O   1 
ATOM   1232 C CB  . TRP A 1 276 ? -19.743 4.507   18.009  1.00 80.00 ? 276 TRP A CB  1 
ATOM   1233 N N   . GLN A 1 277 ? -17.865 4.031   15.868  1.00 80.26 ? 277 GLN A N   1 
ATOM   1234 C CA  . GLN A 1 277 ? -17.119 3.245   14.888  1.00 80.27 ? 277 GLN A CA  1 
ATOM   1235 C C   . GLN A 1 277 ? -16.753 1.864   15.430  1.00 80.49 ? 277 GLN A C   1 
ATOM   1236 O O   . GLN A 1 277 ? -17.110 1.511   16.557  1.00 80.97 ? 277 GLN A O   1 
ATOM   1237 C CB  . GLN A 1 277 ? -15.852 3.995   14.473  1.00 80.37 ? 277 GLN A CB  1 
ATOM   1238 N N   . ALA A 1 278 ? -16.042 1.083   14.617  1.00 79.01 ? 278 ALA A N   1 
ATOM   1239 C CA  . ALA A 1 278 ? -15.615 -0.252  15.017  1.00 76.09 ? 278 ALA A CA  1 
ATOM   1240 C C   . ALA A 1 278 ? -14.386 -0.124  15.916  1.00 74.92 ? 278 ALA A C   1 
ATOM   1241 O O   . ALA A 1 278 ? -14.318 -0.753  16.978  1.00 74.46 ? 278 ALA A O   1 
ATOM   1242 C CB  . ALA A 1 278 ? -15.286 -1.085  13.788  1.00 77.44 ? 278 ALA A CB  1 
ATOM   1243 N N   . LYS A 1 279 ? -13.429 0.702   15.477  1.00 71.40 ? 279 LYS A N   1 
ATOM   1244 C CA  . LYS A 1 279 ? -12.182 0.968   16.204  1.00 67.33 ? 279 LYS A CA  1 
ATOM   1245 C C   . LYS A 1 279 ? -11.187 -0.187  16.177  1.00 65.40 ? 279 LYS A C   1 
ATOM   1246 O O   . LYS A 1 279 ? -10.018 -0.007  16.518  1.00 65.20 ? 279 LYS A O   1 
ATOM   1247 C CB  . LYS A 1 279 ? -12.478 1.360   17.653  1.00 66.29 ? 279 LYS A CB  1 
ATOM   1248 N N   . ARG A 1 280 ? -11.638 -1.373  15.786  1.00 62.08 ? 280 ARG A N   1 
ATOM   1249 C CA  . ARG A 1 280 ? -10.722 -2.503  15.728  1.00 60.70 ? 280 ARG A CA  1 
ATOM   1250 C C   . ARG A 1 280 ? -10.083 -2.577  14.342  1.00 57.29 ? 280 ARG A C   1 
ATOM   1251 O O   . ARG A 1 280 ? -9.096  -3.280  14.136  1.00 56.61 ? 280 ARG A O   1 
ATOM   1252 C CB  . ARG A 1 280 ? -11.434 -3.821  16.075  1.00 62.05 ? 280 ARG A CB  1 
ATOM   1253 C CG  . ARG A 1 280 ? -12.513 -4.280  15.105  1.00 62.88 ? 280 ARG A CG  1 
ATOM   1254 C CD  . ARG A 1 280 ? -12.811 -5.756  15.344  1.00 64.98 ? 280 ARG A CD  1 
ATOM   1255 N NE  . ARG A 1 280 ? -13.870 -6.276  14.484  1.00 66.76 ? 280 ARG A NE  1 
ATOM   1256 C CZ  . ARG A 1 280 ? -14.113 -7.572  14.306  1.00 67.09 ? 280 ARG A CZ  1 
ATOM   1257 N NH1 . ARG A 1 280 ? -13.371 -8.482  14.925  1.00 66.02 ? 280 ARG A NH1 1 
ATOM   1258 N NH2 . ARG A 1 280 ? -15.095 -7.961  13.505  1.00 67.35 ? 280 ARG A NH2 1 
ATOM   1259 N N   . VAL A 1 281 ? -10.651 -1.839  13.394  1.00 54.42 ? 281 VAL A N   1 
ATOM   1260 C CA  . VAL A 1 281 ? -10.106 -1.795  12.045  1.00 53.43 ? 281 VAL A CA  1 
ATOM   1261 C C   . VAL A 1 281 ? -8.787  -1.041  12.126  1.00 52.03 ? 281 VAL A C   1 
ATOM   1262 O O   . VAL A 1 281 ? -7.841  -1.337  11.401  1.00 51.23 ? 281 VAL A O   1 
ATOM   1263 C CB  . VAL A 1 281 ? -11.043 -1.049  11.074  1.00 52.22 ? 281 VAL A CB  1 
ATOM   1264 C CG1 . VAL A 1 281 ? -11.268 0.365   11.558  1.00 52.62 ? 281 VAL A CG1 1 
ATOM   1265 C CG2 . VAL A 1 281 ? -10.443 -1.034  9.685   1.00 52.19 ? 281 VAL A CG2 1 
ATOM   1266 N N   . MET A 1 282 ? -8.732  -0.077  13.040  1.00 50.89 ? 282 MET A N   1 
ATOM   1267 C CA  . MET A 1 282 ? -7.541  0.734   13.242  1.00 50.31 ? 282 MET A CA  1 
ATOM   1268 C C   . MET A 1 282 ? -6.453  -0.077  13.956  1.00 48.63 ? 282 MET A C   1 
ATOM   1269 O O   . MET A 1 282 ? -5.261  0.171   13.770  1.00 49.23 ? 282 MET A O   1 
ATOM   1270 C CB  . MET A 1 282 ? -7.903  1.983   14.056  1.00 51.29 ? 282 MET A CB  1 
ATOM   1271 C CG  . MET A 1 282 ? -6.944  3.148   13.898  1.00 54.75 ? 282 MET A CG  1 
ATOM   1272 S SD  . MET A 1 282 ? -6.762  3.683   12.173  1.00 54.99 ? 282 MET A SD  1 
ATOM   1273 C CE  . MET A 1 282 ? -5.032  3.292   11.912  1.00 54.91 ? 282 MET A CE  1 
ATOM   1274 N N   . GLU A 1 283 ? -6.861  -1.047  14.769  1.00 46.42 ? 283 GLU A N   1 
ATOM   1275 C CA  . GLU A 1 283 ? -5.899  -1.890  15.481  1.00 44.14 ? 283 GLU A CA  1 
ATOM   1276 C C   . GLU A 1 283 ? -5.252  -2.874  14.503  1.00 42.27 ? 283 GLU A C   1 
ATOM   1277 O O   . GLU A 1 283 ? -4.141  -3.345  14.727  1.00 41.03 ? 283 GLU A O   1 
ATOM   1278 C CB  . GLU A 1 283 ? -6.592  -2.651  16.620  1.00 44.62 ? 283 GLU A CB  1 
ATOM   1279 N N   . ARG A 1 284 ? -5.957  -3.184  13.420  1.00 41.59 ? 284 ARG A N   1 
ATOM   1280 C CA  . ARG A 1 284 ? -5.426  -4.096  12.419  1.00 41.71 ? 284 ARG A CA  1 
ATOM   1281 C C   . ARG A 1 284 ? -4.393  -3.364  11.563  1.00 41.36 ? 284 ARG A C   1 
ATOM   1282 O O   . ARG A 1 284 ? -3.389  -3.949  11.146  1.00 41.26 ? 284 ARG A O   1 
ATOM   1283 C CB  . ARG A 1 284 ? -6.550  -4.647  11.538  1.00 42.60 ? 284 ARG A CB  1 
ATOM   1284 C CG  . ARG A 1 284 ? -7.549  -5.529  12.278  1.00 40.43 ? 284 ARG A CG  1 
ATOM   1285 C CD  . ARG A 1 284 ? -8.393  -6.312  11.292  1.00 38.74 ? 284 ARG A CD  1 
ATOM   1286 N NE  . ARG A 1 284 ? -9.477  -7.053  11.935  1.00 41.43 ? 284 ARG A NE  1 
ATOM   1287 C CZ  . ARG A 1 284 ? -9.323  -8.149  12.674  1.00 37.11 ? 284 ARG A CZ  1 
ATOM   1288 N NH1 . ARG A 1 284 ? -8.117  -8.663  12.884  1.00 35.21 ? 284 ARG A NH1 1 
ATOM   1289 N NH2 . ARG A 1 284 ? -10.389 -8.739  13.189  1.00 35.67 ? 284 ARG A NH2 1 
ATOM   1290 N N   . VAL A 1 285 ? -4.638  -2.081  11.305  1.00 40.36 ? 285 VAL A N   1 
ATOM   1291 C CA  . VAL A 1 285 ? -3.699  -1.285  10.532  1.00 40.32 ? 285 VAL A CA  1 
ATOM   1292 C C   . VAL A 1 285 ? -2.383  -1.199  11.310  1.00 41.13 ? 285 VAL A C   1 
ATOM   1293 O O   . VAL A 1 285 ? -1.310  -1.442  10.752  1.00 39.67 ? 285 VAL A O   1 
ATOM   1294 C CB  . VAL A 1 285 ? -4.228  0.145   10.284  1.00 39.98 ? 285 VAL A CB  1 
ATOM   1295 C CG1 . VAL A 1 285 ? -3.212  0.941   9.488   1.00 37.40 ? 285 VAL A CG1 1 
ATOM   1296 C CG2 . VAL A 1 285 ? -5.539  0.092   9.531   1.00 38.43 ? 285 VAL A CG2 1 
ATOM   1297 N N   . ARG A 1 286 ? -2.473  -0.869  12.600  1.00 41.52 ? 286 ARG A N   1 
ATOM   1298 C CA  . ARG A 1 286 ? -1.285  -0.748  13.439  1.00 41.92 ? 286 ARG A CA  1 
ATOM   1299 C C   . ARG A 1 286 ? -0.562  -2.070  13.578  1.00 41.07 ? 286 ARG A C   1 
ATOM   1300 O O   . ARG A 1 286 ? 0.638   -2.110  13.828  1.00 41.92 ? 286 ARG A O   1 
ATOM   1301 C CB  . ARG A 1 286 ? -1.640  -0.250  14.842  1.00 45.19 ? 286 ARG A CB  1 
ATOM   1302 C CG  . ARG A 1 286 ? -2.187  1.163   14.923  1.00 50.27 ? 286 ARG A CG  1 
ATOM   1303 C CD  . ARG A 1 286 ? -2.269  1.604   16.380  1.00 55.77 ? 286 ARG A CD  1 
ATOM   1304 N NE  . ARG A 1 286 ? -2.748  2.979   16.520  1.00 61.74 ? 286 ARG A NE  1 
ATOM   1305 C CZ  . ARG A 1 286 ? -4.029  3.343   16.471  1.00 64.64 ? 286 ARG A CZ  1 
ATOM   1306 N NH1 . ARG A 1 286 ? -4.982  2.432   16.289  1.00 64.44 ? 286 ARG A NH1 1 
ATOM   1307 N NH2 . ARG A 1 286 ? -4.358  4.625   16.588  1.00 65.84 ? 286 ARG A NH2 1 
ATOM   1308 N N   . TYR A 1 287 ? -1.287  -3.166  13.434  1.00 41.04 ? 287 TYR A N   1 
ATOM   1309 C CA  . TYR A 1 287 ? -0.651  -4.466  13.567  1.00 40.75 ? 287 TYR A CA  1 
ATOM   1310 C C   . TYR A 1 287 ? 0.068   -4.863  12.273  1.00 38.60 ? 287 TYR A C   1 
ATOM   1311 O O   . TYR A 1 287 ? 1.149   -5.450  12.314  1.00 37.25 ? 287 TYR A O   1 
ATOM   1312 C CB  . TYR A 1 287 ? -1.697  -5.515  13.973  1.00 42.35 ? 287 TYR A CB  1 
ATOM   1313 C CG  . TYR A 1 287 ? -1.179  -6.931  13.985  1.00 43.89 ? 287 TYR A CG  1 
ATOM   1314 C CD1 . TYR A 1 287 ? -1.177  -7.700  12.824  1.00 45.33 ? 287 TYR A CD1 1 
ATOM   1315 C CD2 . TYR A 1 287 ? -0.647  -7.487  15.141  1.00 46.45 ? 287 TYR A CD2 1 
ATOM   1316 C CE1 . TYR A 1 287 ? -0.653  -8.987  12.813  1.00 47.46 ? 287 TYR A CE1 1 
ATOM   1317 C CE2 . TYR A 1 287 ? -0.116  -8.776  15.143  1.00 49.13 ? 287 TYR A CE2 1 
ATOM   1318 C CZ  . TYR A 1 287 ? -0.119  -9.518  13.974  1.00 48.32 ? 287 TYR A CZ  1 
ATOM   1319 O OH  . TYR A 1 287 ? 0.444   -10.778 13.953  1.00 47.54 ? 287 TYR A OH  1 
ATOM   1320 N N   . LEU A 1 288 ? -0.520  -4.515  11.132  1.00 37.59 ? 288 LEU A N   1 
ATOM   1321 C CA  . LEU A 1 288 ? 0.052   -4.852  9.829   1.00 36.26 ? 288 LEU A CA  1 
ATOM   1322 C C   . LEU A 1 288 ? 1.171   -3.940  9.328   1.00 36.09 ? 288 LEU A C   1 
ATOM   1323 O O   . LEU A 1 288 ? 2.028   -4.383  8.559   1.00 33.98 ? 288 LEU A O   1 
ATOM   1324 C CB  . LEU A 1 288 ? -1.051  -4.881  8.772   1.00 35.34 ? 288 LEU A CB  1 
ATOM   1325 C CG  . LEU A 1 288 ? -2.094  -5.982  8.902   1.00 35.50 ? 288 LEU A CG  1 
ATOM   1326 C CD1 . LEU A 1 288 ? -3.358  -5.591  8.166   1.00 32.21 ? 288 LEU A CD1 1 
ATOM   1327 C CD2 . LEU A 1 288 ? -1.515  -7.270  8.361   1.00 34.78 ? 288 LEU A CD2 1 
ATOM   1328 N N   . ALA A 1 289 ? 1.188   -2.680  9.755   1.00 35.42 ? 289 ALA A N   1 
ATOM   1329 C CA  . ALA A 1 289 ? 2.218   -1.771  9.250   1.00 37.25 ? 289 ALA A CA  1 
ATOM   1330 C C   . ALA A 1 289 ? 2.823   -0.789  10.248  1.00 38.11 ? 289 ALA A C   1 
ATOM   1331 O O   . ALA A 1 289 ? 2.181   -0.383  11.212  1.00 40.54 ? 289 ALA A O   1 
ATOM   1332 C CB  . ALA A 1 289 ? 1.664   -1.008  8.060   1.00 34.91 ? 289 ALA A CB  1 
ATOM   1333 N N   . ARG A 1 290 ? 4.069   -0.408  9.999   1.00 39.38 ? 290 ARG A N   1 
ATOM   1334 C CA  . ARG A 1 290 ? 4.771   0.538   10.857  1.00 41.38 ? 290 ARG A CA  1 
ATOM   1335 C C   . ARG A 1 290 ? 4.600   1.933   10.265  1.00 41.41 ? 290 ARG A C   1 
ATOM   1336 O O   . ARG A 1 290 ? 4.736   2.122   9.062   1.00 40.86 ? 290 ARG A O   1 
ATOM   1337 C CB  . ARG A 1 290 ? 6.249   0.158   10.954  1.00 46.68 ? 290 ARG A CB  1 
ATOM   1338 C CG  . ARG A 1 290 ? 6.499   -1.133  11.743  1.00 54.49 ? 290 ARG A CG  1 
ATOM   1339 C CD  . ARG A 1 290 ? 6.263   -0.912  13.250  1.00 60.92 ? 290 ARG A CD  1 
ATOM   1340 N NE  . ARG A 1 290 ? 6.152   -2.155  14.021  1.00 65.49 ? 290 ARG A NE  1 
ATOM   1341 C CZ  . ARG A 1 290 ? 5.089   -2.961  14.005  1.00 68.06 ? 290 ARG A CZ  1 
ATOM   1342 N NH1 . ARG A 1 290 ? 4.032   -2.666  13.257  1.00 68.37 ? 290 ARG A NH1 1 
ATOM   1343 N NH2 . ARG A 1 290 ? 5.079   -4.064  14.746  1.00 68.18 ? 290 ARG A NH2 1 
ATOM   1344 N N   . GLU A 1 291 ? 4.294   2.901   11.117  1.00 40.73 ? 291 GLU A N   1 
ATOM   1345 C CA  . GLU A 1 291 ? 4.063   4.282   10.695  1.00 41.06 ? 291 GLU A CA  1 
ATOM   1346 C C   . GLU A 1 291 ? 5.342   5.022   10.318  1.00 40.00 ? 291 GLU A C   1 
ATOM   1347 O O   . GLU A 1 291 ? 6.328   4.955   11.039  1.00 39.90 ? 291 GLU A O   1 
ATOM   1348 C CB  . GLU A 1 291 ? 3.364   5.028   11.826  1.00 41.40 ? 291 GLU A CB  1 
ATOM   1349 C CG  . GLU A 1 291 ? 2.602   6.272   11.436  1.00 46.65 ? 291 GLU A CG  1 
ATOM   1350 C CD  . GLU A 1 291 ? 2.034   6.997   12.657  1.00 48.85 ? 291 GLU A CD  1 
ATOM   1351 O OE1 . GLU A 1 291 ? 1.101   7.813   12.488  1.00 48.83 ? 291 GLU A OE1 1 
ATOM   1352 O OE2 . GLU A 1 291 ? 2.526   6.756   13.785  1.00 48.73 ? 291 GLU A OE2 1 
ATOM   1353 N N   . PHE A 1 292 ? 5.321   5.720   9.184   1.00 40.30 ? 292 PHE A N   1 
ATOM   1354 C CA  . PHE A 1 292 ? 6.477   6.498   8.712   1.00 39.92 ? 292 PHE A CA  1 
ATOM   1355 C C   . PHE A 1 292 ? 5.988   7.843   8.193   1.00 39.25 ? 292 PHE A C   1 
ATOM   1356 O O   . PHE A 1 292 ? 5.116   7.895   7.327   1.00 38.41 ? 292 PHE A O   1 
ATOM   1357 C CB  . PHE A 1 292 ? 7.211   5.799   7.557   1.00 41.26 ? 292 PHE A CB  1 
ATOM   1358 C CG  . PHE A 1 292 ? 8.219   4.768   7.988   1.00 42.47 ? 292 PHE A CG  1 
ATOM   1359 C CD1 . PHE A 1 292 ? 7.815   3.541   8.503   1.00 44.16 ? 292 PHE A CD1 1 
ATOM   1360 C CD2 . PHE A 1 292 ? 9.576   5.015   7.850   1.00 43.04 ? 292 PHE A CD2 1 
ATOM   1361 C CE1 . PHE A 1 292 ? 8.755   2.573   8.875   1.00 44.12 ? 292 PHE A CE1 1 
ATOM   1362 C CE2 . PHE A 1 292 ? 10.520  4.058   8.217   1.00 43.19 ? 292 PHE A CE2 1 
ATOM   1363 C CZ  . PHE A 1 292 ? 10.110  2.835   8.730   1.00 43.79 ? 292 PHE A CZ  1 
ATOM   1364 N N   . HIS A 1 293 ? 6.533   8.930   8.727   1.00 39.30 ? 293 HIS A N   1 
ATOM   1365 C CA  . HIS A 1 293 ? 6.147   10.253  8.259   1.00 39.56 ? 293 HIS A CA  1 
ATOM   1366 C C   . HIS A 1 293 ? 7.089   10.611  7.117   1.00 39.13 ? 293 HIS A C   1 
ATOM   1367 O O   . HIS A 1 293 ? 8.316   10.590  7.273   1.00 39.88 ? 293 HIS A O   1 
ATOM   1368 C CB  . HIS A 1 293 ? 6.269   11.299  9.373   1.00 41.90 ? 293 HIS A CB  1 
ATOM   1369 C CG  . HIS A 1 293 ? 5.657   12.622  9.023   1.00 46.21 ? 293 HIS A CG  1 
ATOM   1370 N ND1 . HIS A 1 293 ? 5.847   13.757  9.782   1.00 49.43 ? 293 HIS A ND1 1 
ATOM   1371 C CD2 . HIS A 1 293 ? 4.845   12.986  8.001   1.00 46.70 ? 293 HIS A CD2 1 
ATOM   1372 C CE1 . HIS A 1 293 ? 5.180   14.764  9.243   1.00 49.52 ? 293 HIS A CE1 1 
ATOM   1373 N NE2 . HIS A 1 293 ? 4.564   14.322  8.160   1.00 47.89 ? 293 HIS A NE2 1 
ATOM   1374 N N   . LEU A 1 294 ? 6.511   10.924  5.964   1.00 37.86 ? 294 LEU A N   1 
ATOM   1375 C CA  . LEU A 1 294 ? 7.293   11.272  4.792   1.00 37.26 ? 294 LEU A CA  1 
ATOM   1376 C C   . LEU A 1 294 ? 7.154   12.760  4.475   1.00 37.73 ? 294 LEU A C   1 
ATOM   1377 O O   . LEU A 1 294 ? 6.054   13.308  4.486   1.00 39.46 ? 294 LEU A O   1 
ATOM   1378 C CB  . LEU A 1 294 ? 6.821   10.446  3.596   1.00 33.96 ? 294 LEU A CB  1 
ATOM   1379 C CG  . LEU A 1 294 ? 7.765   10.410  2.397   1.00 31.72 ? 294 LEU A CG  1 
ATOM   1380 C CD1 . LEU A 1 294 ? 8.975   9.564   2.762   1.00 30.54 ? 294 LEU A CD1 1 
ATOM   1381 C CD2 . LEU A 1 294 ? 7.057   9.812   1.181   1.00 29.96 ? 294 LEU A CD2 1 
ATOM   1382 N N   . GLU A 1 295 ? 8.270   13.416  4.198   1.00 39.95 ? 295 GLU A N   1 
ATOM   1383 C CA  . GLU A 1 295 ? 8.240   14.834  3.861   1.00 40.82 ? 295 GLU A CA  1 
ATOM   1384 C C   . GLU A 1 295 ? 9.021   15.114  2.584   1.00 38.94 ? 295 GLU A C   1 
ATOM   1385 O O   . GLU A 1 295 ? 9.940   14.371  2.220   1.00 35.94 ? 295 GLU A O   1 
ATOM   1386 C CB  . GLU A 1 295 ? 8.813   15.670  5.010   1.00 44.47 ? 295 GLU A CB  1 
ATOM   1387 C CG  . GLU A 1 295 ? 8.181   15.341  6.355   1.00 50.41 ? 295 GLU A CG  1 
ATOM   1388 C CD  . GLU A 1 295 ? 8.546   16.332  7.445   1.00 55.76 ? 295 GLU A CD  1 
ATOM   1389 O OE1 . GLU A 1 295 ? 7.930   17.424  7.497   1.00 59.49 ? 295 GLU A OE1 1 
ATOM   1390 O OE2 . GLU A 1 295 ? 9.455   16.019  8.246   1.00 57.15 ? 295 GLU A OE2 1 
ATOM   1391 N N   . GLY A 1 296 ? 8.637   16.190  1.904   1.00 39.50 ? 296 GLY A N   1 
ATOM   1392 C CA  . GLY A 1 296 ? 9.317   16.575  0.684   1.00 35.86 ? 296 GLY A CA  1 
ATOM   1393 C C   . GLY A 1 296 ? 8.734   15.936  -0.558  1.00 36.42 ? 296 GLY A C   1 
ATOM   1394 O O   . GLY A 1 296 ? 8.472   14.739  -0.591  1.00 36.77 ? 296 GLY A O   1 
ATOM   1395 N N   . ALA A 1 297 ? 8.528   16.746  -1.585  1.00 36.03 ? 297 ALA A N   1 
ATOM   1396 C CA  . ALA A 1 297 ? 7.984   16.250  -2.837  1.00 36.33 ? 297 ALA A CA  1 
ATOM   1397 C C   . ALA A 1 297 ? 9.066   15.501  -3.605  1.00 37.47 ? 297 ALA A C   1 
ATOM   1398 O O   . ALA A 1 297 ? 10.257  15.608  -3.312  1.00 38.47 ? 297 ALA A O   1 
ATOM   1399 C CB  . ALA A 1 297 ? 7.457   17.417  -3.684  1.00 34.48 ? 297 ALA A CB  1 
ATOM   1400 N N   . ASN A 1 298 ? 8.629   14.743  -4.598  1.00 38.29 ? 298 ASN A N   1 
ATOM   1401 C CA  . ASN A 1 298 ? 9.520   13.976  -5.442  1.00 38.12 ? 298 ASN A CA  1 
ATOM   1402 C C   . ASN A 1 298 ? 9.554   14.733  -6.760  1.00 38.25 ? 298 ASN A C   1 
ATOM   1403 O O   . ASN A 1 298 ? 8.582   15.395  -7.107  1.00 38.03 ? 298 ASN A O   1 
ATOM   1404 C CB  . ASN A 1 298 ? 8.936   12.587  -5.679  1.00 35.56 ? 298 ASN A CB  1 
ATOM   1405 C CG  . ASN A 1 298 ? 9.991   11.572  -6.058  1.00 37.89 ? 298 ASN A CG  1 
ATOM   1406 O OD1 . ASN A 1 298 ? 10.578  10.931  -5.193  1.00 37.38 ? 298 ASN A OD1 1 
ATOM   1407 N ND2 . ASN A 1 298 ? 10.246  11.430  -7.355  1.00 36.45 ? 298 ASN A ND2 1 
ATOM   1408 N N   . ARG A 1 299 ? 10.653  14.660  -7.497  1.00 39.94 ? 299 ARG A N   1 
ATOM   1409 C CA  . ARG A 1 299 ? 10.676  15.352  -8.773  1.00 43.46 ? 299 ARG A CA  1 
ATOM   1410 C C   . ARG A 1 299 ? 9.796   14.628  -9.790  1.00 44.30 ? 299 ARG A C   1 
ATOM   1411 O O   . ARG A 1 299 ? 9.280   13.537  -9.511  1.00 43.34 ? 299 ARG A O   1 
ATOM   1412 C CB  . ARG A 1 299 ? 12.107  15.510  -9.305  1.00 44.52 ? 299 ARG A CB  1 
ATOM   1413 C CG  . ARG A 1 299 ? 13.002  14.278  -9.296  1.00 50.16 ? 299 ARG A CG  1 
ATOM   1414 C CD  . ARG A 1 299 ? 12.624  13.272  -10.367 1.00 55.29 ? 299 ARG A CD  1 
ATOM   1415 N NE  . ARG A 1 299 ? 13.749  12.432  -10.797 1.00 56.88 ? 299 ARG A NE  1 
ATOM   1416 C CZ  . ARG A 1 299 ? 14.497  11.674  -9.996  1.00 57.52 ? 299 ARG A CZ  1 
ATOM   1417 N NH1 . ARG A 1 299 ? 14.271  11.632  -8.689  1.00 57.11 ? 299 ARG A NH1 1 
ATOM   1418 N NH2 . ARG A 1 299 ? 15.464  10.928  -10.511 1.00 57.75 ? 299 ARG A NH2 1 
ATOM   1419 N N   . ARG A 1 300 ? 9.622   15.277  -10.943 1.00 45.87 ? 300 ARG A N   1 
ATOM   1420 C CA  . ARG A 1 300 ? 8.837   14.821  -12.093 1.00 46.81 ? 300 ARG A CA  1 
ATOM   1421 C C   . ARG A 1 300 ? 7.599   15.668  -12.350 1.00 48.93 ? 300 ARG A C   1 
ATOM   1422 O O   . ARG A 1 300 ? 6.600   15.495  -11.622 1.00 51.98 ? 300 ARG A O   1 
ATOM   1423 C CB  . ARG A 1 300 ? 8.426   13.363  -11.965 1.00 44.48 ? 300 ARG A CB  1 
ATOM   1424 C CG  . ARG A 1 300 ? 9.519   12.388  -12.292 1.00 42.87 ? 300 ARG A CG  1 
ATOM   1425 C CD  . ARG A 1 300 ? 8.886   11.019  -12.478 1.00 47.70 ? 300 ARG A CD  1 
ATOM   1426 N NE  . ARG A 1 300 ? 7.868   11.091  -13.515 1.00 48.49 ? 300 ARG A NE  1 
ATOM   1427 C CZ  . ARG A 1 300 ? 8.140   11.381  -14.785 1.00 52.64 ? 300 ARG A CZ  1 
ATOM   1428 N NH1 . ARG A 1 300 ? 9.398   11.608  -15.167 1.00 48.19 ? 300 ARG A NH1 1 
ATOM   1429 N NH2 . ARG A 1 300 ? 7.153   11.485  -15.667 1.00 53.45 ? 300 ARG A NH2 1 
HETATM 1430 P P   . PO4 B 2 .   ? 1.050   10.589  -2.771  1.00 22.49 ? 401 PO4 A P   1 
HETATM 1431 O O1  . PO4 B 2 .   ? 0.393   9.416   -2.121  1.00 22.49 ? 401 PO4 A O1  1 
HETATM 1432 O O2  . PO4 B 2 .   ? 0.021   11.640  -3.046  1.00 22.49 ? 401 PO4 A O2  1 
HETATM 1433 O O3  . PO4 B 2 .   ? 2.101   11.156  -1.851  1.00 22.49 ? 401 PO4 A O3  1 
HETATM 1434 O O4  . PO4 B 2 .   ? 1.684   10.152  -4.038  1.00 22.49 ? 401 PO4 A O4  1 
HETATM 1435 P P   . PO4 C 2 .   ? 16.231  1.323   -12.307 1.00 22.49 ? 402 PO4 A P   1 
HETATM 1436 O O1  . PO4 C 2 .   ? 15.436  0.197   -12.937 1.00 22.49 ? 402 PO4 A O1  1 
HETATM 1437 O O2  . PO4 C 2 .   ? 15.703  1.580   -10.922 1.00 22.49 ? 402 PO4 A O2  1 
HETATM 1438 O O3  . PO4 C 2 .   ? 17.682  0.940   -12.227 1.00 22.49 ? 402 PO4 A O3  1 
HETATM 1439 O O4  . PO4 C 2 .   ? 16.100  2.567   -13.159 1.00 22.49 ? 402 PO4 A O4  1 
HETATM 1440 O O   . HOH D 3 .   ? -12.456 2.427   13.798  1.00 81.19 ? 403 HOH A O   1 
HETATM 1441 O O   . HOH D 3 .   ? 0.815   11.633  -7.006  1.00 52.45 ? 404 HOH A O   1 
HETATM 1442 O O   . HOH D 3 .   ? -25.211 -2.978  -2.820  1.00 74.15 ? 405 HOH A O   1 
HETATM 1443 O O   . HOH D 3 .   ? 11.202  10.628  -10.724 1.00 50.77 ? 406 HOH A O   1 
HETATM 1444 O O   . HOH D 3 .   ? 8.296   9.625   -3.476  1.00 55.44 ? 407 HOH A O   1 
HETATM 1445 O O   . HOH D 3 .   ? 4.331   15.735  4.407   1.00 42.81 ? 408 HOH A O   1 
HETATM 1446 O O   . HOH D 3 .   ? -10.611 -17.028 -0.394  1.00 65.61 ? 409 HOH A O   1 
HETATM 1447 O O   . HOH D 3 .   ? 6.521   -11.417 4.463   1.00 53.62 ? 410 HOH A O   1 
HETATM 1448 O O   . HOH D 3 .   ? 5.854   14.607  -5.626  1.00 35.87 ? 411 HOH A O   1 
HETATM 1449 O O   . HOH D 3 .   ? 8.577   -3.793  -18.034 1.00 73.75 ? 412 HOH A O   1 
HETATM 1450 O O   . HOH D 3 .   ? -13.629 -1.804  7.446   1.00 69.51 ? 413 HOH A O   1 
HETATM 1451 O O   . HOH D 3 .   ? 11.992  15.816  -1.296  1.00 63.18 ? 414 HOH A O   1 
HETATM 1452 O O   . HOH D 3 .   ? 9.845   8.218   6.988   1.00 45.32 ? 415 HOH A O   1 
HETATM 1453 O O   . HOH D 3 .   ? 5.994   0.557   -10.801 1.00 38.13 ? 416 HOH A O   1 
HETATM 1454 O O   . HOH D 3 .   ? 13.113  16.135  -4.342  1.00 35.99 ? 417 HOH A O   1 
HETATM 1455 O O   . HOH D 3 .   ? -14.756 9.433   3.581   1.00 68.79 ? 418 HOH A O   1 
HETATM 1456 O O   . HOH D 3 .   ? 3.219   -12.591 0.617   1.00 40.88 ? 419 HOH A O   1 
HETATM 1457 O O   . HOH D 3 .   ? -15.842 1.227   18.724  1.00 52.19 ? 420 HOH A O   1 
HETATM 1458 O O   . HOH D 3 .   ? -15.668 -13.671 -8.369  1.00 49.20 ? 421 HOH A O   1 
HETATM 1459 O O   . HOH D 3 .   ? -5.324  -7.792  -7.421  1.00 47.86 ? 422 HOH A O   1 
HETATM 1460 O O   . HOH D 3 .   ? 2.625   -0.088  14.186  1.00 54.13 ? 423 HOH A O   1 
HETATM 1461 O O   . HOH D 3 .   ? 5.070   -6.852  -7.580  1.00 47.99 ? 424 HOH A O   1 
HETATM 1462 O O   . HOH D 3 .   ? -2.966  -3.507  17.141  1.00 59.48 ? 425 HOH A O   1 
HETATM 1463 O O   . HOH D 3 .   ? 3.836   -11.545 5.948   1.00 49.19 ? 426 HOH A O   1 
HETATM 1464 O O   . HOH D 3 .   ? 4.445   2.043   13.994  1.00 53.82 ? 427 HOH A O   1 
HETATM 1465 O O   . HOH D 3 .   ? 4.488   17.351  7.194   1.00 73.90 ? 428 HOH A O   1 
HETATM 1466 O O   . HOH D 3 .   ? 18.357  -0.436  5.258   1.00 53.79 ? 429 HOH A O   1 
HETATM 1467 O O   . HOH D 3 .   ? -0.528  3.874   17.554  1.00 64.08 ? 430 HOH A O   1 
HETATM 1468 O O   . HOH D 3 .   ? 20.337  -8.233  -7.318  1.00 56.08 ? 431 HOH A O   1 
HETATM 1469 O O   . HOH D 3 .   ? -14.920 -10.810 -4.598  1.00 57.72 ? 432 HOH A O   1 
HETATM 1470 O O   . HOH D 3 .   ? 3.876   -13.469 -9.584  1.00 52.30 ? 433 HOH A O   1 
HETATM 1471 O O   . HOH D 3 .   ? -3.882  -18.074 6.953   1.00 64.94 ? 434 HOH A O   1 
HETATM 1472 O O   . HOH D 3 .   ? -11.925 5.528   5.244   1.00 70.72 ? 435 HOH A O   1 
HETATM 1473 O O   . HOH D 3 .   ? 11.142  -2.763  6.195   1.00 42.23 ? 436 HOH A O   1 
HETATM 1474 O O   . HOH D 3 .   ? -14.510 -8.642  -10.847 1.00 55.17 ? 437 HOH A O   1 
HETATM 1475 O O   . HOH D 3 .   ? -1.760  18.353  1.285   1.00 55.33 ? 438 HOH A O   1 
HETATM 1476 O O   . HOH D 3 .   ? 7.244   19.269  4.805   1.00 64.83 ? 439 HOH A O   1 
HETATM 1477 O O   . HOH D 3 .   ? 11.376  4.816   -15.514 1.00 59.35 ? 440 HOH A O   1 
HETATM 1478 O O   . HOH D 3 .   ? 16.361  -1.742  -11.585 1.00 51.52 ? 441 HOH A O   1 
HETATM 1479 O O   . HOH D 3 .   ? 15.183  6.495   -13.125 1.00 56.16 ? 442 HOH A O   1 
HETATM 1480 O O   . HOH D 3 .   ? -5.988  10.095  2.277   1.00 52.69 ? 443 HOH A O   1 
HETATM 1481 O O   . HOH D 3 .   ? -12.283 6.814   2.495   1.00 81.02 ? 444 HOH A O   1 
HETATM 1482 O O   . HOH D 3 .   ? -19.696 5.938   20.590  1.00 58.08 ? 445 HOH A O   1 
HETATM 1483 O O   . HOH D 3 .   ? 13.946  -14.209 3.659   1.00 60.36 ? 446 HOH A O   1 
HETATM 1484 O O   . HOH D 3 .   ? -10.658 -4.544  11.986  1.00 74.31 ? 447 HOH A O   1 
HETATM 1485 O O   . HOH D 3 .   ? 0.608   -11.711 11.303  1.00 67.98 ? 448 HOH A O   1 
HETATM 1486 O O   . HOH D 3 .   ? -20.005 2.434   15.845  1.00 82.40 ? 449 HOH A O   1 
HETATM 1487 O O   . HOH D 3 .   ? -4.606  12.881  -0.820  1.00 65.20 ? 450 HOH A O   1 
HETATM 1488 O O   . HOH D 3 .   ? 3.614   -14.040 -6.672  1.00 65.35 ? 451 HOH A O   1 
HETATM 1489 O O   . HOH D 3 .   ? 14.330  -0.249  -9.903  1.00 68.00 ? 452 HOH A O   1 
HETATM 1490 O O   . HOH D 3 .   ? -19.679 8.474   16.489  1.00 74.59 ? 453 HOH A O   1 
HETATM 1491 O O   . HOH D 3 .   ? -0.291  8.610   15.257  1.00 51.96 ? 454 HOH A O   1 
HETATM 1492 O O   . HOH D 3 .   ? 18.168  -4.078  -26.799 1.00 66.36 ? 455 HOH A O   1 
HETATM 1493 O O   . HOH D 3 .   ? -13.212 8.282   16.056  1.00 70.54 ? 456 HOH A O   1 
HETATM 1494 O O   . HOH D 3 .   ? -2.191  11.729  0.046   1.00 64.06 ? 457 HOH A O   1 
HETATM 1495 O O   . HOH D 3 .   ? 15.962  8.126   12.817  1.00 65.58 ? 458 HOH A O   1 
HETATM 1496 O O   . HOH D 3 .   ? -0.581  -17.321 3.595   1.00 50.04 ? 459 HOH A O   1 
HETATM 1497 O O   . HOH D 3 .   ? 8.627   -15.379 -11.561 1.00 70.47 ? 460 HOH A O   1 
HETATM 1498 O O   . HOH D 3 .   ? 8.281   8.609   10.866  1.00 44.19 ? 461 HOH A O   1 
HETATM 1499 O O   . HOH D 3 .   ? -19.286 2.112   -9.363  1.00 61.51 ? 462 HOH A O   1 
HETATM 1500 O O   . HOH D 3 .   ? 4.710   9.270   12.428  1.00 63.30 ? 463 HOH A O   1 
HETATM 1501 O O   . HOH D 3 .   ? -0.413  8.291   -15.714 1.00 61.10 ? 464 HOH A O   1 
HETATM 1502 O O   . HOH D 3 .   ? -3.790  -0.377  -15.662 1.00 63.28 ? 465 HOH A O   1 
HETATM 1503 O O   . HOH D 3 .   ? 18.705  -7.229  4.291   1.00 74.95 ? 466 HOH A O   1 
HETATM 1504 O O   . HOH D 3 .   ? 2.726   10.474  -13.483 1.00 73.50 ? 467 HOH A O   1 
HETATM 1505 O O   . HOH D 3 .   ? -13.759 2.758   5.943   1.00 79.93 ? 468 HOH A O   1 
HETATM 1506 O O   . HOH D 3 .   ? -19.320 -0.666  -9.214  1.00 67.32 ? 469 HOH A O   1 
HETATM 1507 O O   . HOH D 3 .   ? 13.418  18.044  0.672   1.00 56.22 ? 470 HOH A O   1 
HETATM 1508 O O   . HOH D 3 .   ? -8.459  -14.965 -2.741  1.00 76.97 ? 471 HOH A O   1 
HETATM 1509 O O   . HOH D 3 .   ? 1.159   1.359   -21.324 1.00 73.77 ? 472 HOH A O   1 
HETATM 1510 O O   . HOH D 3 .   ? -22.766 -10.424 -6.136  1.00 62.98 ? 473 HOH A O   1 
HETATM 1511 O O   . HOH D 3 .   ? -0.877  -8.904  -6.328  1.00 83.76 ? 474 HOH A O   1 
HETATM 1512 O O   . HOH D 3 .   ? -12.609 -3.067  -8.381  1.00 52.57 ? 475 HOH A O   1 
HETATM 1513 O O   . HOH D 3 .   ? 0.807   15.719  6.416   1.00 59.95 ? 476 HOH A O   1 
HETATM 1514 O O   . HOH D 3 .   ? -7.383  10.956  -3.862  1.00 74.57 ? 477 HOH A O   1 
HETATM 1515 O O   . HOH D 3 .   ? 11.169  8.943   0.076   1.00 78.09 ? 478 HOH A O   1 
HETATM 1516 O O   . HOH D 3 .   ? -6.142  0.801   -12.439 1.00 84.90 ? 479 HOH A O   1 
HETATM 1517 O O   . HOH D 3 .   ? 8.713   13.604  10.650  1.00 85.02 ? 480 HOH A O   1 
HETATM 1518 O O   . HOH D 3 .   ? 18.262  -7.569  -25.043 1.00 66.48 ? 481 HOH A O   1 
HETATM 1519 O O   . HOH D 3 .   ? 9.240   -5.299  -22.679 1.00 85.34 ? 482 HOH A O   1 
HETATM 1520 O O   . HOH D 3 .   ? -8.643  16.453  3.959   1.00 65.61 ? 483 HOH A O   1 
HETATM 1521 O O   . HOH D 3 .   ? 1.582   -6.539  6.742   1.00 39.13 ? 484 HOH A O   1 
HETATM 1522 O O   . HOH D 3 .   ? 2.926   3.012   -20.111 1.00 64.72 ? 485 HOH A O   1 
HETATM 1523 O O   . HOH D 3 .   ? 11.275  -2.910  -25.089 1.00 66.69 ? 486 HOH A O   1 
HETATM 1524 O O   . HOH D 3 .   ? -1.913  13.286  10.439  1.00 71.55 ? 487 HOH A O   1 
HETATM 1525 O O   . HOH D 3 .   ? -0.616  -12.394 15.815  1.00 62.26 ? 488 HOH A O   1 
HETATM 1526 O O   . HOH D 3 .   ? 10.762  -10.383 12.602  1.00 70.12 ? 489 HOH A O   1 
HETATM 1527 O O   . HOH D 3 .   ? 22.134  -8.528  3.113   1.00 76.38 ? 490 HOH A O   1 
HETATM 1528 O O   . HOH D 3 .   ? 7.815   10.021  -6.632  1.00 81.06 ? 491 HOH A O   1 
HETATM 1529 O O   . HOH D 3 .   ? 4.051   19.433  1.276   1.00 57.80 ? 492 HOH A O   1 
HETATM 1530 O O   . HOH D 3 .   ? 9.192   -4.459  7.143   1.00 75.41 ? 493 HOH A O   1 
HETATM 1531 O O   . HOH D 3 .   ? 5.006   -14.170 -4.137  1.00 67.12 ? 494 HOH A O   1 
# 
